data_2GOW
#
_entry.id   2GOW
#
_entity_poly.entity_id   1
_entity_poly.type   'polypeptide(L)'
_entity_poly.pdbx_seq_one_letter_code
;GHHHHHHLESSNVPADMINLRLILVSGKTKEFLFSPNDSASDIAKHVYDNWPMDWEEEQVSSPNILRLIYQGRFLHGNVT
LGALKLPFGKTTVMHLVARETLPEPNSQGQRNREKTGESNCCVIL
;
_entity_poly.pdbx_strand_id   A
#
# COMPACT_ATOMS: atom_id res chain seq x y z
N SER A 10 -13.88 8.24 2.88
CA SER A 10 -14.27 7.42 1.79
C SER A 10 -15.71 7.01 2.01
N SER A 11 -16.59 7.57 1.26
CA SER A 11 -17.99 7.33 1.40
C SER A 11 -18.54 6.94 0.06
N ASN A 12 -19.22 5.78 0.02
CA ASN A 12 -19.76 5.19 -1.21
C ASN A 12 -18.63 4.74 -2.12
N VAL A 13 -18.48 3.45 -2.24
CA VAL A 13 -17.42 2.92 -3.03
C VAL A 13 -17.96 2.69 -4.44
N PRO A 14 -17.44 3.41 -5.44
CA PRO A 14 -17.88 3.25 -6.81
C PRO A 14 -17.38 1.94 -7.41
N ALA A 15 -18.07 1.46 -8.41
CA ALA A 15 -17.78 0.16 -9.03
C ALA A 15 -16.47 0.16 -9.86
N ASP A 16 -15.71 1.22 -9.80
CA ASP A 16 -14.43 1.27 -10.47
C ASP A 16 -13.32 1.24 -9.46
N MET A 17 -13.69 1.29 -8.20
CA MET A 17 -12.71 1.43 -7.14
C MET A 17 -12.96 0.38 -6.06
N ILE A 18 -11.93 0.05 -5.36
CA ILE A 18 -12.02 -0.85 -4.24
C ILE A 18 -11.64 -0.11 -2.94
N ASN A 19 -12.46 -0.25 -1.93
CA ASN A 19 -12.22 0.45 -0.66
C ASN A 19 -11.27 -0.41 0.14
N LEU A 20 -10.11 0.10 0.37
CA LEU A 20 -9.07 -0.67 0.99
C LEU A 20 -8.57 -0.07 2.28
N ARG A 21 -8.46 -0.91 3.29
CA ARG A 21 -7.90 -0.51 4.53
C ARG A 21 -6.54 -1.17 4.68
N LEU A 22 -5.55 -0.36 4.83
CA LEU A 22 -4.18 -0.77 4.97
C LEU A 22 -3.82 -0.76 6.44
N ILE A 23 -3.44 -1.89 6.97
CA ILE A 23 -3.04 -1.93 8.35
C ILE A 23 -1.55 -2.09 8.40
N LEU A 24 -0.90 -1.18 9.05
CA LEU A 24 0.54 -1.23 9.14
C LEU A 24 0.96 -2.07 10.34
N VAL A 25 2.21 -2.53 10.32
CA VAL A 25 2.78 -3.45 11.36
C VAL A 25 2.69 -2.83 12.76
N SER A 26 2.68 -1.52 12.81
CA SER A 26 2.66 -0.77 14.05
C SER A 26 1.23 -0.78 14.68
N GLY A 27 0.27 -1.34 13.95
CA GLY A 27 -1.08 -1.40 14.47
C GLY A 27 -1.89 -0.19 14.06
N LYS A 28 -1.32 0.64 13.23
CA LYS A 28 -2.02 1.80 12.72
C LYS A 28 -2.80 1.40 11.50
N THR A 29 -4.04 1.77 11.44
CA THR A 29 -4.86 1.40 10.34
C THR A 29 -5.21 2.63 9.51
N LYS A 30 -5.00 2.56 8.23
CA LYS A 30 -5.33 3.66 7.33
C LYS A 30 -6.29 3.13 6.30
N GLU A 31 -7.29 3.89 5.93
CA GLU A 31 -8.21 3.38 4.93
C GLU A 31 -8.45 4.46 3.89
N PHE A 32 -8.34 4.08 2.64
CA PHE A 32 -8.53 4.98 1.51
C PHE A 32 -9.15 4.23 0.37
N LEU A 33 -9.74 4.93 -0.55
CA LEU A 33 -10.28 4.31 -1.71
C LEU A 33 -9.15 4.14 -2.72
N PHE A 34 -8.94 2.93 -3.19
CA PHE A 34 -7.88 2.67 -4.15
C PHE A 34 -8.41 1.95 -5.37
N SER A 35 -7.61 1.88 -6.38
CA SER A 35 -7.99 1.21 -7.58
C SER A 35 -7.51 -0.23 -7.49
N PRO A 36 -8.32 -1.20 -7.97
CA PRO A 36 -7.97 -2.63 -7.91
C PRO A 36 -6.67 -2.97 -8.66
N ASN A 37 -6.27 -2.08 -9.55
CA ASN A 37 -5.06 -2.27 -10.35
C ASN A 37 -3.80 -1.87 -9.55
N ASP A 38 -3.98 -1.22 -8.41
CA ASP A 38 -2.83 -0.80 -7.58
C ASP A 38 -2.28 -1.95 -6.76
N SER A 39 -1.00 -1.87 -6.42
CA SER A 39 -0.35 -2.88 -5.63
C SER A 39 -0.34 -2.54 -4.15
N ALA A 40 -0.75 -3.51 -3.35
CA ALA A 40 -0.87 -3.37 -1.90
C ALA A 40 0.39 -2.82 -1.21
N SER A 41 1.56 -3.29 -1.62
CA SER A 41 2.79 -2.86 -0.98
C SER A 41 3.20 -1.43 -1.38
N ASP A 42 2.86 -1.03 -2.61
CA ASP A 42 3.10 0.35 -3.06
C ASP A 42 2.17 1.25 -2.27
N ILE A 43 0.95 0.78 -2.14
CA ILE A 43 -0.06 1.44 -1.36
C ILE A 43 0.36 1.57 0.10
N ALA A 44 0.91 0.50 0.66
CA ALA A 44 1.42 0.49 2.04
C ALA A 44 2.37 1.66 2.30
N LYS A 45 3.24 1.95 1.36
CA LYS A 45 4.20 3.03 1.52
C LYS A 45 3.41 4.36 1.40
N HIS A 46 2.46 4.37 0.47
CA HIS A 46 1.60 5.54 0.24
C HIS A 46 0.76 5.87 1.49
N VAL A 47 0.16 4.86 2.10
CA VAL A 47 -0.67 5.03 3.29
C VAL A 47 0.13 5.38 4.53
N TYR A 48 1.38 4.87 4.61
CA TYR A 48 2.30 5.27 5.70
C TYR A 48 2.41 6.78 5.81
N ASP A 49 2.64 7.44 4.68
CA ASP A 49 2.83 8.88 4.66
C ASP A 49 2.77 9.47 3.24
N ASN A 50 3.89 9.50 2.57
CA ASN A 50 3.99 10.09 1.25
C ASN A 50 4.16 8.99 0.20
N TRP A 51 3.97 9.33 -1.06
CA TRP A 51 3.99 8.36 -2.15
C TRP A 51 5.38 7.72 -2.36
N PRO A 52 5.41 6.38 -2.52
CA PRO A 52 6.64 5.63 -2.82
C PRO A 52 7.28 6.08 -4.14
N MET A 53 8.59 6.21 -4.13
CA MET A 53 9.30 6.70 -5.29
C MET A 53 9.83 5.57 -6.15
N ASP A 54 10.66 4.72 -5.57
CA ASP A 54 11.23 3.62 -6.34
C ASP A 54 11.64 2.45 -5.46
N TRP A 55 10.62 1.73 -5.03
CA TRP A 55 10.76 0.52 -4.23
C TRP A 55 11.53 0.77 -2.92
N GLU A 56 10.80 1.18 -1.92
CA GLU A 56 11.33 1.46 -0.61
C GLU A 56 11.67 0.17 0.11
N GLU A 57 12.85 -0.28 -0.11
CA GLU A 57 13.32 -1.50 0.43
C GLU A 57 14.32 -1.23 1.54
N GLU A 58 14.92 -2.29 1.99
CA GLU A 58 15.98 -2.23 2.94
C GLU A 58 17.25 -1.81 2.15
N GLN A 59 18.08 -0.97 2.74
CA GLN A 59 19.21 -0.31 2.04
C GLN A 59 20.17 -1.26 1.29
N VAL A 60 20.58 -2.37 1.91
CA VAL A 60 21.51 -3.28 1.22
C VAL A 60 20.75 -4.27 0.33
N SER A 61 19.50 -3.93 0.10
CA SER A 61 18.56 -4.59 -0.79
C SER A 61 17.92 -5.81 -0.20
N SER A 62 16.63 -5.69 -0.02
CA SER A 62 15.79 -6.76 0.45
C SER A 62 14.39 -6.51 -0.10
N PRO A 63 14.01 -7.18 -1.18
CA PRO A 63 12.68 -7.02 -1.78
C PRO A 63 11.59 -7.71 -0.96
N ASN A 64 11.94 -8.77 -0.26
CA ASN A 64 10.96 -9.59 0.47
C ASN A 64 10.43 -8.89 1.74
N ILE A 65 10.97 -7.73 2.04
CA ILE A 65 10.54 -7.01 3.21
C ILE A 65 9.21 -6.29 2.98
N LEU A 66 8.80 -6.16 1.73
CA LEU A 66 7.52 -5.60 1.38
C LEU A 66 6.59 -6.70 0.96
N ARG A 67 5.67 -7.04 1.83
CA ARG A 67 4.73 -8.10 1.54
C ARG A 67 3.36 -7.71 2.00
N LEU A 68 2.39 -8.38 1.50
CA LEU A 68 1.04 -8.08 1.81
C LEU A 68 0.34 -9.27 2.39
N ILE A 69 -0.39 -9.04 3.42
CA ILE A 69 -1.17 -10.06 4.05
C ILE A 69 -2.62 -9.77 3.80
N TYR A 70 -3.27 -10.72 3.25
CA TYR A 70 -4.65 -10.61 2.88
C TYR A 70 -5.45 -11.33 3.96
N GLN A 71 -5.10 -10.94 5.19
CA GLN A 71 -5.63 -11.39 6.40
C GLN A 71 -5.42 -12.90 6.61
N GLY A 72 -4.33 -13.23 7.28
CA GLY A 72 -4.00 -14.61 7.56
C GLY A 72 -3.03 -15.20 6.55
N ARG A 73 -3.07 -14.71 5.32
CA ARG A 73 -2.23 -15.23 4.25
C ARG A 73 -1.49 -14.13 3.49
N PHE A 74 -0.23 -14.38 3.20
CA PHE A 74 0.56 -13.48 2.39
C PHE A 74 0.35 -13.90 0.95
N LEU A 75 -0.27 -13.07 0.15
CA LEU A 75 -0.49 -13.49 -1.24
C LEU A 75 0.74 -13.33 -2.09
N HIS A 76 1.43 -12.21 -1.95
CA HIS A 76 2.67 -11.99 -2.66
C HIS A 76 3.27 -10.69 -2.14
N GLY A 77 4.35 -10.26 -2.73
CA GLY A 77 5.00 -9.06 -2.27
C GLY A 77 4.47 -7.75 -2.84
N ASN A 78 3.66 -7.81 -3.89
CA ASN A 78 3.23 -6.58 -4.57
C ASN A 78 2.08 -6.90 -5.54
N VAL A 79 1.32 -7.93 -5.21
CA VAL A 79 0.21 -8.32 -6.04
C VAL A 79 -0.95 -7.31 -5.87
N THR A 80 -1.71 -7.10 -6.92
CA THR A 80 -2.73 -6.09 -6.94
C THR A 80 -4.00 -6.53 -6.23
N LEU A 81 -4.80 -5.56 -5.82
CA LEU A 81 -6.07 -5.80 -5.14
C LEU A 81 -7.03 -6.62 -5.99
N GLY A 82 -7.08 -6.31 -7.27
CA GLY A 82 -7.92 -7.07 -8.17
C GLY A 82 -7.51 -8.53 -8.22
N ALA A 83 -6.21 -8.75 -8.16
CA ALA A 83 -5.64 -10.08 -8.20
C ALA A 83 -5.83 -10.81 -6.86
N LEU A 84 -6.15 -10.05 -5.81
CA LEU A 84 -6.42 -10.65 -4.49
C LEU A 84 -7.88 -11.12 -4.43
N LYS A 85 -8.62 -10.83 -5.51
CA LYS A 85 -10.05 -11.13 -5.65
C LYS A 85 -10.90 -10.22 -4.74
N LEU A 86 -11.11 -9.01 -5.19
CA LEU A 86 -11.90 -8.02 -4.47
C LEU A 86 -13.04 -7.52 -5.31
N PRO A 87 -14.27 -7.77 -4.89
CA PRO A 87 -15.41 -7.16 -5.51
C PRO A 87 -15.36 -5.65 -5.32
N PHE A 88 -15.38 -4.93 -6.40
CA PHE A 88 -15.36 -3.49 -6.31
C PHE A 88 -16.65 -2.94 -5.76
N GLY A 89 -16.51 -1.89 -5.01
CA GLY A 89 -17.63 -1.30 -4.33
C GLY A 89 -17.81 -1.83 -2.91
N LYS A 90 -16.85 -2.59 -2.40
CA LYS A 90 -16.93 -3.03 -1.02
C LYS A 90 -15.61 -2.79 -0.29
N THR A 91 -15.65 -2.84 1.03
CA THR A 91 -14.49 -2.54 1.84
C THR A 91 -13.67 -3.78 2.14
N THR A 92 -12.40 -3.70 1.89
CA THR A 92 -11.51 -4.79 2.13
C THR A 92 -10.40 -4.36 3.09
N VAL A 93 -10.13 -5.17 4.09
CA VAL A 93 -9.09 -4.87 5.04
C VAL A 93 -7.86 -5.76 4.75
N MET A 94 -6.68 -5.19 4.86
CA MET A 94 -5.46 -5.91 4.62
C MET A 94 -4.42 -5.57 5.63
N HIS A 95 -3.53 -6.47 5.87
CA HIS A 95 -2.42 -6.25 6.78
C HIS A 95 -1.15 -6.18 5.96
N LEU A 96 -0.39 -5.15 6.11
CA LEU A 96 0.80 -4.98 5.31
C LEU A 96 2.02 -5.06 6.18
N VAL A 97 3.07 -5.67 5.66
CA VAL A 97 4.30 -5.79 6.40
C VAL A 97 5.45 -5.14 5.64
N ALA A 98 6.21 -4.38 6.37
CA ALA A 98 7.40 -3.74 5.86
C ALA A 98 8.51 -3.94 6.87
N ARG A 99 9.68 -4.27 6.41
CA ARG A 99 10.76 -4.59 7.32
C ARG A 99 12.01 -3.89 6.88
N GLU A 100 12.63 -3.15 7.81
CA GLU A 100 13.91 -2.47 7.58
C GLU A 100 13.82 -1.49 6.40
N THR A 101 12.61 -1.07 6.11
CA THR A 101 12.34 -0.25 5.00
C THR A 101 12.69 1.21 5.32
N LEU A 102 13.30 1.86 4.39
CA LEU A 102 13.61 3.26 4.54
C LEU A 102 12.56 4.08 3.84
N PRO A 103 12.06 5.16 4.47
CA PRO A 103 11.13 6.07 3.81
C PRO A 103 11.85 6.77 2.68
N GLU A 104 11.52 6.37 1.45
CA GLU A 104 12.17 6.83 0.24
C GLU A 104 13.64 6.34 0.19
N PRO A 105 13.97 5.38 -0.72
CA PRO A 105 15.29 4.74 -0.79
C PRO A 105 16.45 5.74 -0.81
N ASN A 106 16.57 6.53 -1.86
CA ASN A 106 17.58 7.58 -1.91
C ASN A 106 17.02 8.76 -2.71
N SER A 107 15.69 8.73 -2.89
CA SER A 107 14.92 9.79 -3.55
C SER A 107 15.15 9.86 -5.08
N GLN A 108 15.69 8.79 -5.70
CA GLN A 108 15.84 8.80 -7.16
C GLN A 108 14.52 8.88 -7.85
N GLY A 109 13.60 8.00 -7.47
CA GLY A 109 12.36 7.90 -8.17
C GLY A 109 12.63 7.23 -9.49
N GLN A 110 13.58 6.30 -9.44
CA GLN A 110 14.03 5.61 -10.61
C GLN A 110 12.98 4.65 -11.09
N ARG A 111 12.51 4.91 -12.25
CA ARG A 111 11.47 4.15 -12.85
C ARG A 111 11.78 3.95 -14.31
N ASN A 112 10.96 3.23 -14.98
CA ASN A 112 11.13 3.04 -16.40
C ASN A 112 10.14 4.00 -17.08
N ARG A 113 10.24 4.18 -18.38
CA ARG A 113 9.39 5.12 -19.08
C ARG A 113 7.93 4.75 -18.97
N GLU A 114 7.62 3.48 -19.25
CA GLU A 114 6.27 2.90 -19.13
C GLU A 114 5.25 3.74 -19.91
N LYS A 115 5.71 4.35 -20.98
CA LYS A 115 4.92 5.26 -21.75
C LYS A 115 5.34 5.22 -23.19
N THR A 116 4.40 4.92 -24.05
CA THR A 116 4.63 4.93 -25.46
C THR A 116 4.88 6.36 -25.93
N GLY A 117 5.93 6.55 -26.67
CA GLY A 117 6.35 7.88 -27.10
C GLY A 117 7.72 8.13 -26.57
N GLU A 118 8.00 7.47 -25.47
CA GLU A 118 9.28 7.50 -24.84
C GLU A 118 10.10 6.31 -25.35
N SER A 119 11.29 6.14 -24.78
CA SER A 119 12.18 5.01 -25.07
C SER A 119 12.72 5.07 -26.51
N ASN A 120 13.93 5.54 -26.66
CA ASN A 120 14.55 5.62 -27.97
C ASN A 120 15.44 4.42 -28.20
N CYS A 121 14.95 3.51 -28.98
CA CYS A 121 15.68 2.33 -29.31
C CYS A 121 16.44 2.57 -30.61
N CYS A 122 17.46 1.77 -30.84
CA CYS A 122 18.23 1.92 -32.04
C CYS A 122 17.45 1.40 -33.25
N VAL A 123 17.53 2.12 -34.33
CA VAL A 123 16.83 1.76 -35.54
C VAL A 123 17.83 1.53 -36.65
N ILE A 124 17.46 0.71 -37.61
CA ILE A 124 18.28 0.44 -38.75
C ILE A 124 17.45 -0.25 -39.85
N LEU A 125 16.72 0.57 -40.57
CA LEU A 125 15.87 0.13 -41.66
C LEU A 125 15.31 1.40 -42.28
N SER A 10 -17.74 11.38 -5.35
CA SER A 10 -17.05 10.44 -4.55
C SER A 10 -17.19 10.76 -3.07
N SER A 11 -18.05 10.03 -2.44
CA SER A 11 -18.30 10.10 -0.99
C SER A 11 -18.72 8.72 -0.55
N ASN A 12 -18.44 7.78 -1.42
CA ASN A 12 -18.77 6.39 -1.29
C ASN A 12 -17.71 5.68 -2.04
N VAL A 13 -17.80 4.39 -2.18
CA VAL A 13 -16.81 3.68 -2.94
C VAL A 13 -17.28 3.60 -4.39
N PRO A 14 -16.55 4.23 -5.32
CA PRO A 14 -16.89 4.16 -6.74
C PRO A 14 -16.81 2.74 -7.30
N ALA A 15 -17.36 2.57 -8.47
CA ALA A 15 -17.41 1.29 -9.13
C ALA A 15 -16.19 1.11 -9.99
N ASP A 16 -15.24 1.99 -9.80
CA ASP A 16 -13.97 1.92 -10.50
C ASP A 16 -12.86 1.82 -9.47
N MET A 17 -13.23 1.90 -8.22
CA MET A 17 -12.27 1.88 -7.14
C MET A 17 -12.63 0.81 -6.17
N ILE A 18 -11.68 0.30 -5.51
CA ILE A 18 -11.91 -0.66 -4.47
C ILE A 18 -11.55 -0.04 -3.12
N ASN A 19 -12.35 -0.30 -2.12
CA ASN A 19 -12.15 0.30 -0.81
C ASN A 19 -11.22 -0.60 -0.04
N LEU A 20 -10.07 -0.09 0.29
CA LEU A 20 -9.09 -0.89 0.96
C LEU A 20 -8.59 -0.23 2.22
N ARG A 21 -8.53 -1.01 3.27
CA ARG A 21 -7.98 -0.58 4.50
C ARG A 21 -6.67 -1.30 4.71
N LEU A 22 -5.65 -0.55 4.82
CA LEU A 22 -4.30 -1.03 5.00
C LEU A 22 -3.93 -0.91 6.45
N ILE A 23 -3.60 -2.02 7.06
CA ILE A 23 -3.20 -1.99 8.43
C ILE A 23 -1.71 -2.14 8.51
N LEU A 24 -1.07 -1.19 9.12
CA LEU A 24 0.38 -1.20 9.24
C LEU A 24 0.83 -2.08 10.41
N VAL A 25 2.12 -2.41 10.43
CA VAL A 25 2.72 -3.23 11.51
C VAL A 25 2.65 -2.46 12.84
N SER A 26 2.52 -1.16 12.72
CA SER A 26 2.43 -0.25 13.83
C SER A 26 1.06 -0.30 14.51
N GLY A 27 0.14 -1.08 13.94
CA GLY A 27 -1.19 -1.17 14.47
C GLY A 27 -2.04 -0.01 14.02
N LYS A 28 -1.48 0.78 13.14
CA LYS A 28 -2.14 1.93 12.61
C LYS A 28 -2.95 1.51 11.43
N THR A 29 -4.17 1.91 11.40
CA THR A 29 -5.02 1.55 10.32
C THR A 29 -5.33 2.76 9.49
N LYS A 30 -5.14 2.66 8.21
CA LYS A 30 -5.46 3.75 7.32
C LYS A 30 -6.27 3.19 6.16
N GLU A 31 -7.28 3.89 5.74
CA GLU A 31 -8.14 3.37 4.72
C GLU A 31 -8.33 4.38 3.63
N PHE A 32 -8.15 3.97 2.40
CA PHE A 32 -8.26 4.84 1.25
C PHE A 32 -8.85 4.08 0.09
N LEU A 33 -9.38 4.80 -0.86
CA LEU A 33 -9.86 4.19 -2.06
C LEU A 33 -8.69 3.98 -2.98
N PHE A 34 -8.49 2.78 -3.44
CA PHE A 34 -7.42 2.50 -4.36
C PHE A 34 -7.96 1.81 -5.55
N SER A 35 -7.21 1.77 -6.60
CA SER A 35 -7.66 1.12 -7.77
C SER A 35 -7.32 -0.35 -7.62
N PRO A 36 -8.15 -1.24 -8.17
CA PRO A 36 -7.89 -2.69 -8.14
C PRO A 36 -6.59 -3.07 -8.87
N ASN A 37 -6.05 -2.08 -9.62
CA ASN A 37 -4.82 -2.23 -10.38
C ASN A 37 -3.58 -1.94 -9.52
N ASP A 38 -3.78 -1.30 -8.37
CA ASP A 38 -2.66 -1.02 -7.46
C ASP A 38 -2.18 -2.29 -6.78
N SER A 39 -0.93 -2.30 -6.40
CA SER A 39 -0.35 -3.42 -5.70
C SER A 39 -0.41 -3.12 -4.20
N ALA A 40 -0.93 -4.05 -3.42
CA ALA A 40 -1.13 -3.86 -1.95
C ALA A 40 0.14 -3.37 -1.22
N SER A 41 1.30 -3.87 -1.61
CA SER A 41 2.56 -3.51 -0.99
C SER A 41 3.04 -2.12 -1.45
N ASP A 42 2.68 -1.75 -2.67
CA ASP A 42 2.96 -0.41 -3.22
C ASP A 42 2.12 0.56 -2.43
N ILE A 43 0.89 0.14 -2.19
CA ILE A 43 -0.06 0.87 -1.41
C ILE A 43 0.43 0.99 0.03
N ALA A 44 0.96 -0.09 0.59
CA ALA A 44 1.56 -0.09 1.93
C ALA A 44 2.54 1.05 2.13
N LYS A 45 3.34 1.34 1.11
CA LYS A 45 4.29 2.43 1.17
C LYS A 45 3.58 3.77 1.09
N HIS A 46 2.47 3.77 0.37
CA HIS A 46 1.66 4.96 0.17
C HIS A 46 0.87 5.28 1.46
N VAL A 47 0.24 4.28 2.02
CA VAL A 47 -0.54 4.46 3.23
C VAL A 47 0.33 4.70 4.43
N TYR A 48 1.54 4.09 4.43
CA TYR A 48 2.50 4.28 5.52
C TYR A 48 2.64 5.77 5.78
N ASP A 49 2.87 6.53 4.70
CA ASP A 49 2.88 7.98 4.76
C ASP A 49 3.11 8.57 3.37
N ASN A 50 2.05 9.11 2.80
CA ASN A 50 2.07 9.77 1.49
C ASN A 50 2.41 8.87 0.30
N TRP A 51 3.51 9.13 -0.37
CA TRP A 51 3.95 8.25 -1.44
C TRP A 51 5.26 7.62 -1.04
N PRO A 52 5.54 6.34 -1.43
CA PRO A 52 6.88 5.77 -1.30
C PRO A 52 7.93 6.77 -1.78
N MET A 53 8.71 7.29 -0.84
CA MET A 53 9.67 8.35 -1.08
C MET A 53 10.60 8.05 -2.26
N ASP A 54 10.86 9.10 -3.05
CA ASP A 54 11.73 9.04 -4.22
C ASP A 54 13.09 8.48 -3.87
N TRP A 55 13.77 9.10 -2.93
CA TRP A 55 15.03 8.56 -2.47
C TRP A 55 14.75 7.44 -1.50
N GLU A 56 14.81 6.23 -1.98
CA GLU A 56 14.53 5.08 -1.17
C GLU A 56 15.74 4.16 -1.09
N GLU A 57 16.41 4.19 0.02
CA GLU A 57 17.55 3.35 0.26
C GLU A 57 17.78 3.31 1.76
N GLU A 58 17.40 2.22 2.34
CA GLU A 58 17.61 1.97 3.75
C GLU A 58 18.10 0.54 3.81
N GLN A 59 19.41 0.36 4.01
CA GLN A 59 20.07 -0.96 3.98
C GLN A 59 19.88 -1.59 2.60
N VAL A 60 19.95 -0.75 1.56
CA VAL A 60 19.75 -1.13 0.15
C VAL A 60 18.26 -1.28 -0.19
N SER A 61 17.51 -1.86 0.76
CA SER A 61 16.06 -2.06 0.64
C SER A 61 15.72 -3.07 -0.46
N SER A 62 15.49 -4.30 -0.09
CA SER A 62 15.18 -5.33 -1.06
C SER A 62 13.70 -5.25 -1.46
N PRO A 63 13.32 -5.80 -2.63
CA PRO A 63 11.91 -5.88 -3.03
C PRO A 63 11.20 -6.94 -2.18
N ASN A 64 12.02 -7.76 -1.55
CA ASN A 64 11.60 -8.86 -0.70
C ASN A 64 10.93 -8.35 0.57
N ILE A 65 11.06 -7.05 0.85
CA ILE A 65 10.44 -6.46 2.02
C ILE A 65 8.95 -6.23 1.78
N LEU A 66 8.57 -6.20 0.50
CA LEU A 66 7.18 -6.02 0.13
C LEU A 66 6.44 -7.31 0.30
N ARG A 67 5.62 -7.39 1.33
CA ARG A 67 4.81 -8.55 1.58
C ARG A 67 3.45 -8.09 2.05
N LEU A 68 2.43 -8.80 1.64
CA LEU A 68 1.10 -8.41 1.96
C LEU A 68 0.33 -9.54 2.62
N ILE A 69 -0.42 -9.21 3.61
CA ILE A 69 -1.23 -10.15 4.31
C ILE A 69 -2.68 -9.87 3.97
N TYR A 70 -3.32 -10.83 3.40
CA TYR A 70 -4.67 -10.68 3.04
C TYR A 70 -5.51 -11.37 4.08
N GLN A 71 -5.58 -10.67 5.20
CA GLN A 71 -6.22 -11.03 6.42
C GLN A 71 -6.07 -12.54 6.75
N GLY A 72 -4.97 -12.87 7.38
CA GLY A 72 -4.69 -14.23 7.72
C GLY A 72 -3.39 -14.75 7.14
N ARG A 73 -3.25 -14.69 5.82
CA ARG A 73 -2.06 -15.23 5.15
C ARG A 73 -1.43 -14.23 4.18
N PHE A 74 -0.16 -14.46 3.85
CA PHE A 74 0.60 -13.61 2.93
C PHE A 74 0.39 -14.16 1.52
N LEU A 75 -0.28 -13.42 0.67
CA LEU A 75 -0.58 -13.95 -0.66
C LEU A 75 0.58 -13.84 -1.63
N HIS A 76 1.21 -12.68 -1.69
CA HIS A 76 2.30 -12.46 -2.62
C HIS A 76 3.00 -11.20 -2.17
N GLY A 77 4.09 -10.84 -2.80
CA GLY A 77 4.79 -9.65 -2.41
C GLY A 77 4.27 -8.36 -3.04
N ASN A 78 3.26 -8.47 -3.90
CA ASN A 78 2.77 -7.30 -4.66
C ASN A 78 1.55 -7.62 -5.50
N VAL A 79 0.75 -8.59 -5.07
CA VAL A 79 -0.42 -8.97 -5.82
C VAL A 79 -1.49 -7.85 -5.73
N THR A 80 -2.19 -7.63 -6.82
CA THR A 80 -3.14 -6.57 -6.94
C THR A 80 -4.46 -6.91 -6.25
N LEU A 81 -5.23 -5.88 -5.89
CA LEU A 81 -6.48 -6.05 -5.18
C LEU A 81 -7.50 -6.77 -6.07
N GLY A 82 -7.43 -6.52 -7.37
CA GLY A 82 -8.30 -7.20 -8.30
C GLY A 82 -8.06 -8.70 -8.28
N ALA A 83 -6.80 -9.08 -8.11
CA ALA A 83 -6.38 -10.46 -8.06
C ALA A 83 -6.79 -11.09 -6.72
N LEU A 84 -7.13 -10.26 -5.75
CA LEU A 84 -7.54 -10.72 -4.42
C LEU A 84 -9.03 -11.11 -4.41
N LYS A 85 -9.61 -11.28 -5.61
CA LYS A 85 -11.03 -11.66 -5.81
C LYS A 85 -11.96 -10.55 -5.31
N LEU A 86 -11.45 -9.33 -5.30
CA LEU A 86 -12.19 -8.20 -4.77
C LEU A 86 -12.98 -7.48 -5.85
N PRO A 87 -14.29 -7.32 -5.66
CA PRO A 87 -15.13 -6.53 -6.53
C PRO A 87 -15.10 -5.05 -6.10
N PHE A 88 -15.66 -4.18 -6.92
CA PHE A 88 -15.66 -2.76 -6.64
C PHE A 88 -16.74 -2.44 -5.62
N GLY A 89 -16.52 -1.40 -4.85
CA GLY A 89 -17.50 -0.98 -3.88
C GLY A 89 -17.45 -1.75 -2.56
N LYS A 90 -16.53 -2.67 -2.44
CA LYS A 90 -16.44 -3.47 -1.22
C LYS A 90 -15.28 -2.96 -0.36
N THR A 91 -15.52 -2.85 0.92
CA THR A 91 -14.49 -2.45 1.84
C THR A 91 -13.72 -3.68 2.30
N THR A 92 -12.46 -3.70 1.98
CA THR A 92 -11.61 -4.82 2.28
C THR A 92 -10.52 -4.40 3.26
N VAL A 93 -10.18 -5.27 4.17
CA VAL A 93 -9.15 -5.01 5.14
C VAL A 93 -7.92 -5.91 4.88
N MET A 94 -6.73 -5.33 4.93
CA MET A 94 -5.51 -6.07 4.70
C MET A 94 -4.46 -5.65 5.69
N HIS A 95 -3.55 -6.54 5.98
CA HIS A 95 -2.45 -6.25 6.88
C HIS A 95 -1.17 -6.22 6.10
N LEU A 96 -0.38 -5.22 6.30
CA LEU A 96 0.83 -5.07 5.52
C LEU A 96 2.04 -5.11 6.39
N VAL A 97 3.09 -5.67 5.87
CA VAL A 97 4.35 -5.73 6.56
C VAL A 97 5.41 -5.04 5.74
N ALA A 98 6.20 -4.22 6.39
CA ALA A 98 7.21 -3.46 5.71
C ALA A 98 8.52 -3.57 6.46
N ARG A 99 9.60 -3.58 5.73
CA ARG A 99 10.94 -3.74 6.28
C ARG A 99 11.86 -2.83 5.54
N GLU A 100 12.89 -2.31 6.21
CA GLU A 100 13.84 -1.35 5.61
C GLU A 100 13.10 -0.18 4.98
N THR A 101 11.95 0.10 5.56
CA THR A 101 11.09 1.11 5.08
C THR A 101 11.45 2.43 5.74
N LEU A 102 11.41 3.49 4.96
CA LEU A 102 11.71 4.81 5.42
C LEU A 102 10.64 5.31 6.36
N PRO A 103 11.03 5.84 7.54
CA PRO A 103 10.10 6.35 8.56
C PRO A 103 9.13 7.42 8.03
N GLU A 104 9.61 8.29 7.16
CA GLU A 104 8.76 9.35 6.63
C GLU A 104 9.33 9.90 5.34
N PRO A 105 8.45 10.24 4.36
CA PRO A 105 8.88 10.95 3.17
C PRO A 105 9.51 12.29 3.55
N ASN A 106 8.71 13.18 4.16
CA ASN A 106 9.22 14.46 4.61
C ASN A 106 8.23 15.20 5.52
N SER A 107 8.18 14.74 6.77
CA SER A 107 7.45 15.37 7.89
C SER A 107 5.99 15.85 7.58
N GLN A 108 5.30 15.22 6.66
CA GLN A 108 3.92 15.62 6.38
C GLN A 108 2.98 15.01 7.39
N GLY A 109 3.10 13.70 7.56
CA GLY A 109 2.24 12.98 8.49
C GLY A 109 0.86 12.70 7.92
N GLN A 110 0.49 13.43 6.91
CA GLN A 110 -0.80 13.30 6.31
C GLN A 110 -0.73 13.29 4.83
N ARG A 111 -1.72 12.73 4.20
CA ARG A 111 -1.84 12.73 2.77
C ARG A 111 -2.98 13.65 2.38
N ASN A 112 -4.05 13.58 3.14
CA ASN A 112 -5.24 14.39 2.93
C ASN A 112 -6.08 14.35 4.20
N ARG A 113 -6.77 15.42 4.51
CA ARG A 113 -7.59 15.49 5.71
C ARG A 113 -8.84 14.62 5.54
N GLU A 114 -9.52 14.83 4.44
CA GLU A 114 -10.71 14.10 4.07
C GLU A 114 -10.94 14.46 2.60
N LYS A 115 -11.63 13.61 1.87
CA LYS A 115 -11.90 13.81 0.45
C LYS A 115 -12.54 15.18 0.20
N THR A 116 -13.50 15.55 1.03
CA THR A 116 -14.12 16.85 0.91
C THR A 116 -14.79 17.30 2.21
N GLY A 117 -15.13 16.34 3.06
CA GLY A 117 -15.81 16.66 4.28
C GLY A 117 -14.88 17.08 5.38
N GLU A 118 -14.39 18.30 5.29
CA GLU A 118 -13.55 18.89 6.31
C GLU A 118 -14.23 18.82 7.67
N SER A 119 -13.50 18.39 8.68
CA SER A 119 -14.01 18.29 10.04
C SER A 119 -14.42 19.67 10.55
N ASN A 120 -13.59 20.64 10.29
CA ASN A 120 -13.89 22.00 10.64
C ASN A 120 -14.09 22.73 9.36
N CYS A 121 -15.30 23.16 9.15
CA CYS A 121 -15.67 23.80 7.93
C CYS A 121 -16.77 24.77 8.24
N CYS A 122 -16.89 25.79 7.44
CA CYS A 122 -17.95 26.74 7.58
C CYS A 122 -19.24 26.12 7.04
N VAL A 123 -20.02 25.56 7.93
CA VAL A 123 -21.24 24.89 7.56
C VAL A 123 -22.44 25.60 8.16
N ILE A 124 -23.59 25.35 7.60
CA ILE A 124 -24.80 25.95 8.10
C ILE A 124 -25.36 25.08 9.21
N LEU A 125 -25.03 25.46 10.40
CA LEU A 125 -25.40 24.75 11.58
C LEU A 125 -25.39 25.73 12.73
N SER A 10 -14.02 9.29 2.28
CA SER A 10 -14.87 8.90 1.20
C SER A 10 -15.99 7.99 1.65
N SER A 11 -17.20 8.48 1.58
CA SER A 11 -18.36 7.69 1.88
C SER A 11 -18.92 7.23 0.55
N ASN A 12 -19.31 5.95 0.48
CA ASN A 12 -19.74 5.30 -0.77
C ASN A 12 -18.59 5.11 -1.73
N VAL A 13 -18.28 3.87 -1.99
CA VAL A 13 -17.19 3.55 -2.85
C VAL A 13 -17.71 3.49 -4.30
N PRO A 14 -17.02 4.14 -5.25
CA PRO A 14 -17.41 4.10 -6.64
C PRO A 14 -17.11 2.73 -7.23
N ALA A 15 -17.96 2.26 -8.10
CA ALA A 15 -17.75 0.99 -8.75
C ALA A 15 -16.72 1.15 -9.85
N ASP A 16 -15.51 1.33 -9.42
CA ASP A 16 -14.33 1.52 -10.25
C ASP A 16 -13.12 1.42 -9.37
N MET A 17 -13.32 1.77 -8.12
CA MET A 17 -12.26 1.78 -7.13
C MET A 17 -12.58 0.79 -6.04
N ILE A 18 -11.58 0.16 -5.51
CA ILE A 18 -11.75 -0.74 -4.40
C ILE A 18 -11.39 0.00 -3.10
N ASN A 19 -12.18 -0.16 -2.06
CA ASN A 19 -11.91 0.54 -0.81
C ASN A 19 -11.07 -0.37 0.04
N LEU A 20 -9.84 -0.03 0.16
CA LEU A 20 -8.91 -0.88 0.83
C LEU A 20 -8.43 -0.27 2.12
N ARG A 21 -8.44 -1.06 3.16
CA ARG A 21 -7.88 -0.66 4.38
C ARG A 21 -6.59 -1.40 4.58
N LEU A 22 -5.57 -0.64 4.73
CA LEU A 22 -4.22 -1.12 4.88
C LEU A 22 -3.85 -1.10 6.36
N ILE A 23 -3.35 -2.21 6.87
CA ILE A 23 -2.90 -2.22 8.24
C ILE A 23 -1.38 -2.27 8.21
N LEU A 24 -0.76 -1.28 8.78
CA LEU A 24 0.68 -1.20 8.82
C LEU A 24 1.22 -2.01 10.00
N VAL A 25 2.45 -2.50 9.87
CA VAL A 25 3.15 -3.29 10.93
C VAL A 25 3.31 -2.53 12.24
N SER A 26 3.09 -1.25 12.19
CA SER A 26 3.22 -0.42 13.34
C SER A 26 1.86 -0.35 14.09
N GLY A 27 0.85 -1.02 13.52
CA GLY A 27 -0.47 -1.06 14.11
C GLY A 27 -1.33 0.12 13.73
N LYS A 28 -0.82 0.91 12.80
CA LYS A 28 -1.57 2.04 12.29
C LYS A 28 -2.43 1.56 11.15
N THR A 29 -3.68 1.90 11.17
CA THR A 29 -4.55 1.47 10.11
C THR A 29 -4.88 2.65 9.26
N LYS A 30 -5.00 2.44 7.99
CA LYS A 30 -5.35 3.54 7.12
C LYS A 30 -6.22 3.01 5.99
N GLU A 31 -7.15 3.82 5.51
CA GLU A 31 -8.05 3.34 4.50
C GLU A 31 -8.23 4.40 3.40
N PHE A 32 -8.09 4.00 2.17
CA PHE A 32 -8.23 4.87 1.00
C PHE A 32 -8.85 4.12 -0.14
N LEU A 33 -9.38 4.85 -1.09
CA LEU A 33 -9.83 4.26 -2.32
C LEU A 33 -8.62 4.03 -3.19
N PHE A 34 -8.46 2.83 -3.64
CA PHE A 34 -7.37 2.50 -4.53
C PHE A 34 -7.93 1.73 -5.70
N SER A 35 -7.19 1.61 -6.76
CA SER A 35 -7.71 0.90 -7.88
C SER A 35 -7.35 -0.55 -7.71
N PRO A 36 -8.15 -1.46 -8.23
CA PRO A 36 -7.84 -2.89 -8.18
C PRO A 36 -6.51 -3.22 -8.90
N ASN A 37 -6.03 -2.26 -9.71
CA ASN A 37 -4.78 -2.41 -10.45
C ASN A 37 -3.58 -1.96 -9.58
N ASP A 38 -3.85 -1.34 -8.43
CA ASP A 38 -2.77 -0.92 -7.54
C ASP A 38 -2.18 -2.11 -6.78
N SER A 39 -0.94 -1.98 -6.38
CA SER A 39 -0.24 -3.04 -5.69
C SER A 39 -0.31 -2.80 -4.18
N ALA A 40 -0.86 -3.76 -3.46
CA ALA A 40 -1.16 -3.68 -2.02
C ALA A 40 0.02 -3.18 -1.15
N SER A 41 1.17 -3.79 -1.27
CA SER A 41 2.29 -3.43 -0.40
C SER A 41 2.99 -2.15 -0.89
N ASP A 42 2.78 -1.83 -2.15
CA ASP A 42 3.25 -0.56 -2.71
C ASP A 42 2.42 0.52 -2.05
N ILE A 43 1.14 0.22 -1.94
CA ILE A 43 0.17 1.07 -1.28
C ILE A 43 0.52 1.23 0.21
N ALA A 44 1.06 0.17 0.82
CA ALA A 44 1.51 0.22 2.21
C ALA A 44 2.46 1.39 2.45
N LYS A 45 3.25 1.75 1.45
CA LYS A 45 4.18 2.85 1.56
C LYS A 45 3.34 4.17 1.54
N HIS A 46 2.30 4.17 0.71
CA HIS A 46 1.37 5.32 0.55
C HIS A 46 0.63 5.60 1.86
N VAL A 47 0.01 4.58 2.37
CA VAL A 47 -0.78 4.66 3.58
C VAL A 47 0.07 4.91 4.82
N TYR A 48 1.30 4.43 4.77
CA TYR A 48 2.30 4.59 5.84
C TYR A 48 2.36 6.04 6.32
N ASP A 49 2.44 6.99 5.38
CA ASP A 49 2.46 8.43 5.70
C ASP A 49 2.50 9.25 4.42
N ASN A 50 3.65 9.28 3.78
CA ASN A 50 3.82 9.96 2.51
C ASN A 50 3.84 8.90 1.44
N TRP A 51 3.41 9.23 0.27
CA TRP A 51 3.39 8.26 -0.79
C TRP A 51 4.77 8.09 -1.40
N PRO A 52 5.11 6.87 -1.86
CA PRO A 52 6.44 6.55 -2.38
C PRO A 52 6.87 7.41 -3.55
N MET A 53 7.61 8.44 -3.26
CA MET A 53 8.14 9.31 -4.27
C MET A 53 9.58 9.67 -3.92
N ASP A 54 10.43 8.71 -4.14
CA ASP A 54 11.84 8.80 -3.87
C ASP A 54 12.43 7.56 -4.51
N TRP A 55 13.63 7.19 -4.23
CA TRP A 55 14.19 6.03 -4.87
C TRP A 55 14.32 4.87 -3.90
N GLU A 56 15.41 4.86 -3.18
CA GLU A 56 15.75 3.81 -2.21
C GLU A 56 16.69 4.42 -1.19
N GLU A 57 16.45 4.16 0.07
CA GLU A 57 17.34 4.65 1.12
C GLU A 57 17.25 3.74 2.32
N GLU A 58 16.07 3.63 2.89
CA GLU A 58 15.89 2.71 3.96
C GLU A 58 15.34 1.44 3.38
N GLN A 59 16.13 0.37 3.48
CA GLN A 59 15.82 -0.92 2.87
C GLN A 59 15.88 -0.79 1.36
N VAL A 60 17.03 -1.11 0.82
CA VAL A 60 17.31 -0.88 -0.58
C VAL A 60 17.36 -2.19 -1.37
N SER A 61 16.71 -2.16 -2.53
CA SER A 61 16.74 -3.26 -3.49
C SER A 61 16.21 -4.58 -2.90
N SER A 62 15.34 -4.48 -1.92
CA SER A 62 14.81 -5.65 -1.31
C SER A 62 13.28 -5.61 -1.32
N PRO A 63 12.65 -6.39 -2.20
CA PRO A 63 11.20 -6.49 -2.25
C PRO A 63 10.67 -7.32 -1.09
N ASN A 64 11.58 -8.06 -0.45
CA ASN A 64 11.27 -8.97 0.66
C ASN A 64 10.67 -8.25 1.84
N ILE A 65 10.89 -6.94 1.92
CA ILE A 65 10.37 -6.18 3.02
C ILE A 65 8.89 -5.92 2.86
N LEU A 66 8.42 -5.87 1.63
CA LEU A 66 7.06 -5.58 1.35
C LEU A 66 6.29 -6.81 0.91
N ARG A 67 5.43 -7.26 1.79
CA ARG A 67 4.60 -8.43 1.58
C ARG A 67 3.23 -8.21 2.18
N LEU A 68 2.28 -9.00 1.80
CA LEU A 68 0.93 -8.77 2.22
C LEU A 68 0.27 -10.00 2.80
N ILE A 69 -0.51 -9.78 3.81
CA ILE A 69 -1.24 -10.80 4.50
C ILE A 69 -2.73 -10.53 4.34
N TYR A 70 -3.46 -11.48 3.84
CA TYR A 70 -4.87 -11.27 3.58
C TYR A 70 -5.71 -11.90 4.69
N GLN A 71 -5.46 -11.39 5.90
CA GLN A 71 -6.15 -11.79 7.12
C GLN A 71 -5.90 -13.25 7.49
N GLY A 72 -4.86 -13.83 6.92
CA GLY A 72 -4.52 -15.18 7.22
C GLY A 72 -3.09 -15.50 6.85
N ARG A 73 -2.81 -15.48 5.58
CA ARG A 73 -1.49 -15.81 5.07
C ARG A 73 -1.00 -14.74 4.11
N PHE A 74 0.23 -14.91 3.65
CA PHE A 74 0.81 -14.05 2.66
C PHE A 74 0.41 -14.59 1.30
N LEU A 75 -0.26 -13.79 0.52
CA LEU A 75 -0.67 -14.23 -0.83
C LEU A 75 0.50 -14.10 -1.78
N HIS A 76 1.12 -12.95 -1.71
CA HIS A 76 2.27 -12.57 -2.51
C HIS A 76 2.91 -11.40 -1.84
N GLY A 77 3.87 -10.83 -2.49
CA GLY A 77 4.56 -9.73 -1.93
C GLY A 77 3.88 -8.40 -2.18
N ASN A 78 3.29 -8.23 -3.33
CA ASN A 78 2.75 -6.94 -3.72
C ASN A 78 1.72 -7.13 -4.86
N VAL A 79 0.96 -8.21 -4.72
CA VAL A 79 -0.10 -8.57 -5.66
C VAL A 79 -1.22 -7.51 -5.62
N THR A 80 -1.84 -7.31 -6.75
CA THR A 80 -2.85 -6.28 -6.89
C THR A 80 -4.18 -6.73 -6.30
N LEU A 81 -5.01 -5.77 -5.93
CA LEU A 81 -6.28 -6.02 -5.28
C LEU A 81 -7.27 -6.74 -6.20
N GLY A 82 -7.17 -6.49 -7.50
CA GLY A 82 -8.03 -7.17 -8.47
C GLY A 82 -7.72 -8.65 -8.52
N ALA A 83 -6.47 -8.97 -8.27
CA ALA A 83 -5.99 -10.35 -8.26
C ALA A 83 -6.46 -11.06 -6.98
N LEU A 84 -6.90 -10.26 -6.02
CA LEU A 84 -7.33 -10.74 -4.72
C LEU A 84 -8.83 -11.01 -4.68
N LYS A 85 -9.46 -11.00 -5.86
CA LYS A 85 -10.90 -11.29 -6.01
C LYS A 85 -11.74 -10.20 -5.39
N LEU A 86 -11.15 -9.04 -5.19
CA LEU A 86 -11.82 -7.93 -4.56
C LEU A 86 -12.63 -7.15 -5.57
N PRO A 87 -13.94 -7.02 -5.34
CA PRO A 87 -14.80 -6.29 -6.23
C PRO A 87 -14.77 -4.80 -5.92
N PHE A 88 -14.78 -3.99 -6.95
CA PHE A 88 -14.81 -2.57 -6.79
C PHE A 88 -16.13 -2.07 -6.26
N GLY A 89 -16.04 -1.09 -5.38
CA GLY A 89 -17.19 -0.57 -4.68
C GLY A 89 -17.38 -1.26 -3.34
N LYS A 90 -16.51 -2.21 -3.04
CA LYS A 90 -16.58 -2.93 -1.79
C LYS A 90 -15.43 -2.52 -0.88
N THR A 91 -15.61 -2.74 0.40
CA THR A 91 -14.64 -2.43 1.40
C THR A 91 -13.92 -3.69 1.87
N THR A 92 -12.62 -3.67 1.79
CA THR A 92 -11.81 -4.81 2.20
C THR A 92 -10.63 -4.35 3.08
N VAL A 93 -10.28 -5.14 4.09
CA VAL A 93 -9.17 -4.83 4.97
C VAL A 93 -8.05 -5.88 4.84
N MET A 94 -6.82 -5.41 4.71
CA MET A 94 -5.67 -6.28 4.55
C MET A 94 -4.51 -5.83 5.40
N HIS A 95 -3.68 -6.77 5.77
CA HIS A 95 -2.52 -6.49 6.58
C HIS A 95 -1.30 -6.49 5.71
N LEU A 96 -0.49 -5.50 5.87
CA LEU A 96 0.69 -5.37 5.04
C LEU A 96 1.90 -5.38 5.91
N VAL A 97 2.93 -5.99 5.44
CA VAL A 97 4.13 -6.00 6.17
C VAL A 97 5.23 -5.29 5.43
N ALA A 98 5.92 -4.45 6.15
CA ALA A 98 7.07 -3.73 5.70
C ALA A 98 8.09 -3.88 6.78
N ARG A 99 9.34 -3.93 6.43
CA ARG A 99 10.34 -4.22 7.40
C ARG A 99 11.37 -3.16 7.42
N GLU A 100 11.40 -2.42 8.54
CA GLU A 100 12.34 -1.32 8.74
C GLU A 100 12.23 -0.32 7.64
N THR A 101 11.01 -0.12 7.22
CA THR A 101 10.70 0.82 6.22
C THR A 101 10.43 2.19 6.89
N LEU A 102 11.30 3.14 6.62
CA LEU A 102 11.22 4.49 7.20
C LEU A 102 10.76 5.51 6.18
N PRO A 103 10.27 6.71 6.66
CA PRO A 103 9.89 7.82 5.79
C PRO A 103 11.02 8.21 4.85
N GLU A 104 10.67 8.79 3.73
CA GLU A 104 11.64 9.19 2.73
C GLU A 104 12.57 10.25 3.25
N PRO A 105 13.80 10.21 2.81
CA PRO A 105 14.73 11.28 3.08
C PRO A 105 14.39 12.47 2.17
N ASN A 106 13.84 12.15 0.95
CA ASN A 106 13.47 13.13 -0.09
C ASN A 106 14.72 13.70 -0.66
N SER A 107 15.79 12.99 -0.43
CA SER A 107 17.10 13.43 -0.80
C SER A 107 17.44 12.98 -2.20
N GLN A 108 16.56 12.17 -2.78
CA GLN A 108 16.79 11.77 -4.16
C GLN A 108 16.28 12.82 -5.09
N GLY A 109 15.26 13.54 -4.66
CA GLY A 109 14.68 14.59 -5.45
C GLY A 109 13.98 14.04 -6.67
N GLN A 110 13.55 12.79 -6.59
CA GLN A 110 12.84 12.19 -7.68
C GLN A 110 11.37 12.44 -7.54
N ARG A 111 10.84 13.24 -8.42
CA ARG A 111 9.44 13.53 -8.43
C ARG A 111 8.90 13.21 -9.80
N ASN A 112 8.16 12.14 -9.89
CA ASN A 112 7.63 11.69 -11.16
C ASN A 112 6.37 12.44 -11.52
N ARG A 113 6.41 13.08 -12.64
CA ARG A 113 5.30 13.85 -13.16
C ARG A 113 4.16 12.95 -13.63
N GLU A 114 4.50 11.72 -14.00
CA GLU A 114 3.52 10.69 -14.40
C GLU A 114 2.88 10.97 -15.75
N LYS A 115 3.37 10.27 -16.78
CA LYS A 115 2.91 10.34 -18.17
C LYS A 115 3.34 11.67 -18.80
N THR A 116 2.92 12.76 -18.21
CA THR A 116 3.31 14.06 -18.63
C THR A 116 4.77 14.24 -18.23
N GLY A 117 5.58 14.80 -19.11
CA GLY A 117 6.99 14.98 -18.80
C GLY A 117 7.18 16.03 -17.75
N GLU A 118 6.30 16.99 -17.76
CA GLU A 118 6.30 18.07 -16.82
C GLU A 118 4.86 18.44 -16.52
N SER A 119 4.60 18.87 -15.31
CA SER A 119 3.26 19.31 -14.97
C SER A 119 3.16 20.77 -15.32
N ASN A 120 3.05 21.00 -16.60
CA ASN A 120 3.00 22.32 -17.17
C ASN A 120 2.34 22.23 -18.51
N CYS A 121 1.23 22.88 -18.64
CA CYS A 121 0.51 22.87 -19.88
C CYS A 121 1.19 23.82 -20.86
N CYS A 122 1.59 23.28 -21.99
CA CYS A 122 2.20 24.08 -23.03
C CYS A 122 1.14 24.99 -23.63
N VAL A 123 1.38 26.28 -23.58
CA VAL A 123 0.40 27.23 -24.04
C VAL A 123 0.63 27.66 -25.47
N ILE A 124 -0.41 27.55 -26.25
CA ILE A 124 -0.37 27.94 -27.63
C ILE A 124 -0.99 29.32 -27.74
N LEU A 125 -0.18 30.28 -27.99
CA LEU A 125 -0.61 31.63 -28.13
C LEU A 125 0.40 32.29 -29.05
N SER A 10 -17.48 9.62 4.99
CA SER A 10 -18.43 8.66 4.54
C SER A 10 -18.35 8.62 3.05
N SER A 11 -17.92 7.52 2.51
CA SER A 11 -17.72 7.44 1.10
C SER A 11 -18.26 6.14 0.56
N ASN A 12 -19.23 6.24 -0.33
CA ASN A 12 -19.73 5.06 -1.00
C ASN A 12 -18.74 4.69 -2.06
N VAL A 13 -18.33 3.47 -2.05
CA VAL A 13 -17.33 3.02 -2.96
C VAL A 13 -17.98 2.73 -4.31
N PRO A 14 -17.57 3.42 -5.38
CA PRO A 14 -18.11 3.19 -6.71
C PRO A 14 -17.66 1.85 -7.24
N ALA A 15 -18.46 1.24 -8.11
CA ALA A 15 -18.09 0.01 -8.72
C ALA A 15 -17.10 0.30 -9.84
N ASP A 16 -15.93 0.64 -9.40
CA ASP A 16 -14.79 1.00 -10.21
C ASP A 16 -13.58 1.10 -9.29
N MET A 17 -13.86 1.44 -8.04
CA MET A 17 -12.84 1.57 -7.02
C MET A 17 -13.05 0.49 -5.98
N ILE A 18 -12.03 0.20 -5.23
CA ILE A 18 -12.14 -0.70 -4.11
C ILE A 18 -11.73 0.02 -2.82
N ASN A 19 -12.44 -0.20 -1.75
CA ASN A 19 -12.14 0.50 -0.51
C ASN A 19 -11.22 -0.35 0.30
N LEU A 20 -10.02 0.08 0.41
CA LEU A 20 -9.02 -0.70 1.06
C LEU A 20 -8.52 -0.05 2.32
N ARG A 21 -8.45 -0.83 3.36
CA ARG A 21 -7.86 -0.41 4.58
C ARG A 21 -6.57 -1.16 4.80
N LEU A 22 -5.52 -0.41 4.91
CA LEU A 22 -4.18 -0.93 5.12
C LEU A 22 -3.85 -0.84 6.60
N ILE A 23 -3.55 -1.96 7.23
CA ILE A 23 -3.23 -1.92 8.62
C ILE A 23 -1.73 -2.03 8.80
N LEU A 24 -1.18 -1.10 9.53
CA LEU A 24 0.23 -1.06 9.80
C LEU A 24 0.56 -1.97 10.99
N VAL A 25 1.79 -2.43 11.04
CA VAL A 25 2.28 -3.28 12.13
C VAL A 25 2.26 -2.56 13.48
N SER A 26 2.21 -1.23 13.44
CA SER A 26 2.13 -0.41 14.63
C SER A 26 0.69 -0.36 15.15
N GLY A 27 -0.21 -1.07 14.47
CA GLY A 27 -1.61 -1.10 14.86
C GLY A 27 -2.35 0.10 14.37
N LYS A 28 -1.72 0.83 13.47
CA LYS A 28 -2.33 2.01 12.91
C LYS A 28 -3.11 1.57 11.70
N THR A 29 -4.29 2.05 11.53
CA THR A 29 -5.07 1.67 10.40
C THR A 29 -5.25 2.84 9.47
N LYS A 30 -4.96 2.66 8.22
CA LYS A 30 -5.12 3.72 7.28
C LYS A 30 -6.05 3.23 6.19
N GLU A 31 -6.96 4.06 5.76
CA GLU A 31 -7.92 3.62 4.78
C GLU A 31 -8.13 4.71 3.74
N PHE A 32 -8.07 4.32 2.49
CA PHE A 32 -8.30 5.21 1.36
C PHE A 32 -8.97 4.43 0.26
N LEU A 33 -9.62 5.11 -0.65
CA LEU A 33 -10.09 4.43 -1.82
C LEU A 33 -8.91 4.26 -2.74
N PHE A 34 -8.66 3.07 -3.14
CA PHE A 34 -7.60 2.77 -4.04
C PHE A 34 -8.18 2.05 -5.23
N SER A 35 -7.47 1.98 -6.30
CA SER A 35 -8.01 1.33 -7.44
C SER A 35 -7.66 -0.14 -7.34
N PRO A 36 -8.51 -1.02 -7.87
CA PRO A 36 -8.22 -2.46 -7.89
C PRO A 36 -6.94 -2.77 -8.71
N ASN A 37 -6.52 -1.77 -9.48
CA ASN A 37 -5.31 -1.83 -10.29
C ASN A 37 -4.07 -1.51 -9.46
N ASP A 38 -4.29 -0.88 -8.30
CA ASP A 38 -3.20 -0.59 -7.37
C ASP A 38 -2.65 -1.86 -6.78
N SER A 39 -1.42 -1.81 -6.38
CA SER A 39 -0.77 -2.94 -5.81
C SER A 39 -0.64 -2.78 -4.29
N ALA A 40 -1.07 -3.80 -3.55
CA ALA A 40 -1.14 -3.81 -2.08
C ALA A 40 0.13 -3.34 -1.36
N SER A 41 1.28 -3.89 -1.71
CA SER A 41 2.52 -3.54 -1.00
C SER A 41 3.01 -2.17 -1.43
N ASP A 42 2.67 -1.78 -2.65
CA ASP A 42 2.95 -0.43 -3.14
C ASP A 42 2.19 0.54 -2.27
N ILE A 43 0.93 0.19 -2.05
CA ILE A 43 0.05 0.94 -1.21
C ILE A 43 0.55 0.94 0.24
N ALA A 44 0.99 -0.23 0.71
CA ALA A 44 1.57 -0.37 2.05
C ALA A 44 2.65 0.68 2.29
N LYS A 45 3.57 0.79 1.36
CA LYS A 45 4.68 1.75 1.49
C LYS A 45 4.08 3.18 1.49
N HIS A 46 3.06 3.37 0.65
CA HIS A 46 2.33 4.63 0.49
C HIS A 46 1.65 5.05 1.82
N VAL A 47 0.85 4.13 2.36
CA VAL A 47 0.11 4.36 3.59
C VAL A 47 1.01 4.43 4.82
N TYR A 48 2.12 3.68 4.79
CA TYR A 48 3.12 3.75 5.86
C TYR A 48 3.79 5.11 5.94
N ASP A 49 4.27 5.64 4.82
CA ASP A 49 4.91 6.94 4.83
C ASP A 49 4.45 7.85 3.69
N ASN A 50 4.91 7.58 2.51
CA ASN A 50 4.61 8.40 1.35
C ASN A 50 4.63 7.44 0.16
N TRP A 51 4.25 7.89 -1.01
CA TRP A 51 4.16 6.98 -2.14
C TRP A 51 5.55 6.48 -2.58
N PRO A 52 5.70 5.16 -2.71
CA PRO A 52 6.97 4.54 -3.10
C PRO A 52 7.34 4.85 -4.52
N MET A 53 8.60 5.16 -4.74
CA MET A 53 9.09 5.46 -6.05
C MET A 53 10.28 4.56 -6.33
N ASP A 54 11.38 4.91 -5.70
CA ASP A 54 12.62 4.17 -5.71
C ASP A 54 13.61 4.99 -4.92
N TRP A 55 13.63 4.75 -3.64
CA TRP A 55 14.43 5.52 -2.73
C TRP A 55 15.28 4.57 -1.89
N GLU A 56 15.97 5.07 -0.90
CA GLU A 56 16.86 4.24 -0.10
C GLU A 56 16.13 3.56 1.05
N GLU A 57 14.92 4.06 1.37
CA GLU A 57 14.14 3.61 2.53
C GLU A 57 14.93 3.75 3.83
N GLU A 58 15.63 2.70 4.19
CA GLU A 58 16.49 2.72 5.35
C GLU A 58 17.85 3.25 4.93
N GLN A 59 18.43 2.61 3.91
CA GLN A 59 19.75 2.98 3.43
C GLN A 59 20.10 2.28 2.10
N VAL A 60 19.98 0.97 2.05
CA VAL A 60 20.39 0.23 0.86
C VAL A 60 19.22 -0.15 -0.05
N SER A 61 18.05 0.46 0.20
CA SER A 61 16.81 0.17 -0.54
C SER A 61 16.34 -1.25 -0.24
N SER A 62 15.25 -1.38 0.46
CA SER A 62 14.76 -2.66 0.85
C SER A 62 13.48 -3.03 0.10
N PRO A 63 13.58 -3.85 -0.96
CA PRO A 63 12.42 -4.27 -1.72
C PRO A 63 11.82 -5.59 -1.18
N ASN A 64 12.63 -6.34 -0.45
CA ASN A 64 12.23 -7.66 0.07
C ASN A 64 11.16 -7.51 1.14
N ILE A 65 11.11 -6.34 1.73
CA ILE A 65 10.22 -6.05 2.80
C ILE A 65 8.79 -5.79 2.34
N LEU A 66 8.62 -5.50 1.03
CA LEU A 66 7.28 -5.30 0.51
C LEU A 66 6.53 -6.59 0.52
N ARG A 67 5.67 -6.74 1.50
CA ARG A 67 4.87 -7.92 1.66
C ARG A 67 3.50 -7.51 2.11
N LEU A 68 2.56 -8.35 1.82
CA LEU A 68 1.20 -8.06 2.10
C LEU A 68 0.52 -9.26 2.71
N ILE A 69 -0.36 -9.00 3.61
CA ILE A 69 -1.12 -10.02 4.25
C ILE A 69 -2.58 -9.82 3.91
N TYR A 70 -3.17 -10.80 3.34
CA TYR A 70 -4.55 -10.71 2.99
C TYR A 70 -5.31 -11.47 4.04
N GLN A 71 -5.64 -10.71 5.09
CA GLN A 71 -6.29 -11.11 6.27
C GLN A 71 -5.40 -12.00 7.15
N GLY A 72 -5.06 -13.17 6.66
CA GLY A 72 -4.28 -14.09 7.45
C GLY A 72 -2.92 -14.40 6.87
N ARG A 73 -2.85 -14.63 5.58
CA ARG A 73 -1.56 -15.00 4.97
C ARG A 73 -1.04 -14.01 3.93
N PHE A 74 0.25 -14.13 3.65
CA PHE A 74 0.95 -13.28 2.69
C PHE A 74 0.74 -13.86 1.29
N LEU A 75 0.10 -13.12 0.41
CA LEU A 75 -0.15 -13.62 -0.97
C LEU A 75 1.04 -13.51 -1.90
N HIS A 76 1.67 -12.36 -1.94
CA HIS A 76 2.74 -12.10 -2.89
C HIS A 76 3.46 -10.85 -2.42
N GLY A 77 4.62 -10.57 -2.98
CA GLY A 77 5.39 -9.39 -2.62
C GLY A 77 4.69 -8.08 -2.96
N ASN A 78 3.71 -8.10 -3.86
CA ASN A 78 3.00 -6.90 -4.29
C ASN A 78 1.97 -7.29 -5.36
N VAL A 79 0.85 -7.79 -4.91
CA VAL A 79 -0.23 -8.22 -5.78
C VAL A 79 -1.34 -7.15 -5.78
N THR A 80 -2.08 -7.04 -6.86
CA THR A 80 -3.11 -6.03 -6.96
C THR A 80 -4.37 -6.45 -6.20
N LEU A 81 -5.20 -5.48 -5.83
CA LEU A 81 -6.40 -5.76 -5.08
C LEU A 81 -7.41 -6.53 -5.93
N GLY A 82 -7.40 -6.26 -7.23
CA GLY A 82 -8.25 -7.00 -8.14
C GLY A 82 -7.86 -8.46 -8.15
N ALA A 83 -6.56 -8.72 -8.14
CA ALA A 83 -6.01 -10.07 -8.12
C ALA A 83 -6.29 -10.77 -6.79
N LEU A 84 -6.65 -9.99 -5.77
CA LEU A 84 -7.02 -10.51 -4.45
C LEU A 84 -8.47 -10.99 -4.45
N LYS A 85 -9.13 -10.81 -5.59
CA LYS A 85 -10.54 -11.16 -5.79
C LYS A 85 -11.44 -10.23 -5.00
N LEU A 86 -11.30 -8.95 -5.28
CA LEU A 86 -12.14 -7.94 -4.69
C LEU A 86 -13.07 -7.37 -5.72
N PRO A 87 -14.38 -7.41 -5.45
CA PRO A 87 -15.34 -6.78 -6.30
C PRO A 87 -15.30 -5.28 -6.06
N PHE A 88 -15.69 -4.51 -7.03
CA PHE A 88 -15.64 -3.08 -6.90
C PHE A 88 -16.74 -2.64 -5.96
N GLY A 89 -16.54 -1.51 -5.33
CA GLY A 89 -17.54 -0.97 -4.44
C GLY A 89 -17.60 -1.69 -3.13
N LYS A 90 -16.62 -2.53 -2.86
CA LYS A 90 -16.59 -3.28 -1.64
C LYS A 90 -15.46 -2.79 -0.76
N THR A 91 -15.60 -2.96 0.52
CA THR A 91 -14.61 -2.56 1.45
C THR A 91 -13.86 -3.79 1.96
N THR A 92 -12.56 -3.74 1.92
CA THR A 92 -11.74 -4.84 2.36
C THR A 92 -10.53 -4.32 3.16
N VAL A 93 -10.17 -5.06 4.18
CA VAL A 93 -9.09 -4.71 5.05
C VAL A 93 -7.90 -5.68 4.85
N MET A 94 -6.70 -5.16 4.91
CA MET A 94 -5.50 -5.95 4.72
C MET A 94 -4.48 -5.60 5.76
N HIS A 95 -3.62 -6.53 6.06
CA HIS A 95 -2.55 -6.29 7.01
C HIS A 95 -1.26 -6.18 6.24
N LEU A 96 -0.49 -5.16 6.50
CA LEU A 96 0.73 -4.95 5.74
C LEU A 96 1.91 -4.91 6.65
N VAL A 97 3.01 -5.43 6.18
CA VAL A 97 4.22 -5.45 6.95
C VAL A 97 5.30 -4.63 6.29
N ALA A 98 6.00 -3.87 7.08
CA ALA A 98 7.07 -3.05 6.60
C ALA A 98 8.26 -3.22 7.51
N ARG A 99 9.42 -3.32 6.91
CA ARG A 99 10.66 -3.54 7.64
C ARG A 99 11.73 -2.62 7.12
N GLU A 100 12.17 -1.66 7.95
CA GLU A 100 13.25 -0.70 7.59
C GLU A 100 12.83 0.09 6.34
N THR A 101 11.55 0.25 6.21
CA THR A 101 10.92 0.91 5.11
C THR A 101 11.00 2.42 5.32
N LEU A 102 10.91 2.80 6.57
CA LEU A 102 11.07 4.17 6.96
C LEU A 102 12.40 4.29 7.68
N PRO A 103 13.14 5.37 7.48
CA PRO A 103 14.41 5.61 8.19
C PRO A 103 14.14 6.20 9.59
N GLU A 104 12.90 6.07 10.01
CA GLU A 104 12.40 6.57 11.26
C GLU A 104 11.39 5.56 11.78
N PRO A 105 11.05 5.59 13.06
CA PRO A 105 10.00 4.73 13.60
C PRO A 105 8.66 5.03 12.91
N ASN A 106 8.17 6.27 13.12
CA ASN A 106 6.95 6.76 12.50
C ASN A 106 6.66 8.18 12.97
N SER A 107 7.36 9.14 12.36
CA SER A 107 7.17 10.60 12.53
C SER A 107 7.46 11.19 13.97
N GLN A 108 7.15 10.47 15.03
CA GLN A 108 7.31 11.00 16.37
C GLN A 108 8.77 10.93 16.85
N GLY A 109 9.38 9.78 16.72
CA GLY A 109 10.77 9.62 17.13
C GLY A 109 10.95 9.52 18.64
N GLN A 110 9.83 9.44 19.35
CA GLN A 110 9.85 9.34 20.81
C GLN A 110 8.83 8.31 21.27
N ARG A 111 9.23 7.47 22.20
CA ARG A 111 8.31 6.52 22.80
C ARG A 111 8.01 6.99 24.19
N ASN A 112 7.06 7.87 24.32
CA ASN A 112 6.81 8.52 25.59
C ASN A 112 5.33 8.81 25.79
N ARG A 113 5.03 9.42 26.92
CA ARG A 113 3.69 9.82 27.28
C ARG A 113 3.20 11.01 26.46
N GLU A 114 4.06 12.03 26.30
CA GLU A 114 3.70 13.34 25.70
C GLU A 114 2.82 14.11 26.68
N LYS A 115 1.68 13.56 26.97
CA LYS A 115 0.77 14.09 27.94
C LYS A 115 0.34 12.92 28.81
N THR A 116 -0.51 13.15 29.79
CA THR A 116 -0.97 12.07 30.60
C THR A 116 -1.93 11.17 29.82
N GLY A 117 -1.49 9.97 29.57
CA GLY A 117 -2.26 9.01 28.83
C GLY A 117 -1.76 7.63 29.07
N GLU A 118 -0.48 7.42 28.79
CA GLU A 118 0.15 6.13 29.05
C GLU A 118 0.15 5.82 30.54
N SER A 119 0.73 6.71 31.32
CA SER A 119 0.86 6.59 32.75
C SER A 119 1.59 7.82 33.28
N ASN A 120 1.77 7.92 34.58
CA ASN A 120 2.50 9.03 35.18
C ASN A 120 2.81 8.72 36.64
N CYS A 121 4.03 8.98 37.02
CA CYS A 121 4.49 8.79 38.37
C CYS A 121 5.56 9.82 38.63
N CYS A 122 6.11 9.85 39.83
CA CYS A 122 7.18 10.77 40.14
C CYS A 122 8.44 10.40 39.35
N VAL A 123 8.74 11.18 38.35
CA VAL A 123 9.87 10.89 37.50
C VAL A 123 10.96 11.92 37.64
N ILE A 124 12.17 11.49 37.50
CA ILE A 124 13.30 12.38 37.55
C ILE A 124 13.67 12.78 36.13
N LEU A 125 13.26 13.94 35.75
CA LEU A 125 13.49 14.43 34.42
C LEU A 125 14.58 15.49 34.52
N SER A 10 -16.55 8.70 5.59
CA SER A 10 -17.24 7.65 4.92
C SER A 10 -16.81 7.62 3.47
N SER A 11 -16.10 6.61 3.10
CA SER A 11 -15.59 6.48 1.78
C SER A 11 -16.58 5.71 0.91
N ASN A 12 -17.38 6.44 0.18
CA ASN A 12 -18.32 5.84 -0.76
C ASN A 12 -17.57 5.32 -1.94
N VAL A 13 -17.67 4.04 -2.15
CA VAL A 13 -16.90 3.37 -3.15
C VAL A 13 -17.73 3.22 -4.45
N PRO A 14 -17.25 3.79 -5.56
CA PRO A 14 -17.87 3.60 -6.87
C PRO A 14 -17.54 2.20 -7.42
N ALA A 15 -18.26 1.78 -8.44
CA ALA A 15 -18.04 0.51 -9.03
C ALA A 15 -16.94 0.60 -10.07
N ASP A 16 -15.76 0.83 -9.55
CA ASP A 16 -14.52 0.96 -10.34
C ASP A 16 -13.36 0.91 -9.37
N MET A 17 -13.62 1.38 -8.17
CA MET A 17 -12.63 1.43 -7.13
C MET A 17 -12.90 0.35 -6.11
N ILE A 18 -11.91 -0.02 -5.38
CA ILE A 18 -12.07 -0.93 -4.29
C ILE A 18 -11.66 -0.24 -2.99
N ASN A 19 -12.38 -0.49 -1.93
CA ASN A 19 -12.12 0.18 -0.67
C ASN A 19 -11.15 -0.68 0.11
N LEU A 20 -9.97 -0.17 0.28
CA LEU A 20 -8.94 -0.95 0.91
C LEU A 20 -8.47 -0.33 2.21
N ARG A 21 -8.36 -1.16 3.21
CA ARG A 21 -7.82 -0.76 4.46
C ARG A 21 -6.44 -1.36 4.61
N LEU A 22 -5.48 -0.52 4.79
CA LEU A 22 -4.10 -0.90 4.93
C LEU A 22 -3.75 -0.89 6.41
N ILE A 23 -3.32 -2.02 6.93
CA ILE A 23 -2.92 -2.06 8.31
C ILE A 23 -1.41 -1.98 8.34
N LEU A 24 -0.90 -0.93 8.92
CA LEU A 24 0.54 -0.73 8.98
C LEU A 24 1.19 -1.62 10.04
N VAL A 25 2.52 -1.71 10.00
CA VAL A 25 3.29 -2.59 10.89
C VAL A 25 3.20 -2.10 12.34
N SER A 26 3.01 -0.81 12.47
CA SER A 26 2.91 -0.17 13.76
C SER A 26 1.52 -0.40 14.40
N GLY A 27 0.68 -1.20 13.74
CA GLY A 27 -0.64 -1.50 14.26
C GLY A 27 -1.60 -0.37 13.99
N LYS A 28 -1.16 0.56 13.18
CA LYS A 28 -1.96 1.69 12.84
C LYS A 28 -2.74 1.37 11.60
N THR A 29 -4.00 1.65 11.63
CA THR A 29 -4.87 1.30 10.54
C THR A 29 -5.21 2.52 9.74
N LYS A 30 -5.15 2.41 8.44
CA LYS A 30 -5.49 3.55 7.60
C LYS A 30 -6.22 3.02 6.36
N GLU A 31 -7.26 3.71 5.92
CA GLU A 31 -8.10 3.15 4.87
C GLU A 31 -8.41 4.20 3.78
N PHE A 32 -8.25 3.80 2.52
CA PHE A 32 -8.51 4.67 1.37
C PHE A 32 -9.09 3.88 0.22
N LEU A 33 -9.71 4.57 -0.71
CA LEU A 33 -10.16 3.95 -1.93
C LEU A 33 -8.98 3.81 -2.85
N PHE A 34 -8.74 2.62 -3.33
CA PHE A 34 -7.66 2.38 -4.25
C PHE A 34 -8.18 1.67 -5.47
N SER A 35 -7.42 1.71 -6.51
CA SER A 35 -7.76 1.06 -7.70
C SER A 35 -7.30 -0.39 -7.59
N PRO A 36 -8.13 -1.34 -8.02
CA PRO A 36 -7.82 -2.77 -7.94
C PRO A 36 -6.55 -3.18 -8.71
N ASN A 37 -6.08 -2.30 -9.59
CA ASN A 37 -4.87 -2.55 -10.38
C ASN A 37 -3.61 -2.14 -9.63
N ASP A 38 -3.78 -1.50 -8.49
CA ASP A 38 -2.63 -1.09 -7.67
C ASP A 38 -2.09 -2.25 -6.87
N SER A 39 -0.82 -2.20 -6.54
CA SER A 39 -0.19 -3.24 -5.76
C SER A 39 -0.20 -2.88 -4.28
N ALA A 40 -0.76 -3.77 -3.47
CA ALA A 40 -0.92 -3.60 -2.01
C ALA A 40 0.36 -3.15 -1.30
N SER A 41 1.49 -3.72 -1.67
CA SER A 41 2.76 -3.42 -1.03
C SER A 41 3.25 -2.00 -1.41
N ASP A 42 2.94 -1.57 -2.62
CA ASP A 42 3.24 -0.21 -3.08
C ASP A 42 2.37 0.75 -2.29
N ILE A 43 1.12 0.34 -2.14
CA ILE A 43 0.14 1.08 -1.39
C ILE A 43 0.56 1.24 0.07
N ALA A 44 1.08 0.17 0.66
CA ALA A 44 1.60 0.18 2.03
C ALA A 44 2.60 1.32 2.26
N LYS A 45 3.48 1.55 1.29
CA LYS A 45 4.50 2.56 1.41
C LYS A 45 3.79 3.93 1.28
N HIS A 46 2.75 3.97 0.47
CA HIS A 46 1.94 5.17 0.19
C HIS A 46 1.10 5.58 1.42
N VAL A 47 0.36 4.63 1.98
CA VAL A 47 -0.54 4.87 3.12
C VAL A 47 0.19 5.20 4.39
N TYR A 48 1.40 4.63 4.54
CA TYR A 48 2.22 4.81 5.75
C TYR A 48 2.31 6.27 6.18
N ASP A 49 2.62 7.17 5.24
CA ASP A 49 2.72 8.63 5.49
C ASP A 49 3.30 9.29 4.26
N ASN A 50 4.56 9.00 4.06
CA ASN A 50 5.34 9.49 2.94
C ASN A 50 5.19 8.50 1.81
N TRP A 51 4.80 8.96 0.66
CA TRP A 51 4.62 8.06 -0.47
C TRP A 51 5.96 7.71 -1.15
N PRO A 52 6.08 6.46 -1.70
CA PRO A 52 7.35 5.91 -2.27
C PRO A 52 8.01 6.73 -3.41
N MET A 53 7.41 7.83 -3.79
CA MET A 53 7.98 8.68 -4.84
C MET A 53 9.16 9.48 -4.30
N ASP A 54 9.19 9.70 -2.97
CA ASP A 54 10.27 10.46 -2.33
C ASP A 54 11.59 9.71 -2.33
N TRP A 55 11.52 8.38 -2.34
CA TRP A 55 12.70 7.49 -2.42
C TRP A 55 13.52 7.48 -1.10
N GLU A 56 13.41 6.39 -0.37
CA GLU A 56 14.18 6.23 0.87
C GLU A 56 15.48 5.48 0.64
N GLU A 57 16.58 6.15 0.85
CA GLU A 57 17.85 5.51 0.76
C GLU A 57 18.20 4.92 2.12
N GLU A 58 17.95 3.65 2.27
CA GLU A 58 18.23 2.94 3.50
C GLU A 58 19.58 2.25 3.37
N GLN A 59 20.24 2.03 4.49
CA GLN A 59 21.54 1.38 4.52
C GLN A 59 21.40 -0.04 4.00
N VAL A 60 20.54 -0.79 4.63
CA VAL A 60 20.26 -2.12 4.20
C VAL A 60 18.89 -2.16 3.50
N SER A 61 18.92 -2.02 2.22
CA SER A 61 17.71 -2.02 1.44
C SER A 61 17.37 -3.45 1.05
N SER A 62 16.11 -3.74 0.92
CA SER A 62 15.67 -5.07 0.57
C SER A 62 14.39 -4.98 -0.24
N PRO A 63 14.30 -5.67 -1.39
CA PRO A 63 13.08 -5.70 -2.19
C PRO A 63 12.08 -6.74 -1.66
N ASN A 64 12.60 -7.79 -1.06
CA ASN A 64 11.78 -8.94 -0.61
C ASN A 64 11.01 -8.65 0.66
N ILE A 65 11.15 -7.47 1.22
CA ILE A 65 10.45 -7.10 2.43
C ILE A 65 9.00 -6.74 2.16
N LEU A 66 8.65 -6.64 0.89
CA LEU A 66 7.31 -6.31 0.50
C LEU A 66 6.44 -7.55 0.51
N ARG A 67 5.55 -7.63 1.47
CA ARG A 67 4.58 -8.70 1.49
C ARG A 67 3.24 -8.15 1.88
N LEU A 68 2.23 -8.76 1.37
CA LEU A 68 0.91 -8.36 1.66
C LEU A 68 0.15 -9.49 2.29
N ILE A 69 -0.49 -9.20 3.36
CA ILE A 69 -1.31 -10.13 4.04
C ILE A 69 -2.72 -9.82 3.72
N TYR A 70 -3.42 -10.77 3.23
CA TYR A 70 -4.77 -10.58 2.85
C TYR A 70 -5.59 -11.13 3.98
N GLN A 71 -5.77 -10.25 4.95
CA GLN A 71 -6.41 -10.46 6.18
C GLN A 71 -5.62 -11.44 7.08
N GLY A 72 -5.51 -12.69 6.65
CA GLY A 72 -4.82 -13.69 7.45
C GLY A 72 -3.72 -14.45 6.71
N ARG A 73 -3.67 -14.36 5.37
CA ARG A 73 -2.63 -15.12 4.64
C ARG A 73 -1.79 -14.17 3.78
N PHE A 74 -0.52 -14.50 3.60
CA PHE A 74 0.36 -13.72 2.72
C PHE A 74 0.15 -14.21 1.29
N LEU A 75 -0.46 -13.40 0.44
CA LEU A 75 -0.71 -13.84 -0.94
C LEU A 75 0.48 -13.72 -1.87
N HIS A 76 1.17 -12.59 -1.84
CA HIS A 76 2.34 -12.39 -2.68
C HIS A 76 2.98 -11.08 -2.25
N GLY A 77 4.10 -10.73 -2.80
CA GLY A 77 4.79 -9.51 -2.44
C GLY A 77 4.33 -8.25 -3.16
N ASN A 78 3.38 -8.36 -4.08
CA ASN A 78 3.05 -7.20 -4.95
C ASN A 78 1.76 -7.44 -5.74
N VAL A 79 0.95 -8.37 -5.30
CA VAL A 79 -0.24 -8.72 -6.05
C VAL A 79 -1.32 -7.64 -5.90
N THR A 80 -2.09 -7.45 -6.94
CA THR A 80 -3.08 -6.42 -7.00
C THR A 80 -4.34 -6.80 -6.24
N LEU A 81 -5.12 -5.81 -5.84
CA LEU A 81 -6.32 -6.03 -5.06
C LEU A 81 -7.35 -6.78 -5.89
N GLY A 82 -7.40 -6.49 -7.18
CA GLY A 82 -8.31 -7.19 -8.07
C GLY A 82 -8.01 -8.68 -8.10
N ALA A 83 -6.73 -9.01 -8.00
CA ALA A 83 -6.27 -10.39 -8.03
C ALA A 83 -6.56 -11.10 -6.70
N LEU A 84 -6.84 -10.33 -5.66
CA LEU A 84 -7.14 -10.88 -4.33
C LEU A 84 -8.62 -11.28 -4.28
N LYS A 85 -9.28 -11.10 -5.40
CA LYS A 85 -10.72 -11.33 -5.58
C LYS A 85 -11.53 -10.26 -4.90
N LEU A 86 -11.56 -9.09 -5.50
CA LEU A 86 -12.35 -7.99 -5.02
C LEU A 86 -13.22 -7.43 -6.09
N PRO A 87 -14.52 -7.60 -5.94
CA PRO A 87 -15.49 -6.90 -6.76
C PRO A 87 -15.44 -5.41 -6.40
N PHE A 88 -15.81 -4.56 -7.31
CA PHE A 88 -15.74 -3.13 -7.04
C PHE A 88 -16.77 -2.76 -6.00
N GLY A 89 -16.45 -1.83 -5.15
CA GLY A 89 -17.39 -1.40 -4.16
C GLY A 89 -17.34 -2.21 -2.88
N LYS A 90 -16.35 -3.05 -2.74
CA LYS A 90 -16.22 -3.85 -1.55
C LYS A 90 -15.17 -3.26 -0.63
N THR A 91 -15.47 -3.24 0.64
CA THR A 91 -14.55 -2.77 1.63
C THR A 91 -13.76 -3.97 2.13
N THR A 92 -12.47 -3.95 1.92
CA THR A 92 -11.64 -5.06 2.25
C THR A 92 -10.40 -4.62 3.06
N VAL A 93 -10.10 -5.37 4.10
CA VAL A 93 -8.97 -5.07 4.98
C VAL A 93 -7.77 -5.98 4.67
N MET A 94 -6.57 -5.41 4.66
CA MET A 94 -5.35 -6.15 4.45
C MET A 94 -4.33 -5.73 5.46
N HIS A 95 -3.43 -6.62 5.77
CA HIS A 95 -2.36 -6.32 6.69
C HIS A 95 -1.08 -6.24 5.91
N LEU A 96 -0.31 -5.21 6.13
CA LEU A 96 0.89 -5.02 5.36
C LEU A 96 2.11 -5.08 6.23
N VAL A 97 3.15 -5.68 5.71
CA VAL A 97 4.39 -5.75 6.42
C VAL A 97 5.49 -5.07 5.60
N ALA A 98 6.26 -4.24 6.26
CA ALA A 98 7.34 -3.53 5.64
C ALA A 98 8.56 -3.58 6.53
N ARG A 99 9.67 -3.95 5.98
CA ARG A 99 10.91 -4.01 6.72
C ARG A 99 11.93 -3.14 6.03
N GLU A 100 12.61 -2.28 6.79
CA GLU A 100 13.67 -1.38 6.27
C GLU A 100 13.14 -0.25 5.37
N THR A 101 11.92 -0.44 4.85
CA THR A 101 11.26 0.49 3.95
C THR A 101 11.80 0.35 2.51
N LEU A 102 10.92 0.46 1.55
CA LEU A 102 11.27 0.28 0.17
C LEU A 102 11.88 1.56 -0.37
N PRO A 103 13.06 1.47 -0.96
CA PRO A 103 13.73 2.60 -1.59
C PRO A 103 12.99 3.06 -2.84
N GLU A 104 12.84 2.14 -3.78
CA GLU A 104 12.16 2.43 -5.02
C GLU A 104 10.91 1.59 -5.18
N PRO A 105 9.78 2.25 -5.51
CA PRO A 105 8.47 1.61 -5.67
C PRO A 105 8.50 0.34 -6.55
N ASN A 106 9.15 0.42 -7.71
CA ASN A 106 9.25 -0.74 -8.59
C ASN A 106 10.29 -0.53 -9.69
N SER A 107 10.02 0.39 -10.60
CA SER A 107 10.87 0.63 -11.78
C SER A 107 10.41 1.86 -12.54
N GLN A 108 9.72 2.76 -11.87
CA GLN A 108 9.12 3.91 -12.51
C GLN A 108 10.17 4.79 -13.18
N GLY A 109 11.19 5.16 -12.43
CA GLY A 109 12.21 6.07 -12.93
C GLY A 109 11.62 7.38 -13.45
N GLN A 110 10.49 7.76 -12.89
CA GLN A 110 9.80 8.96 -13.28
C GLN A 110 9.42 9.75 -12.08
N ARG A 111 9.49 11.04 -12.22
CA ARG A 111 9.07 11.96 -11.21
C ARG A 111 7.91 12.73 -11.79
N ASN A 112 7.45 13.74 -11.10
CA ASN A 112 6.41 14.58 -11.65
C ASN A 112 6.96 15.37 -12.81
N ARG A 113 6.58 14.95 -13.99
CA ARG A 113 6.99 15.60 -15.20
C ARG A 113 6.32 16.96 -15.27
N GLU A 114 5.06 16.99 -14.87
CA GLU A 114 4.23 18.21 -14.77
C GLU A 114 3.96 18.84 -16.13
N LYS A 115 4.92 19.54 -16.66
CA LYS A 115 4.75 20.27 -17.88
C LYS A 115 6.00 20.17 -18.73
N THR A 116 7.15 20.34 -18.10
CA THR A 116 8.46 20.32 -18.76
C THR A 116 8.67 19.05 -19.61
N GLY A 117 9.06 19.23 -20.85
CA GLY A 117 9.32 18.13 -21.74
C GLY A 117 8.09 17.68 -22.49
N GLU A 118 7.00 17.53 -21.74
CA GLU A 118 5.72 17.09 -22.25
C GLU A 118 5.78 15.68 -22.85
N SER A 119 5.64 14.70 -22.00
CA SER A 119 5.63 13.34 -22.40
C SER A 119 4.22 12.77 -22.29
N ASN A 120 3.52 12.85 -23.39
CA ASN A 120 2.15 12.39 -23.55
C ASN A 120 1.81 12.66 -24.98
N CYS A 121 1.90 13.92 -25.33
CA CYS A 121 1.67 14.39 -26.66
C CYS A 121 2.28 15.78 -26.76
N CYS A 122 3.48 15.86 -27.35
CA CYS A 122 4.20 17.12 -27.54
C CYS A 122 3.30 18.15 -28.22
N VAL A 123 2.87 17.84 -29.41
CA VAL A 123 1.97 18.66 -30.20
C VAL A 123 0.98 17.72 -30.83
N ILE A 124 -0.16 18.23 -31.27
CA ILE A 124 -1.14 17.39 -31.90
C ILE A 124 -0.73 17.01 -33.32
N LEU A 125 0.00 15.94 -33.41
CA LEU A 125 0.47 15.41 -34.64
C LEU A 125 0.28 13.92 -34.57
N SER A 10 -14.42 9.49 -2.83
CA SER A 10 -15.52 9.64 -3.75
C SER A 10 -16.80 9.33 -2.97
N SER A 11 -17.94 9.42 -3.61
CA SER A 11 -19.19 9.10 -2.97
C SER A 11 -19.40 7.60 -2.94
N ASN A 12 -19.28 6.99 -1.76
CA ASN A 12 -19.39 5.54 -1.57
C ASN A 12 -18.20 4.89 -2.32
N VAL A 13 -18.25 3.63 -2.60
CA VAL A 13 -17.18 3.01 -3.31
C VAL A 13 -17.66 2.73 -4.74
N PRO A 14 -17.07 3.40 -5.74
CA PRO A 14 -17.46 3.19 -7.15
C PRO A 14 -17.05 1.82 -7.65
N ALA A 15 -17.79 1.29 -8.61
CA ALA A 15 -17.48 0.04 -9.20
C ALA A 15 -16.39 0.20 -10.23
N ASP A 16 -15.22 0.47 -9.72
CA ASP A 16 -13.98 0.70 -10.45
C ASP A 16 -12.87 0.83 -9.44
N MET A 17 -13.25 1.16 -8.23
CA MET A 17 -12.33 1.34 -7.15
C MET A 17 -12.64 0.33 -6.06
N ILE A 18 -11.68 0.09 -5.21
CA ILE A 18 -11.87 -0.79 -4.08
C ILE A 18 -11.49 -0.03 -2.81
N ASN A 19 -12.26 -0.17 -1.77
CA ASN A 19 -11.98 0.58 -0.56
C ASN A 19 -11.10 -0.27 0.30
N LEU A 20 -9.88 0.11 0.39
CA LEU A 20 -8.90 -0.69 1.03
C LEU A 20 -8.41 -0.08 2.32
N ARG A 21 -8.36 -0.90 3.34
CA ARG A 21 -7.81 -0.49 4.58
C ARG A 21 -6.49 -1.20 4.79
N LEU A 22 -5.48 -0.43 4.93
CA LEU A 22 -4.12 -0.88 5.13
C LEU A 22 -3.78 -0.76 6.60
N ILE A 23 -3.31 -1.82 7.21
CA ILE A 23 -2.95 -1.73 8.59
C ILE A 23 -1.45 -1.68 8.72
N LEU A 24 -0.96 -0.69 9.43
CA LEU A 24 0.46 -0.53 9.64
C LEU A 24 0.90 -1.38 10.84
N VAL A 25 2.17 -1.72 10.88
CA VAL A 25 2.71 -2.56 11.96
C VAL A 25 2.70 -1.86 13.33
N SER A 26 2.46 -0.55 13.31
CA SER A 26 2.33 0.24 14.52
C SER A 26 0.95 -0.03 15.14
N GLY A 27 0.07 -0.67 14.37
CA GLY A 27 -1.26 -0.97 14.84
C GLY A 27 -2.25 0.07 14.39
N LYS A 28 -1.76 1.08 13.73
CA LYS A 28 -2.61 2.12 13.21
C LYS A 28 -3.11 1.76 11.83
N THR A 29 -4.38 1.96 11.61
CA THR A 29 -4.97 1.64 10.36
C THR A 29 -5.08 2.88 9.48
N LYS A 30 -5.02 2.68 8.21
CA LYS A 30 -5.24 3.72 7.24
C LYS A 30 -6.19 3.17 6.22
N GLU A 31 -7.13 3.94 5.77
CA GLU A 31 -8.05 3.44 4.80
C GLU A 31 -8.26 4.52 3.78
N PHE A 32 -8.12 4.17 2.54
CA PHE A 32 -8.28 5.09 1.44
C PHE A 32 -8.87 4.37 0.27
N LEU A 33 -9.47 5.08 -0.63
CA LEU A 33 -9.98 4.47 -1.79
C LEU A 33 -8.82 4.32 -2.76
N PHE A 34 -8.58 3.12 -3.21
CA PHE A 34 -7.50 2.85 -4.13
C PHE A 34 -8.04 2.06 -5.28
N SER A 35 -7.31 2.00 -6.35
CA SER A 35 -7.77 1.26 -7.45
C SER A 35 -7.31 -0.16 -7.26
N PRO A 36 -8.09 -1.13 -7.68
CA PRO A 36 -7.71 -2.53 -7.57
C PRO A 36 -6.44 -2.86 -8.36
N ASN A 37 -6.02 -1.92 -9.20
CA ASN A 37 -4.87 -2.09 -10.05
C ASN A 37 -3.61 -1.55 -9.31
N ASP A 38 -3.81 -0.90 -8.16
CA ASP A 38 -2.69 -0.41 -7.33
C ASP A 38 -1.99 -1.59 -6.68
N SER A 39 -0.73 -1.42 -6.37
CA SER A 39 0.01 -2.45 -5.74
C SER A 39 0.03 -2.29 -4.22
N ALA A 40 -0.47 -3.30 -3.54
CA ALA A 40 -0.67 -3.35 -2.09
C ALA A 40 0.51 -2.84 -1.25
N SER A 41 1.71 -3.34 -1.49
CA SER A 41 2.82 -2.95 -0.64
C SER A 41 3.37 -1.56 -0.99
N ASP A 42 3.09 -1.10 -2.20
CA ASP A 42 3.38 0.28 -2.59
C ASP A 42 2.42 1.17 -1.80
N ILE A 43 1.18 0.70 -1.73
CA ILE A 43 0.15 1.37 -0.98
C ILE A 43 0.51 1.40 0.50
N ALA A 44 1.07 0.30 0.99
CA ALA A 44 1.56 0.21 2.36
C ALA A 44 2.46 1.38 2.71
N LYS A 45 3.36 1.74 1.82
CA LYS A 45 4.24 2.88 2.07
C LYS A 45 3.43 4.18 1.94
N HIS A 46 2.51 4.18 0.97
CA HIS A 46 1.64 5.33 0.70
C HIS A 46 0.85 5.70 1.96
N VAL A 47 0.23 4.71 2.55
CA VAL A 47 -0.56 4.89 3.75
C VAL A 47 0.34 5.10 4.97
N TYR A 48 1.51 4.47 4.94
CA TYR A 48 2.54 4.62 5.97
C TYR A 48 2.91 6.09 6.15
N ASP A 49 3.17 6.76 5.06
CA ASP A 49 3.54 8.16 5.15
C ASP A 49 2.92 8.93 4.02
N ASN A 50 3.37 8.62 2.82
CA ASN A 50 2.94 9.28 1.62
C ASN A 50 3.29 8.37 0.47
N TRP A 51 2.89 8.70 -0.75
CA TRP A 51 3.15 7.86 -1.91
C TRP A 51 4.65 7.65 -2.11
N PRO A 52 5.08 6.38 -2.22
CA PRO A 52 6.47 6.06 -2.49
C PRO A 52 6.84 6.54 -3.87
N MET A 53 7.90 7.30 -3.95
CA MET A 53 8.31 7.89 -5.19
C MET A 53 9.06 6.88 -6.06
N ASP A 54 9.49 5.81 -5.44
CA ASP A 54 10.18 4.73 -6.12
C ASP A 54 9.79 3.44 -5.37
N TRP A 55 10.45 2.33 -5.63
CA TRP A 55 10.13 1.09 -4.96
C TRP A 55 10.87 0.96 -3.65
N GLU A 56 10.17 0.54 -2.65
CA GLU A 56 10.71 0.41 -1.33
C GLU A 56 11.42 -0.90 -1.19
N GLU A 57 12.73 -0.86 -1.14
CA GLU A 57 13.54 -2.03 -0.93
C GLU A 57 14.97 -1.63 -0.53
N GLU A 58 15.76 -2.61 -0.13
CA GLU A 58 17.10 -2.35 0.43
C GLU A 58 18.16 -2.68 -0.63
N GLN A 59 17.89 -2.29 -1.89
CA GLN A 59 18.83 -2.52 -3.01
C GLN A 59 19.06 -4.02 -3.17
N VAL A 60 17.97 -4.73 -3.09
CA VAL A 60 17.94 -6.18 -3.18
C VAL A 60 17.13 -6.62 -4.39
N SER A 61 16.23 -5.74 -4.86
CA SER A 61 15.32 -5.97 -5.99
C SER A 61 14.24 -7.04 -5.68
N SER A 62 14.42 -7.77 -4.58
CA SER A 62 13.50 -8.78 -4.15
C SER A 62 12.31 -8.15 -3.41
N PRO A 63 11.10 -8.26 -4.00
CA PRO A 63 9.87 -7.68 -3.44
C PRO A 63 9.42 -8.30 -2.10
N ASN A 64 9.96 -9.45 -1.73
CA ASN A 64 9.54 -10.15 -0.49
C ASN A 64 9.75 -9.35 0.81
N ILE A 65 10.38 -8.18 0.74
CA ILE A 65 10.50 -7.35 1.92
C ILE A 65 9.23 -6.53 2.11
N LEU A 66 8.57 -6.22 1.02
CA LEU A 66 7.33 -5.50 1.06
C LEU A 66 6.26 -6.44 0.63
N ARG A 67 5.62 -7.06 1.59
CA ARG A 67 4.66 -8.06 1.31
C ARG A 67 3.39 -7.85 2.06
N LEU A 68 2.38 -8.46 1.57
CA LEU A 68 1.07 -8.24 2.05
C LEU A 68 0.48 -9.47 2.67
N ILE A 69 -0.30 -9.24 3.66
CA ILE A 69 -1.01 -10.25 4.33
C ILE A 69 -2.48 -9.99 4.14
N TYR A 70 -3.13 -10.94 3.61
CA TYR A 70 -4.48 -10.85 3.33
C TYR A 70 -5.19 -11.56 4.45
N GLN A 71 -5.48 -10.76 5.48
CA GLN A 71 -6.08 -11.19 6.71
C GLN A 71 -5.13 -12.04 7.58
N GLY A 72 -4.84 -13.25 7.15
CA GLY A 72 -3.93 -14.10 7.91
C GLY A 72 -2.93 -14.81 7.05
N ARG A 73 -2.95 -14.56 5.76
CA ARG A 73 -2.08 -15.25 4.83
C ARG A 73 -1.36 -14.29 3.90
N PHE A 74 -0.11 -14.56 3.63
CA PHE A 74 0.68 -13.75 2.70
C PHE A 74 0.36 -14.24 1.28
N LEU A 75 -0.27 -13.42 0.47
CA LEU A 75 -0.58 -13.86 -0.91
C LEU A 75 0.60 -13.76 -1.84
N HIS A 76 1.27 -12.64 -1.78
CA HIS A 76 2.43 -12.41 -2.59
C HIS A 76 3.01 -11.15 -2.03
N GLY A 77 4.20 -10.78 -2.42
CA GLY A 77 4.78 -9.58 -1.93
C GLY A 77 4.02 -8.33 -2.34
N ASN A 78 3.66 -8.22 -3.57
CA ASN A 78 3.09 -7.01 -4.07
C ASN A 78 2.19 -7.32 -5.24
N VAL A 79 1.08 -7.91 -4.89
CA VAL A 79 0.05 -8.28 -5.83
C VAL A 79 -1.07 -7.23 -5.74
N THR A 80 -1.78 -7.03 -6.82
CA THR A 80 -2.81 -6.01 -6.87
C THR A 80 -4.09 -6.46 -6.16
N LEU A 81 -4.90 -5.51 -5.76
CA LEU A 81 -6.11 -5.80 -5.00
C LEU A 81 -7.13 -6.54 -5.86
N GLY A 82 -7.14 -6.23 -7.16
CA GLY A 82 -8.02 -6.93 -8.08
C GLY A 82 -7.64 -8.39 -8.17
N ALA A 83 -6.33 -8.64 -8.12
CA ALA A 83 -5.78 -9.98 -8.19
C ALA A 83 -6.06 -10.75 -6.89
N LEU A 84 -6.45 -10.02 -5.84
CA LEU A 84 -6.80 -10.59 -4.55
C LEU A 84 -8.25 -11.09 -4.55
N LYS A 85 -8.89 -11.05 -5.74
CA LYS A 85 -10.30 -11.47 -5.97
C LYS A 85 -11.29 -10.42 -5.47
N LEU A 86 -10.80 -9.24 -5.12
CA LEU A 86 -11.65 -8.15 -4.64
C LEU A 86 -12.50 -7.53 -5.75
N PRO A 87 -13.83 -7.60 -5.60
CA PRO A 87 -14.76 -6.93 -6.48
C PRO A 87 -14.81 -5.44 -6.15
N PHE A 88 -15.26 -4.66 -7.09
CA PHE A 88 -15.28 -3.22 -6.90
C PHE A 88 -16.45 -2.85 -6.00
N GLY A 89 -16.35 -1.70 -5.36
CA GLY A 89 -17.44 -1.23 -4.53
C GLY A 89 -17.50 -1.88 -3.17
N LYS A 90 -16.49 -2.62 -2.83
CA LYS A 90 -16.44 -3.28 -1.55
C LYS A 90 -15.32 -2.75 -0.70
N THR A 91 -15.47 -2.89 0.59
CA THR A 91 -14.49 -2.48 1.54
C THR A 91 -13.75 -3.70 2.09
N THR A 92 -12.46 -3.70 2.00
CA THR A 92 -11.67 -4.82 2.47
C THR A 92 -10.42 -4.37 3.27
N VAL A 93 -10.10 -5.11 4.32
CA VAL A 93 -8.97 -4.80 5.17
C VAL A 93 -7.77 -5.72 4.86
N MET A 94 -6.58 -5.18 4.92
CA MET A 94 -5.38 -5.93 4.68
C MET A 94 -4.32 -5.57 5.69
N HIS A 95 -3.44 -6.49 5.94
CA HIS A 95 -2.36 -6.29 6.86
C HIS A 95 -1.08 -6.25 6.04
N LEU A 96 -0.25 -5.27 6.24
CA LEU A 96 0.94 -5.13 5.42
C LEU A 96 2.20 -5.22 6.24
N VAL A 97 3.22 -5.82 5.68
CA VAL A 97 4.51 -5.92 6.34
C VAL A 97 5.61 -5.45 5.37
N ALA A 98 6.49 -4.64 5.86
CA ALA A 98 7.60 -4.19 5.07
C ALA A 98 8.87 -4.29 5.86
N ARG A 99 9.89 -4.74 5.22
CA ARG A 99 11.15 -4.93 5.84
C ARG A 99 12.13 -4.07 5.12
N GLU A 100 12.96 -3.37 5.87
CA GLU A 100 13.97 -2.48 5.31
C GLU A 100 13.27 -1.35 4.54
N THR A 101 12.05 -1.01 4.96
CA THR A 101 11.27 -0.04 4.27
C THR A 101 11.87 1.35 4.49
N LEU A 102 11.66 2.22 3.57
CA LEU A 102 12.24 3.53 3.63
C LEU A 102 11.26 4.55 4.17
N PRO A 103 11.74 5.48 4.99
CA PRO A 103 10.93 6.60 5.48
C PRO A 103 10.76 7.63 4.34
N GLU A 104 10.57 8.89 4.68
CA GLU A 104 10.45 9.89 3.64
C GLU A 104 11.80 10.18 3.00
N PRO A 105 11.84 10.27 1.68
CA PRO A 105 13.08 10.61 0.96
C PRO A 105 13.37 12.11 1.03
N ASN A 106 12.45 12.85 1.68
CA ASN A 106 12.51 14.33 1.82
C ASN A 106 12.20 15.03 0.51
N SER A 107 12.09 14.26 -0.55
CA SER A 107 11.80 14.79 -1.87
C SER A 107 10.29 14.97 -2.08
N GLN A 108 9.52 14.63 -1.06
CA GLN A 108 8.08 14.72 -1.17
C GLN A 108 7.55 16.10 -0.86
N GLY A 109 7.94 16.68 0.28
CA GLY A 109 7.46 18.02 0.67
C GLY A 109 5.93 18.08 0.77
N GLN A 110 5.32 16.92 0.90
CA GLN A 110 3.91 16.79 0.94
C GLN A 110 3.43 16.36 2.31
N ARG A 111 2.49 17.13 2.84
CA ARG A 111 1.87 16.80 4.09
C ARG A 111 0.90 15.67 3.81
N ASN A 112 -0.02 15.95 2.88
CA ASN A 112 -1.04 15.00 2.45
C ASN A 112 -1.89 15.60 1.33
N ARG A 113 -2.37 16.83 1.53
CA ARG A 113 -3.26 17.50 0.57
C ARG A 113 -2.62 17.66 -0.80
N GLU A 114 -1.40 18.20 -0.82
CA GLU A 114 -0.59 18.36 -2.04
C GLU A 114 -1.21 19.40 -2.99
N LYS A 115 -2.26 19.01 -3.68
CA LYS A 115 -2.88 19.83 -4.69
C LYS A 115 -4.38 19.58 -4.70
N THR A 116 -5.17 20.66 -4.77
CA THR A 116 -6.64 20.60 -4.79
C THR A 116 -7.22 20.26 -3.38
N GLY A 117 -6.36 19.84 -2.47
CA GLY A 117 -6.79 19.52 -1.14
C GLY A 117 -6.80 20.77 -0.27
N GLU A 118 -6.19 21.81 -0.77
CA GLU A 118 -6.12 23.10 -0.11
C GLU A 118 -7.51 23.63 0.22
N SER A 119 -7.67 24.08 1.41
CA SER A 119 -8.91 24.64 1.86
C SER A 119 -8.71 26.10 2.22
N ASN A 120 -9.24 26.98 1.41
CA ASN A 120 -9.16 28.39 1.69
C ASN A 120 -10.18 28.71 2.77
N CYS A 121 -9.70 28.97 3.95
CA CYS A 121 -10.53 29.21 5.12
C CYS A 121 -11.38 30.47 4.98
N CYS A 122 -10.94 31.37 4.10
CA CYS A 122 -11.60 32.64 3.85
C CYS A 122 -11.59 33.50 5.10
N VAL A 123 -10.57 34.33 5.21
CA VAL A 123 -10.38 35.14 6.40
C VAL A 123 -11.38 36.29 6.55
N ILE A 124 -12.52 35.96 7.07
CA ILE A 124 -13.54 36.90 7.41
C ILE A 124 -13.82 36.80 8.90
N LEU A 125 -13.40 37.78 9.62
CA LEU A 125 -13.53 37.79 11.06
C LEU A 125 -14.80 38.51 11.44
N SER A 10 -14.90 6.97 6.42
CA SER A 10 -16.10 6.67 5.70
C SER A 10 -15.80 5.71 4.57
N SER A 11 -16.38 4.54 4.64
CA SER A 11 -16.22 3.56 3.61
C SER A 11 -17.39 3.62 2.62
N ASN A 12 -17.20 4.34 1.55
CA ASN A 12 -18.13 4.36 0.45
C ASN A 12 -17.32 4.08 -0.76
N VAL A 13 -17.74 3.15 -1.55
CA VAL A 13 -16.91 2.74 -2.61
C VAL A 13 -17.60 2.93 -3.94
N PRO A 14 -16.99 3.67 -4.86
CA PRO A 14 -17.50 3.77 -6.22
C PRO A 14 -17.30 2.44 -6.93
N ALA A 15 -18.23 2.07 -7.77
CA ALA A 15 -18.14 0.82 -8.48
C ALA A 15 -17.14 0.91 -9.63
N ASP A 16 -15.89 0.98 -9.25
CA ASP A 16 -14.75 1.05 -10.16
C ASP A 16 -13.48 1.01 -9.33
N MET A 17 -13.62 1.49 -8.11
CA MET A 17 -12.51 1.57 -7.18
C MET A 17 -12.74 0.56 -6.07
N ILE A 18 -11.69 0.16 -5.40
CA ILE A 18 -11.80 -0.71 -4.26
C ILE A 18 -11.43 0.04 -2.98
N ASN A 19 -12.22 -0.10 -1.94
CA ASN A 19 -11.98 0.64 -0.71
C ASN A 19 -11.12 -0.20 0.18
N LEU A 20 -9.90 0.17 0.31
CA LEU A 20 -8.96 -0.64 1.01
C LEU A 20 -8.51 0.00 2.31
N ARG A 21 -8.53 -0.79 3.35
CA ARG A 21 -8.03 -0.38 4.59
C ARG A 21 -6.71 -1.10 4.85
N LEU A 22 -5.68 -0.32 5.00
CA LEU A 22 -4.31 -0.77 5.19
C LEU A 22 -3.95 -0.73 6.66
N ILE A 23 -3.49 -1.85 7.20
CA ILE A 23 -3.06 -1.84 8.57
C ILE A 23 -1.55 -1.74 8.60
N LEU A 24 -1.06 -0.67 9.18
CA LEU A 24 0.38 -0.42 9.21
C LEU A 24 1.07 -1.30 10.23
N VAL A 25 2.38 -1.42 10.09
CA VAL A 25 3.22 -2.17 11.03
C VAL A 25 3.26 -1.46 12.38
N SER A 26 2.86 -0.20 12.37
CA SER A 26 2.78 0.61 13.56
C SER A 26 1.53 0.21 14.37
N GLY A 27 0.63 -0.52 13.72
CA GLY A 27 -0.60 -0.96 14.35
C GLY A 27 -1.73 0.00 14.11
N LYS A 28 -1.45 1.03 13.35
CA LYS A 28 -2.46 2.02 13.03
C LYS A 28 -3.16 1.57 11.78
N THR A 29 -4.46 1.61 11.80
CA THR A 29 -5.22 1.21 10.66
C THR A 29 -5.62 2.44 9.88
N LYS A 30 -5.39 2.43 8.60
CA LYS A 30 -5.68 3.57 7.77
C LYS A 30 -6.51 3.12 6.60
N GLU A 31 -7.37 3.96 6.09
CA GLU A 31 -8.21 3.54 5.00
C GLU A 31 -8.27 4.62 3.95
N PHE A 32 -8.07 4.23 2.71
CA PHE A 32 -8.06 5.13 1.57
C PHE A 32 -8.66 4.40 0.38
N LEU A 33 -9.12 5.13 -0.60
CA LEU A 33 -9.67 4.52 -1.77
C LEU A 33 -8.55 4.31 -2.78
N PHE A 34 -8.43 3.10 -3.28
CA PHE A 34 -7.40 2.78 -4.26
C PHE A 34 -8.02 2.03 -5.42
N SER A 35 -7.25 1.78 -6.42
CA SER A 35 -7.74 1.06 -7.55
C SER A 35 -7.32 -0.38 -7.42
N PRO A 36 -8.11 -1.32 -7.97
CA PRO A 36 -7.76 -2.75 -7.94
C PRO A 36 -6.44 -3.04 -8.70
N ASN A 37 -5.99 -2.02 -9.45
CA ASN A 37 -4.74 -2.06 -10.22
C ASN A 37 -3.52 -1.80 -9.32
N ASP A 38 -3.75 -1.17 -8.18
CA ASP A 38 -2.66 -0.84 -7.24
C ASP A 38 -2.05 -2.07 -6.60
N SER A 39 -0.81 -1.97 -6.21
CA SER A 39 -0.13 -3.06 -5.57
C SER A 39 -0.11 -2.83 -4.06
N ALA A 40 -0.74 -3.76 -3.32
CA ALA A 40 -0.98 -3.70 -1.86
C ALA A 40 0.24 -3.27 -1.02
N SER A 41 1.37 -3.91 -1.21
CA SER A 41 2.54 -3.62 -0.39
C SER A 41 3.14 -2.25 -0.71
N ASP A 42 2.94 -1.78 -1.94
CA ASP A 42 3.36 -0.42 -2.34
C ASP A 42 2.48 0.56 -1.61
N ILE A 43 1.20 0.20 -1.58
CA ILE A 43 0.19 0.98 -0.91
C ILE A 43 0.51 1.12 0.57
N ALA A 44 0.99 0.03 1.17
CA ALA A 44 1.41 0.01 2.58
C ALA A 44 2.36 1.15 2.88
N LYS A 45 3.26 1.41 1.96
CA LYS A 45 4.19 2.50 2.07
C LYS A 45 3.46 3.85 1.86
N HIS A 46 2.61 3.87 0.84
CA HIS A 46 1.83 5.06 0.45
C HIS A 46 0.91 5.56 1.58
N VAL A 47 0.29 4.62 2.28
CA VAL A 47 -0.58 4.93 3.39
C VAL A 47 0.21 5.28 4.64
N TYR A 48 1.38 4.66 4.77
CA TYR A 48 2.28 4.84 5.91
C TYR A 48 2.69 6.33 6.02
N ASP A 49 3.14 6.91 4.91
CA ASP A 49 3.49 8.34 4.83
C ASP A 49 3.96 8.74 3.43
N ASN A 50 3.01 9.15 2.60
CA ASN A 50 3.26 9.65 1.23
C ASN A 50 3.65 8.49 0.28
N TRP A 51 3.71 8.76 -1.01
CA TRP A 51 4.09 7.77 -1.97
C TRP A 51 5.60 7.49 -1.92
N PRO A 52 5.98 6.21 -1.72
CA PRO A 52 7.38 5.82 -1.58
C PRO A 52 8.21 6.11 -2.83
N MET A 53 7.68 5.68 -3.99
CA MET A 53 8.32 5.86 -5.29
C MET A 53 9.57 5.01 -5.45
N ASP A 54 10.59 5.28 -4.66
CA ASP A 54 11.87 4.58 -4.78
C ASP A 54 12.78 4.96 -3.63
N TRP A 55 12.73 6.21 -3.24
CA TRP A 55 13.56 6.71 -2.17
C TRP A 55 12.94 6.41 -0.82
N GLU A 56 13.29 5.29 -0.29
CA GLU A 56 12.83 4.85 1.00
C GLU A 56 14.04 4.69 1.89
N GLU A 57 13.86 4.13 3.08
CA GLU A 57 14.99 3.92 3.93
C GLU A 57 15.78 2.75 3.37
N GLU A 58 17.12 2.91 3.32
CA GLU A 58 18.05 1.96 2.68
C GLU A 58 17.90 2.03 1.15
N GLN A 59 17.09 3.00 0.70
CA GLN A 59 16.74 3.21 -0.70
C GLN A 59 16.00 2.01 -1.27
N VAL A 60 16.74 1.04 -1.73
CA VAL A 60 16.18 -0.17 -2.25
C VAL A 60 16.83 -1.38 -1.58
N SER A 61 16.27 -1.75 -0.45
CA SER A 61 16.75 -2.87 0.33
C SER A 61 16.66 -4.16 -0.48
N SER A 62 15.45 -4.46 -0.91
CA SER A 62 15.12 -5.62 -1.71
C SER A 62 13.63 -5.60 -1.95
N PRO A 63 13.12 -6.27 -2.98
CA PRO A 63 11.69 -6.37 -3.22
C PRO A 63 11.03 -7.30 -2.21
N ASN A 64 11.86 -8.11 -1.56
CA ASN A 64 11.39 -9.10 -0.61
C ASN A 64 10.97 -8.48 0.69
N ILE A 65 11.13 -7.17 0.82
CA ILE A 65 10.67 -6.50 2.00
C ILE A 65 9.18 -6.22 1.89
N LEU A 66 8.64 -6.41 0.69
CA LEU A 66 7.24 -6.19 0.44
C LEU A 66 6.46 -7.47 0.56
N ARG A 67 5.68 -7.55 1.61
CA ARG A 67 4.77 -8.65 1.85
C ARG A 67 3.41 -8.10 2.18
N LEU A 68 2.41 -8.92 2.07
CA LEU A 68 1.06 -8.52 2.37
C LEU A 68 0.29 -9.68 2.92
N ILE A 69 -0.58 -9.40 3.82
CA ILE A 69 -1.41 -10.40 4.42
C ILE A 69 -2.84 -10.10 4.10
N TYR A 70 -3.47 -10.99 3.42
CA TYR A 70 -4.83 -10.81 3.06
C TYR A 70 -5.70 -11.62 3.99
N GLN A 71 -6.01 -10.98 5.13
CA GLN A 71 -6.87 -11.54 6.16
C GLN A 71 -6.52 -13.00 6.49
N GLY A 72 -5.38 -13.19 7.11
CA GLY A 72 -4.95 -14.51 7.42
C GLY A 72 -3.55 -14.83 6.91
N ARG A 73 -3.41 -15.00 5.59
CA ARG A 73 -2.12 -15.45 5.04
C ARG A 73 -1.48 -14.41 4.11
N PHE A 74 -0.21 -14.62 3.83
CA PHE A 74 0.56 -13.76 2.93
C PHE A 74 0.34 -14.28 1.51
N LEU A 75 -0.31 -13.51 0.67
CA LEU A 75 -0.61 -14.00 -0.69
C LEU A 75 0.55 -13.90 -1.66
N HIS A 76 1.21 -12.77 -1.71
CA HIS A 76 2.27 -12.53 -2.68
C HIS A 76 2.88 -11.19 -2.36
N GLY A 77 4.13 -11.00 -2.68
CA GLY A 77 4.86 -9.77 -2.35
C GLY A 77 4.49 -8.52 -3.16
N ASN A 78 3.53 -8.64 -4.08
CA ASN A 78 3.26 -7.56 -5.04
C ASN A 78 1.94 -7.82 -5.79
N VAL A 79 1.03 -8.52 -5.16
CA VAL A 79 -0.21 -8.85 -5.82
C VAL A 79 -1.22 -7.68 -5.67
N THR A 80 -1.97 -7.46 -6.72
CA THR A 80 -2.93 -6.37 -6.76
C THR A 80 -4.22 -6.74 -6.05
N LEU A 81 -4.99 -5.72 -5.67
CA LEU A 81 -6.23 -5.92 -4.94
C LEU A 81 -7.27 -6.65 -5.77
N GLY A 82 -7.27 -6.43 -7.08
CA GLY A 82 -8.22 -7.11 -7.95
C GLY A 82 -7.93 -8.59 -8.01
N ALA A 83 -6.66 -8.93 -7.88
CA ALA A 83 -6.19 -10.31 -7.88
C ALA A 83 -6.53 -11.00 -6.57
N LEU A 84 -6.88 -10.21 -5.57
CA LEU A 84 -7.28 -10.72 -4.26
C LEU A 84 -8.75 -11.15 -4.30
N LYS A 85 -9.29 -11.21 -5.52
CA LYS A 85 -10.68 -11.59 -5.80
C LYS A 85 -11.64 -10.53 -5.28
N LEU A 86 -11.11 -9.35 -5.03
CA LEU A 86 -11.90 -8.25 -4.51
C LEU A 86 -12.63 -7.53 -5.61
N PRO A 87 -13.95 -7.50 -5.54
CA PRO A 87 -14.75 -6.78 -6.49
C PRO A 87 -14.80 -5.30 -6.12
N PHE A 88 -14.71 -4.44 -7.10
CA PHE A 88 -14.79 -3.03 -6.87
C PHE A 88 -16.16 -2.59 -6.41
N GLY A 89 -16.19 -1.55 -5.63
CA GLY A 89 -17.41 -1.10 -5.04
C GLY A 89 -17.63 -1.70 -3.66
N LYS A 90 -16.63 -2.44 -3.17
CA LYS A 90 -16.74 -3.07 -1.85
C LYS A 90 -15.55 -2.64 -0.97
N THR A 91 -15.67 -2.87 0.34
CA THR A 91 -14.64 -2.47 1.29
C THR A 91 -13.86 -3.69 1.78
N THR A 92 -12.55 -3.60 1.82
CA THR A 92 -11.72 -4.69 2.30
C THR A 92 -10.54 -4.17 3.16
N VAL A 93 -10.19 -4.91 4.21
CA VAL A 93 -9.07 -4.58 5.07
C VAL A 93 -7.92 -5.58 4.86
N MET A 94 -6.70 -5.10 4.90
CA MET A 94 -5.55 -5.96 4.74
C MET A 94 -4.50 -5.62 5.75
N HIS A 95 -3.69 -6.59 6.08
CA HIS A 95 -2.61 -6.37 7.01
C HIS A 95 -1.33 -6.32 6.20
N LEU A 96 -0.54 -5.33 6.42
CA LEU A 96 0.67 -5.16 5.65
C LEU A 96 1.88 -5.24 6.51
N VAL A 97 2.94 -5.82 5.98
CA VAL A 97 4.19 -5.93 6.70
C VAL A 97 5.34 -5.50 5.79
N ALA A 98 6.24 -4.71 6.32
CA ALA A 98 7.39 -4.28 5.57
C ALA A 98 8.63 -4.39 6.40
N ARG A 99 9.67 -4.84 5.77
CA ARG A 99 10.96 -4.94 6.38
C ARG A 99 11.69 -3.73 5.83
N GLU A 100 12.51 -3.06 6.63
CA GLU A 100 13.22 -1.84 6.18
C GLU A 100 12.15 -0.82 5.73
N THR A 101 11.15 -0.65 6.58
CA THR A 101 10.01 0.19 6.31
C THR A 101 10.39 1.64 5.96
N LEU A 102 9.43 2.32 5.42
CA LEU A 102 9.53 3.69 4.96
C LEU A 102 9.78 4.61 6.17
N PRO A 103 10.51 5.73 5.99
CA PRO A 103 10.67 6.75 7.04
C PRO A 103 9.30 7.25 7.53
N GLU A 104 9.26 7.75 8.72
CA GLU A 104 8.03 8.13 9.34
C GLU A 104 8.15 9.50 10.00
N PRO A 105 7.04 10.25 10.12
CA PRO A 105 7.02 11.50 10.86
C PRO A 105 7.44 11.22 12.31
N ASN A 106 6.62 10.46 13.01
CA ASN A 106 6.87 10.00 14.36
C ASN A 106 5.79 9.04 14.81
N SER A 107 6.04 7.74 14.58
CA SER A 107 5.19 6.58 14.99
C SER A 107 3.72 6.55 14.48
N GLN A 108 3.06 7.69 14.40
CA GLN A 108 1.64 7.74 14.08
C GLN A 108 1.38 7.60 12.59
N GLY A 109 2.07 8.42 11.80
CA GLY A 109 1.76 8.48 10.38
C GLY A 109 0.34 8.97 10.24
N GLN A 110 0.01 10.00 11.00
CA GLN A 110 -1.35 10.46 11.12
C GLN A 110 -1.90 11.13 9.87
N ARG A 111 -2.99 10.53 9.43
CA ARG A 111 -3.79 10.90 8.28
C ARG A 111 -5.09 10.18 8.45
N ASN A 112 -6.15 10.75 8.00
CA ASN A 112 -7.44 10.07 8.02
C ASN A 112 -7.86 10.02 6.59
N ARG A 113 -9.09 9.66 6.30
CA ARG A 113 -9.51 9.79 4.94
C ARG A 113 -9.67 11.27 4.64
N GLU A 114 -10.14 12.00 5.67
CA GLU A 114 -10.27 13.46 5.68
C GLU A 114 -11.16 13.96 4.53
N LYS A 115 -11.16 15.24 4.25
CA LYS A 115 -12.03 15.76 3.21
C LYS A 115 -11.31 15.63 1.86
N THR A 116 -10.06 15.27 1.91
CA THR A 116 -9.28 15.11 0.73
C THR A 116 -9.36 13.65 0.24
N GLY A 117 -10.27 13.38 -0.67
CA GLY A 117 -10.45 12.03 -1.17
C GLY A 117 -11.49 11.30 -0.36
N GLU A 118 -12.54 12.00 0.00
CA GLU A 118 -13.58 11.44 0.83
C GLU A 118 -14.80 11.00 0.04
N SER A 119 -15.77 10.57 0.77
CA SER A 119 -17.05 10.19 0.29
C SER A 119 -18.03 10.53 1.39
N ASN A 120 -18.66 11.69 1.27
CA ASN A 120 -19.54 12.19 2.32
C ASN A 120 -20.86 11.44 2.31
N CYS A 121 -20.90 10.36 3.05
CA CYS A 121 -22.05 9.51 3.12
C CYS A 121 -22.14 8.88 4.49
N CYS A 122 -23.31 8.41 4.83
CA CYS A 122 -23.53 7.70 6.07
C CYS A 122 -23.22 6.24 5.83
N VAL A 123 -22.15 5.77 6.40
CA VAL A 123 -21.71 4.41 6.14
C VAL A 123 -22.40 3.41 7.03
N ILE A 124 -22.49 2.21 6.55
CA ILE A 124 -23.11 1.15 7.30
C ILE A 124 -22.10 0.01 7.52
N LEU A 125 -21.89 -0.33 8.76
CA LEU A 125 -20.95 -1.36 9.11
C LEU A 125 -21.74 -2.64 9.35
N SER A 10 -11.75 9.56 -1.60
CA SER A 10 -12.55 9.43 -0.43
C SER A 10 -14.03 9.40 -0.85
N SER A 11 -14.94 9.58 0.13
CA SER A 11 -16.39 9.54 -0.10
C SER A 11 -16.84 8.11 -0.41
N ASN A 12 -18.07 7.97 -0.93
CA ASN A 12 -18.63 6.66 -1.29
C ASN A 12 -17.75 5.93 -2.29
N VAL A 13 -17.80 4.63 -2.26
CA VAL A 13 -17.00 3.82 -3.12
C VAL A 13 -17.80 3.51 -4.40
N PRO A 14 -17.36 4.01 -5.57
CA PRO A 14 -18.01 3.72 -6.85
C PRO A 14 -17.67 2.33 -7.33
N ALA A 15 -18.47 1.82 -8.24
CA ALA A 15 -18.17 0.56 -8.84
C ALA A 15 -17.13 0.75 -9.91
N ASP A 16 -15.94 0.96 -9.45
CA ASP A 16 -14.76 1.18 -10.26
C ASP A 16 -13.54 1.17 -9.36
N MET A 17 -13.77 1.57 -8.13
CA MET A 17 -12.73 1.64 -7.14
C MET A 17 -12.98 0.59 -6.07
N ILE A 18 -11.94 0.12 -5.44
CA ILE A 18 -12.09 -0.86 -4.37
C ILE A 18 -11.71 -0.23 -3.01
N ASN A 19 -12.50 -0.47 -2.00
CA ASN A 19 -12.26 0.12 -0.69
C ASN A 19 -11.22 -0.72 0.02
N LEU A 20 -10.05 -0.17 0.21
CA LEU A 20 -8.97 -0.91 0.80
C LEU A 20 -8.50 -0.32 2.10
N ARG A 21 -8.35 -1.19 3.08
CA ARG A 21 -7.82 -0.82 4.34
C ARG A 21 -6.48 -1.50 4.53
N LEU A 22 -5.49 -0.70 4.75
CA LEU A 22 -4.11 -1.12 4.91
C LEU A 22 -3.79 -1.16 6.40
N ILE A 23 -3.32 -2.29 6.88
CA ILE A 23 -2.96 -2.37 8.28
C ILE A 23 -1.46 -2.20 8.38
N LEU A 24 -1.03 -1.24 9.14
CA LEU A 24 0.39 -1.00 9.34
C LEU A 24 0.92 -1.95 10.41
N VAL A 25 2.23 -2.21 10.39
CA VAL A 25 2.85 -3.12 11.35
C VAL A 25 2.79 -2.60 12.78
N SER A 26 2.48 -1.32 12.91
CA SER A 26 2.34 -0.68 14.19
C SER A 26 1.01 -1.08 14.82
N GLY A 27 0.10 -1.60 14.02
CA GLY A 27 -1.19 -1.98 14.51
C GLY A 27 -2.24 -0.97 14.19
N LYS A 28 -1.83 0.17 13.64
CA LYS A 28 -2.80 1.15 13.25
C LYS A 28 -3.29 0.87 11.87
N THR A 29 -4.54 1.04 11.69
CA THR A 29 -5.17 0.78 10.45
C THR A 29 -5.36 2.08 9.68
N LYS A 30 -5.08 2.04 8.41
CA LYS A 30 -5.25 3.22 7.58
C LYS A 30 -6.14 2.81 6.41
N GLU A 31 -7.08 3.63 6.00
CA GLU A 31 -7.98 3.19 4.94
C GLU A 31 -8.22 4.32 3.95
N PHE A 32 -8.08 4.02 2.69
CA PHE A 32 -8.31 4.97 1.62
C PHE A 32 -8.88 4.26 0.44
N LEU A 33 -9.51 4.97 -0.44
CA LEU A 33 -10.03 4.36 -1.61
C LEU A 33 -8.92 4.29 -2.66
N PHE A 34 -8.65 3.09 -3.15
CA PHE A 34 -7.61 2.85 -4.15
C PHE A 34 -8.19 2.07 -5.31
N SER A 35 -7.41 1.87 -6.35
CA SER A 35 -7.93 1.14 -7.47
C SER A 35 -7.51 -0.30 -7.37
N PRO A 36 -8.27 -1.23 -7.96
CA PRO A 36 -7.94 -2.64 -7.95
C PRO A 36 -6.64 -2.94 -8.70
N ASN A 37 -6.15 -1.96 -9.44
CA ASN A 37 -4.97 -2.12 -10.24
C ASN A 37 -3.73 -1.68 -9.50
N ASP A 38 -3.90 -1.08 -8.32
CA ASP A 38 -2.75 -0.64 -7.53
C ASP A 38 -2.12 -1.82 -6.77
N SER A 39 -0.84 -1.73 -6.48
CA SER A 39 -0.14 -2.79 -5.79
C SER A 39 -0.14 -2.53 -4.28
N ALA A 40 -0.67 -3.49 -3.54
CA ALA A 40 -0.84 -3.43 -2.08
C ALA A 40 0.42 -3.00 -1.33
N SER A 41 1.54 -3.61 -1.68
CA SER A 41 2.79 -3.34 -1.02
C SER A 41 3.33 -1.91 -1.26
N ASP A 42 3.07 -1.37 -2.45
CA ASP A 42 3.44 0.02 -2.76
C ASP A 42 2.54 0.94 -1.96
N ILE A 43 1.25 0.60 -1.96
CA ILE A 43 0.21 1.32 -1.24
C ILE A 43 0.56 1.43 0.25
N ALA A 44 1.08 0.35 0.81
CA ALA A 44 1.52 0.29 2.20
C ALA A 44 2.45 1.46 2.54
N LYS A 45 3.30 1.83 1.60
CA LYS A 45 4.21 2.90 1.81
C LYS A 45 3.50 4.25 1.77
N HIS A 46 2.47 4.35 0.91
CA HIS A 46 1.67 5.58 0.81
C HIS A 46 0.78 5.78 2.02
N VAL A 47 0.14 4.73 2.46
CA VAL A 47 -0.73 4.80 3.63
C VAL A 47 0.08 5.11 4.87
N TYR A 48 1.33 4.64 4.88
CA TYR A 48 2.24 4.93 5.96
C TYR A 48 2.68 6.41 5.94
N ASP A 49 3.17 6.91 4.79
CA ASP A 49 3.62 8.33 4.68
C ASP A 49 4.10 8.68 3.26
N ASN A 50 3.70 9.87 2.78
CA ASN A 50 4.04 10.40 1.42
C ASN A 50 3.48 9.41 0.35
N TRP A 51 3.80 9.61 -0.90
CA TRP A 51 3.46 8.65 -1.90
C TRP A 51 4.76 8.09 -2.44
N PRO A 52 4.91 6.79 -2.52
CA PRO A 52 6.12 6.23 -3.04
C PRO A 52 6.04 5.96 -4.53
N MET A 53 7.19 6.00 -5.15
CA MET A 53 7.31 5.54 -6.50
C MET A 53 7.69 4.08 -6.42
N ASP A 54 8.52 3.80 -5.41
CA ASP A 54 9.07 2.50 -5.07
C ASP A 54 9.51 1.75 -6.30
N TRP A 55 10.53 2.28 -6.88
CA TRP A 55 11.07 1.76 -8.10
C TRP A 55 12.30 0.96 -7.78
N GLU A 56 13.10 1.45 -6.88
CA GLU A 56 14.24 0.74 -6.39
C GLU A 56 14.01 0.36 -4.94
N GLU A 57 14.98 -0.25 -4.33
CA GLU A 57 14.87 -0.69 -2.96
C GLU A 57 16.24 -0.45 -2.29
N GLU A 58 16.40 -0.90 -1.06
CA GLU A 58 17.63 -0.76 -0.29
C GLU A 58 18.88 -1.23 -1.05
N GLN A 59 20.03 -0.82 -0.54
CA GLN A 59 21.34 -1.00 -1.18
C GLN A 59 21.59 -2.40 -1.76
N VAL A 60 21.54 -3.42 -0.93
CA VAL A 60 21.74 -4.79 -1.43
C VAL A 60 20.38 -5.47 -1.60
N SER A 61 19.34 -4.72 -1.23
CA SER A 61 17.93 -5.11 -1.36
C SER A 61 17.55 -6.31 -0.45
N SER A 62 16.27 -6.47 -0.25
CA SER A 62 15.66 -7.54 0.51
C SER A 62 14.17 -7.57 0.20
N PRO A 63 13.76 -8.26 -0.87
CA PRO A 63 12.33 -8.28 -1.32
C PRO A 63 11.37 -8.82 -0.27
N ASN A 64 11.92 -9.50 0.73
CA ASN A 64 11.16 -10.05 1.86
C ASN A 64 10.47 -8.91 2.64
N ILE A 65 10.96 -7.69 2.46
CA ILE A 65 10.42 -6.55 3.17
C ILE A 65 9.13 -6.05 2.49
N LEU A 66 8.92 -6.49 1.24
CA LEU A 66 7.72 -6.16 0.49
C LEU A 66 6.86 -7.38 0.34
N ARG A 67 5.95 -7.55 1.26
CA ARG A 67 5.02 -8.63 1.17
C ARG A 67 3.69 -8.23 1.77
N LEU A 68 2.65 -8.72 1.17
CA LEU A 68 1.32 -8.35 1.56
C LEU A 68 0.57 -9.50 2.15
N ILE A 69 -0.22 -9.21 3.12
CA ILE A 69 -1.06 -10.17 3.76
C ILE A 69 -2.49 -9.88 3.38
N TYR A 70 -3.15 -10.85 2.85
CA TYR A 70 -4.50 -10.69 2.46
C TYR A 70 -5.33 -11.31 3.54
N GLN A 71 -5.70 -10.44 4.47
CA GLN A 71 -6.40 -10.70 5.65
C GLN A 71 -5.59 -11.60 6.63
N GLY A 72 -5.36 -12.84 6.26
CA GLY A 72 -4.64 -13.74 7.12
C GLY A 72 -3.26 -14.14 6.62
N ARG A 73 -3.16 -14.46 5.35
CA ARG A 73 -1.90 -14.96 4.79
C ARG A 73 -1.27 -14.09 3.70
N PHE A 74 0.05 -14.28 3.51
CA PHE A 74 0.83 -13.51 2.54
C PHE A 74 0.60 -14.11 1.14
N LEU A 75 -0.02 -13.37 0.26
CA LEU A 75 -0.29 -13.91 -1.09
C LEU A 75 0.91 -13.79 -2.02
N HIS A 76 1.50 -12.62 -2.07
CA HIS A 76 2.56 -12.33 -3.01
C HIS A 76 3.17 -11.00 -2.60
N GLY A 77 4.30 -10.64 -3.13
CA GLY A 77 4.95 -9.40 -2.76
C GLY A 77 4.48 -8.16 -3.52
N ASN A 78 3.55 -8.32 -4.45
CA ASN A 78 3.23 -7.22 -5.37
C ASN A 78 1.95 -7.54 -6.14
N VAL A 79 1.07 -8.31 -5.53
CA VAL A 79 -0.15 -8.67 -6.22
C VAL A 79 -1.21 -7.57 -6.01
N THR A 80 -1.92 -7.25 -7.05
CA THR A 80 -2.88 -6.17 -7.02
C THR A 80 -4.20 -6.59 -6.38
N LEU A 81 -4.96 -5.61 -5.94
CA LEU A 81 -6.24 -5.81 -5.29
C LEU A 81 -7.23 -6.56 -6.19
N GLY A 82 -7.26 -6.20 -7.46
CA GLY A 82 -8.12 -6.86 -8.42
C GLY A 82 -7.83 -8.36 -8.54
N ALA A 83 -6.59 -8.71 -8.31
CA ALA A 83 -6.14 -10.09 -8.37
C ALA A 83 -6.54 -10.85 -7.11
N LEU A 84 -6.92 -10.10 -6.07
CA LEU A 84 -7.32 -10.69 -4.79
C LEU A 84 -8.78 -11.12 -4.84
N LYS A 85 -9.39 -11.00 -6.03
CA LYS A 85 -10.80 -11.31 -6.27
C LYS A 85 -11.67 -10.38 -5.45
N LEU A 86 -11.80 -9.15 -5.89
CA LEU A 86 -12.52 -8.16 -5.12
C LEU A 86 -13.52 -7.43 -5.97
N PRO A 87 -14.79 -7.47 -5.61
CA PRO A 87 -15.80 -6.65 -6.23
C PRO A 87 -15.69 -5.21 -5.68
N PHE A 88 -16.18 -4.28 -6.42
CA PHE A 88 -16.07 -2.87 -6.09
C PHE A 88 -17.08 -2.51 -5.00
N GLY A 89 -16.75 -1.55 -4.19
CA GLY A 89 -17.68 -1.05 -3.20
C GLY A 89 -17.59 -1.73 -1.85
N LYS A 90 -16.87 -2.82 -1.76
CA LYS A 90 -16.77 -3.47 -0.48
C LYS A 90 -15.42 -3.21 0.16
N THR A 91 -15.37 -3.29 1.45
CA THR A 91 -14.17 -3.00 2.19
C THR A 91 -13.29 -4.23 2.28
N THR A 92 -12.12 -4.12 1.73
CA THR A 92 -11.15 -5.16 1.76
C THR A 92 -10.06 -4.75 2.76
N VAL A 93 -9.81 -5.61 3.72
CA VAL A 93 -8.82 -5.31 4.71
C VAL A 93 -7.57 -6.18 4.52
N MET A 94 -6.45 -5.54 4.34
CA MET A 94 -5.21 -6.25 4.16
C MET A 94 -4.23 -5.85 5.19
N HIS A 95 -3.37 -6.74 5.51
CA HIS A 95 -2.33 -6.48 6.48
C HIS A 95 -1.04 -6.34 5.74
N LEU A 96 -0.34 -5.30 5.99
CA LEU A 96 0.87 -5.05 5.25
C LEU A 96 2.05 -5.03 6.16
N VAL A 97 3.12 -5.62 5.71
CA VAL A 97 4.32 -5.59 6.46
C VAL A 97 5.42 -4.98 5.61
N ALA A 98 6.12 -4.03 6.17
CA ALA A 98 7.23 -3.43 5.50
C ALA A 98 8.38 -3.26 6.44
N ARG A 99 9.54 -3.45 5.94
CA ARG A 99 10.75 -3.27 6.69
C ARG A 99 11.67 -2.46 5.84
N GLU A 100 12.53 -1.64 6.44
CA GLU A 100 13.49 -0.80 5.68
C GLU A 100 12.74 0.09 4.69
N THR A 101 11.51 0.43 5.05
CA THR A 101 10.62 1.14 4.20
C THR A 101 11.04 2.59 4.03
N LEU A 102 10.78 3.09 2.87
CA LEU A 102 11.09 4.46 2.54
C LEU A 102 9.84 5.28 2.72
N PRO A 103 9.91 6.34 3.52
CA PRO A 103 8.77 7.23 3.75
C PRO A 103 8.71 8.36 2.71
N GLU A 104 9.56 8.26 1.71
CA GLU A 104 9.64 9.27 0.68
C GLU A 104 10.42 8.77 -0.54
N PRO A 105 9.92 9.07 -1.76
CA PRO A 105 10.65 8.81 -3.01
C PRO A 105 11.97 9.59 -2.98
N ASN A 106 11.80 10.82 -2.67
CA ASN A 106 12.79 11.84 -2.54
C ASN A 106 12.11 12.75 -1.55
N SER A 107 12.74 13.77 -1.05
CA SER A 107 12.09 14.57 -0.03
C SER A 107 10.98 15.48 -0.63
N GLN A 108 9.88 14.86 -1.03
CA GLN A 108 8.74 15.58 -1.52
C GLN A 108 7.84 15.94 -0.37
N GLY A 109 7.66 14.98 0.52
CA GLY A 109 6.86 15.19 1.69
C GLY A 109 5.39 15.36 1.40
N GLN A 110 4.97 15.05 0.17
CA GLN A 110 3.56 15.19 -0.14
C GLN A 110 2.79 13.99 0.37
N ARG A 111 2.02 14.22 1.39
CA ARG A 111 1.12 13.23 1.91
C ARG A 111 -0.29 13.73 1.74
N ASN A 112 -0.35 14.91 1.16
CA ASN A 112 -1.56 15.63 0.88
C ASN A 112 -2.48 14.80 -0.01
N ARG A 113 -3.75 14.86 0.29
CA ARG A 113 -4.78 14.12 -0.40
C ARG A 113 -4.83 14.50 -1.89
N GLU A 114 -4.56 15.79 -2.17
CA GLU A 114 -4.43 16.34 -3.53
C GLU A 114 -5.81 16.25 -4.25
N LYS A 115 -5.91 16.73 -5.49
CA LYS A 115 -7.17 16.76 -6.25
C LYS A 115 -8.13 17.82 -5.73
N THR A 116 -8.59 18.66 -6.63
CA THR A 116 -9.51 19.73 -6.32
C THR A 116 -10.77 19.21 -5.61
N GLY A 117 -10.95 19.63 -4.39
CA GLY A 117 -12.06 19.17 -3.62
C GLY A 117 -11.66 18.84 -2.21
N GLU A 118 -10.42 18.32 -2.05
CA GLU A 118 -9.85 17.95 -0.73
C GLU A 118 -10.69 16.85 -0.07
N SER A 119 -11.33 16.03 -0.92
CA SER A 119 -12.29 15.00 -0.50
C SER A 119 -13.61 15.63 -0.11
N ASN A 120 -14.66 15.16 -0.74
CA ASN A 120 -15.99 15.66 -0.49
C ASN A 120 -16.43 15.32 0.91
N CYS A 121 -16.39 16.28 1.78
CA CYS A 121 -16.81 16.09 3.12
C CYS A 121 -18.31 16.25 3.18
N CYS A 122 -19.01 15.14 3.28
CA CYS A 122 -20.44 15.16 3.32
C CYS A 122 -20.92 15.67 4.66
N VAL A 123 -21.50 16.84 4.65
CA VAL A 123 -22.00 17.48 5.84
C VAL A 123 -23.35 16.85 6.21
N ILE A 124 -24.11 16.52 5.19
CA ILE A 124 -25.41 15.91 5.34
C ILE A 124 -25.54 14.78 4.34
N LEU A 125 -26.62 14.07 4.39
CA LEU A 125 -26.87 13.00 3.46
C LEU A 125 -27.85 13.52 2.42
N SER A 10 -15.74 11.40 0.65
CA SER A 10 -16.08 10.03 0.45
C SER A 10 -17.59 9.88 0.36
N SER A 11 -18.06 9.51 -0.79
CA SER A 11 -19.46 9.31 -0.99
C SER A 11 -19.67 7.97 -1.69
N ASN A 12 -19.85 6.93 -0.88
CA ASN A 12 -20.02 5.55 -1.36
C ASN A 12 -18.73 5.03 -2.00
N VAL A 13 -18.77 3.86 -2.57
CA VAL A 13 -17.64 3.30 -3.24
C VAL A 13 -18.06 2.95 -4.67
N PRO A 14 -17.49 3.61 -5.69
CA PRO A 14 -17.85 3.38 -7.07
C PRO A 14 -17.43 2.03 -7.56
N ALA A 15 -18.23 1.43 -8.43
CA ALA A 15 -17.87 0.18 -8.99
C ALA A 15 -16.89 0.39 -10.12
N ASP A 16 -15.69 0.63 -9.71
CA ASP A 16 -14.54 0.82 -10.57
C ASP A 16 -13.34 0.57 -9.74
N MET A 17 -13.39 1.09 -8.53
CA MET A 17 -12.29 1.03 -7.62
C MET A 17 -12.69 0.38 -6.31
N ILE A 18 -11.73 -0.09 -5.58
CA ILE A 18 -11.97 -0.85 -4.39
C ILE A 18 -11.60 -0.09 -3.10
N ASN A 19 -12.42 -0.24 -2.09
CA ASN A 19 -12.20 0.43 -0.82
C ASN A 19 -11.31 -0.43 0.02
N LEU A 20 -10.10 -0.02 0.18
CA LEU A 20 -9.12 -0.81 0.84
C LEU A 20 -8.61 -0.15 2.10
N ARG A 21 -8.56 -0.92 3.15
CA ARG A 21 -7.98 -0.48 4.36
C ARG A 21 -6.66 -1.18 4.55
N LEU A 22 -5.66 -0.38 4.64
CA LEU A 22 -4.29 -0.82 4.80
C LEU A 22 -3.92 -0.76 6.26
N ILE A 23 -3.52 -1.88 6.81
CA ILE A 23 -3.08 -1.88 8.18
C ILE A 23 -1.58 -1.85 8.20
N LEU A 24 -1.05 -0.82 8.79
CA LEU A 24 0.37 -0.59 8.81
C LEU A 24 1.08 -1.52 9.79
N VAL A 25 2.40 -1.59 9.71
CA VAL A 25 3.22 -2.41 10.61
C VAL A 25 3.25 -1.80 12.00
N SER A 26 2.81 -0.57 12.07
CA SER A 26 2.76 0.18 13.29
C SER A 26 1.47 -0.15 14.05
N GLY A 27 0.59 -0.94 13.42
CA GLY A 27 -0.65 -1.31 14.04
C GLY A 27 -1.75 -0.31 13.75
N LYS A 28 -1.42 0.76 13.08
CA LYS A 28 -2.40 1.78 12.76
C LYS A 28 -3.08 1.44 11.44
N THR A 29 -4.37 1.51 11.45
CA THR A 29 -5.15 1.18 10.28
C THR A 29 -5.55 2.45 9.53
N LYS A 30 -5.32 2.49 8.25
CA LYS A 30 -5.72 3.64 7.44
C LYS A 30 -6.45 3.15 6.21
N GLU A 31 -7.51 3.82 5.84
CA GLU A 31 -8.32 3.34 4.74
C GLU A 31 -8.48 4.41 3.68
N PHE A 32 -8.31 4.04 2.43
CA PHE A 32 -8.41 4.94 1.30
C PHE A 32 -9.01 4.20 0.12
N LEU A 33 -9.55 4.93 -0.83
CA LEU A 33 -10.08 4.31 -2.01
C LEU A 33 -8.95 4.17 -3.03
N PHE A 34 -8.74 2.98 -3.52
CA PHE A 34 -7.70 2.70 -4.51
C PHE A 34 -8.29 1.88 -5.62
N SER A 35 -7.55 1.63 -6.65
CA SER A 35 -8.07 0.85 -7.73
C SER A 35 -7.60 -0.58 -7.55
N PRO A 36 -8.37 -1.55 -8.03
CA PRO A 36 -7.98 -2.97 -7.95
C PRO A 36 -6.70 -3.27 -8.76
N ASN A 37 -6.28 -2.29 -9.58
CA ASN A 37 -5.11 -2.41 -10.44
C ASN A 37 -3.85 -2.01 -9.67
N ASP A 38 -4.05 -1.31 -8.54
CA ASP A 38 -2.92 -0.83 -7.72
C ASP A 38 -2.20 -1.96 -7.02
N SER A 39 -0.95 -1.73 -6.71
CA SER A 39 -0.12 -2.67 -6.03
C SER A 39 -0.18 -2.46 -4.52
N ALA A 40 -0.65 -3.48 -3.82
CA ALA A 40 -0.90 -3.48 -2.36
C ALA A 40 0.29 -3.01 -1.53
N SER A 41 1.45 -3.59 -1.77
CA SER A 41 2.63 -3.28 -0.98
C SER A 41 3.18 -1.86 -1.32
N ASP A 42 2.85 -1.37 -2.52
CA ASP A 42 3.17 0.02 -2.91
C ASP A 42 2.27 0.95 -2.13
N ILE A 43 0.99 0.62 -2.14
CA ILE A 43 -0.03 1.36 -1.43
C ILE A 43 0.33 1.46 0.04
N ALA A 44 0.80 0.35 0.60
CA ALA A 44 1.23 0.25 2.00
C ALA A 44 2.20 1.36 2.36
N LYS A 45 3.02 1.75 1.42
CA LYS A 45 3.98 2.78 1.63
C LYS A 45 3.28 4.13 1.66
N HIS A 46 2.44 4.36 0.65
CA HIS A 46 1.69 5.62 0.51
C HIS A 46 0.77 5.85 1.70
N VAL A 47 0.13 4.81 2.17
CA VAL A 47 -0.76 4.90 3.30
C VAL A 47 0.01 5.06 4.60
N TYR A 48 1.22 4.47 4.65
CA TYR A 48 2.06 4.56 5.84
C TYR A 48 2.32 6.01 6.21
N ASP A 49 2.75 6.81 5.23
CA ASP A 49 3.01 8.26 5.42
C ASP A 49 3.65 8.87 4.21
N ASN A 50 4.79 8.32 3.84
CA ASN A 50 5.58 8.84 2.75
C ASN A 50 5.00 8.33 1.43
N TRP A 51 5.39 8.91 0.34
CA TRP A 51 4.88 8.54 -0.94
C TRP A 51 5.97 7.85 -1.77
N PRO A 52 5.71 6.60 -2.22
CA PRO A 52 6.63 5.85 -3.06
C PRO A 52 7.15 6.60 -4.29
N MET A 53 8.38 7.12 -4.17
CA MET A 53 9.07 7.81 -5.26
C MET A 53 10.57 7.60 -5.14
N ASP A 54 11.08 7.73 -3.94
CA ASP A 54 12.50 7.54 -3.66
C ASP A 54 12.65 6.66 -2.46
N TRP A 55 13.87 6.30 -2.09
CA TRP A 55 14.08 5.50 -0.92
C TRP A 55 15.48 5.70 -0.40
N GLU A 56 15.73 5.21 0.77
CA GLU A 56 17.03 5.23 1.36
C GLU A 56 17.19 3.90 2.07
N GLU A 57 18.03 3.06 1.53
CA GLU A 57 18.15 1.67 1.95
C GLU A 57 19.09 1.45 3.14
N GLU A 58 18.56 0.82 4.18
CA GLU A 58 19.34 0.38 5.33
C GLU A 58 19.18 -1.13 5.51
N GLN A 59 20.17 -1.77 6.12
CA GLN A 59 20.14 -3.21 6.46
C GLN A 59 19.99 -4.13 5.23
N VAL A 60 20.41 -3.65 4.07
CA VAL A 60 20.42 -4.42 2.82
C VAL A 60 18.97 -4.69 2.37
N SER A 61 18.12 -3.69 2.57
CA SER A 61 16.72 -3.79 2.19
C SER A 61 16.54 -4.02 0.69
N SER A 62 16.22 -5.24 0.37
CA SER A 62 16.03 -5.69 -0.97
C SER A 62 14.51 -5.88 -1.20
N PRO A 63 14.03 -6.39 -2.39
CA PRO A 63 12.58 -6.67 -2.64
C PRO A 63 11.95 -7.54 -1.54
N ASN A 64 12.81 -8.18 -0.77
CA ASN A 64 12.45 -9.05 0.36
C ASN A 64 11.57 -8.33 1.37
N ILE A 65 11.65 -7.02 1.40
CA ILE A 65 10.89 -6.23 2.34
C ILE A 65 9.41 -6.08 1.93
N LEU A 66 9.09 -6.47 0.70
CA LEU A 66 7.73 -6.37 0.18
C LEU A 66 6.93 -7.64 0.43
N ARG A 67 5.89 -7.49 1.22
CA ARG A 67 4.94 -8.55 1.53
C ARG A 67 3.58 -7.95 1.64
N LEU A 68 2.57 -8.78 1.60
CA LEU A 68 1.23 -8.35 1.87
C LEU A 68 0.46 -9.46 2.51
N ILE A 69 -0.45 -9.11 3.35
CA ILE A 69 -1.28 -10.06 4.03
C ILE A 69 -2.71 -9.82 3.64
N TYR A 70 -3.37 -10.84 3.24
CA TYR A 70 -4.74 -10.71 2.88
C TYR A 70 -5.53 -11.18 4.05
N GLN A 71 -5.64 -10.23 4.97
CA GLN A 71 -6.25 -10.30 6.25
C GLN A 71 -5.68 -11.35 7.23
N GLY A 72 -5.31 -12.52 6.76
CA GLY A 72 -4.72 -13.53 7.62
C GLY A 72 -3.37 -14.02 7.11
N ARG A 73 -3.33 -14.45 5.85
CA ARG A 73 -2.10 -14.99 5.26
C ARG A 73 -1.45 -14.08 4.21
N PHE A 74 -0.17 -14.35 3.92
CA PHE A 74 0.60 -13.57 2.97
C PHE A 74 0.39 -14.19 1.58
N LEU A 75 -0.25 -13.49 0.68
CA LEU A 75 -0.49 -14.08 -0.65
C LEU A 75 0.71 -13.99 -1.55
N HIS A 76 1.29 -12.81 -1.61
CA HIS A 76 2.42 -12.53 -2.47
C HIS A 76 3.11 -11.30 -1.95
N GLY A 77 4.20 -10.93 -2.59
CA GLY A 77 4.91 -9.73 -2.24
C GLY A 77 4.34 -8.50 -2.91
N ASN A 78 3.34 -8.70 -3.78
CA ASN A 78 2.65 -7.64 -4.50
C ASN A 78 1.66 -8.23 -5.49
N VAL A 79 0.55 -8.63 -4.99
CA VAL A 79 -0.53 -9.07 -5.80
C VAL A 79 -1.56 -7.95 -5.80
N THR A 80 -2.26 -7.75 -6.89
CA THR A 80 -3.19 -6.65 -6.97
C THR A 80 -4.48 -6.96 -6.24
N LEU A 81 -5.20 -5.91 -5.86
CA LEU A 81 -6.41 -6.05 -5.13
C LEU A 81 -7.50 -6.74 -5.96
N GLY A 82 -7.49 -6.48 -7.27
CA GLY A 82 -8.43 -7.15 -8.15
C GLY A 82 -8.13 -8.63 -8.25
N ALA A 83 -6.86 -8.97 -8.11
CA ALA A 83 -6.40 -10.35 -8.13
C ALA A 83 -6.81 -11.07 -6.85
N LEU A 84 -7.20 -10.30 -5.83
CA LEU A 84 -7.63 -10.87 -4.55
C LEU A 84 -9.10 -11.29 -4.64
N LYS A 85 -9.67 -11.16 -5.84
CA LYS A 85 -11.07 -11.52 -6.15
C LYS A 85 -12.04 -10.53 -5.52
N LEU A 86 -11.58 -9.31 -5.31
CA LEU A 86 -12.42 -8.29 -4.69
C LEU A 86 -13.42 -7.74 -5.67
N PRO A 87 -14.70 -7.73 -5.31
CA PRO A 87 -15.70 -7.05 -6.09
C PRO A 87 -15.57 -5.55 -5.84
N PHE A 88 -15.85 -4.76 -6.85
CA PHE A 88 -15.72 -3.32 -6.71
C PHE A 88 -16.79 -2.81 -5.76
N GLY A 89 -16.48 -1.79 -5.00
CA GLY A 89 -17.46 -1.23 -4.11
C GLY A 89 -17.48 -1.87 -2.74
N LYS A 90 -16.61 -2.82 -2.52
CA LYS A 90 -16.57 -3.52 -1.25
C LYS A 90 -15.43 -2.98 -0.40
N THR A 91 -15.64 -2.93 0.90
CA THR A 91 -14.60 -2.51 1.79
C THR A 91 -13.76 -3.72 2.16
N THR A 92 -12.51 -3.66 1.82
CA THR A 92 -11.60 -4.73 2.07
C THR A 92 -10.52 -4.31 3.07
N VAL A 93 -10.24 -5.15 4.03
CA VAL A 93 -9.21 -4.88 5.00
C VAL A 93 -8.01 -5.83 4.81
N MET A 94 -6.82 -5.27 4.77
CA MET A 94 -5.62 -6.05 4.56
C MET A 94 -4.54 -5.63 5.52
N HIS A 95 -3.66 -6.54 5.83
CA HIS A 95 -2.54 -6.23 6.70
C HIS A 95 -1.31 -6.15 5.82
N LEU A 96 -0.48 -5.17 6.02
CA LEU A 96 0.70 -5.02 5.18
C LEU A 96 1.93 -4.99 6.03
N VAL A 97 2.96 -5.69 5.60
CA VAL A 97 4.20 -5.69 6.34
C VAL A 97 5.37 -5.31 5.47
N ALA A 98 6.18 -4.44 5.98
CA ALA A 98 7.38 -4.00 5.32
C ALA A 98 8.49 -3.99 6.33
N ARG A 99 9.63 -4.53 5.97
CA ARG A 99 10.78 -4.48 6.85
C ARG A 99 11.52 -3.20 6.55
N GLU A 100 11.92 -2.47 7.60
CA GLU A 100 12.62 -1.16 7.51
C GLU A 100 11.70 -0.05 7.06
N THR A 101 10.90 -0.35 6.07
CA THR A 101 9.91 0.51 5.51
C THR A 101 10.51 1.63 4.65
N LEU A 102 10.78 1.28 3.42
CA LEU A 102 11.30 2.21 2.42
C LEU A 102 10.12 2.97 1.84
N PRO A 103 10.27 4.26 1.53
CA PRO A 103 9.19 5.05 0.91
C PRO A 103 8.70 4.42 -0.39
N GLU A 104 9.61 4.16 -1.31
CA GLU A 104 9.29 3.46 -2.54
C GLU A 104 9.18 1.95 -2.22
N PRO A 105 8.31 1.17 -2.93
CA PRO A 105 8.20 -0.28 -2.73
C PRO A 105 9.56 -0.95 -2.88
N ASN A 106 10.06 -0.92 -4.11
CA ASN A 106 11.38 -1.34 -4.50
C ASN A 106 11.46 -1.21 -5.99
N SER A 107 11.69 0.01 -6.41
CA SER A 107 11.81 0.41 -7.80
C SER A 107 10.52 0.26 -8.65
N GLN A 108 10.05 -0.96 -8.80
CA GLN A 108 8.95 -1.24 -9.72
C GLN A 108 7.64 -1.11 -8.99
N GLY A 109 7.56 -1.78 -7.86
CA GLY A 109 6.35 -1.81 -7.09
C GLY A 109 6.02 -3.22 -6.71
N GLN A 110 6.38 -4.12 -7.59
CA GLN A 110 6.14 -5.51 -7.38
C GLN A 110 7.34 -6.13 -6.68
N ARG A 111 7.06 -7.14 -5.88
CA ARG A 111 8.06 -7.97 -5.21
C ARG A 111 9.10 -8.41 -6.22
N ASN A 112 8.62 -9.10 -7.22
CA ASN A 112 9.38 -9.62 -8.31
C ASN A 112 8.40 -10.26 -9.25
N ARG A 113 8.78 -10.41 -10.49
CA ARG A 113 7.95 -11.06 -11.48
C ARG A 113 7.73 -12.51 -11.10
N GLU A 114 8.77 -13.08 -10.44
CA GLU A 114 8.83 -14.46 -9.96
C GLU A 114 9.11 -15.41 -11.12
N LYS A 115 9.75 -16.54 -10.82
CA LYS A 115 10.11 -17.52 -11.85
C LYS A 115 8.87 -17.95 -12.60
N THR A 116 7.85 -18.30 -11.86
CA THR A 116 6.58 -18.54 -12.43
C THR A 116 5.82 -17.22 -12.42
N GLY A 117 5.97 -16.45 -13.47
CA GLY A 117 5.33 -15.17 -13.52
C GLY A 117 6.03 -14.19 -14.42
N GLU A 118 7.37 -14.31 -14.52
CA GLU A 118 8.13 -13.46 -15.44
C GLU A 118 7.74 -13.72 -16.87
N SER A 119 6.87 -12.85 -17.37
CA SER A 119 6.24 -12.98 -18.66
C SER A 119 5.38 -14.25 -18.64
N ASN A 120 4.12 -14.09 -18.22
CA ASN A 120 3.18 -15.20 -18.07
C ASN A 120 3.09 -16.01 -19.34
N CYS A 121 3.67 -17.19 -19.28
CA CYS A 121 3.74 -18.08 -20.40
C CYS A 121 2.39 -18.61 -20.80
N CYS A 122 2.13 -18.58 -22.07
CA CYS A 122 0.92 -19.13 -22.57
C CYS A 122 1.09 -20.63 -22.79
N VAL A 123 0.84 -21.37 -21.75
CA VAL A 123 0.97 -22.81 -21.79
C VAL A 123 -0.39 -23.47 -21.56
N ILE A 124 -0.75 -24.36 -22.45
CA ILE A 124 -1.98 -25.07 -22.36
C ILE A 124 -1.93 -26.38 -23.16
N LEU A 125 -1.89 -27.48 -22.46
CA LEU A 125 -1.87 -28.79 -23.05
C LEU A 125 -2.29 -29.76 -21.96
N SER A 10 -16.80 11.73 2.90
CA SER A 10 -17.58 10.58 3.23
C SER A 10 -18.53 10.32 2.09
N SER A 11 -18.31 9.28 1.38
CA SER A 11 -19.11 8.97 0.23
C SER A 11 -19.14 7.48 -0.01
N ASN A 12 -19.93 7.06 -0.96
CA ASN A 12 -20.05 5.66 -1.31
C ASN A 12 -18.83 5.28 -2.16
N VAL A 13 -18.48 4.02 -2.19
CA VAL A 13 -17.30 3.61 -2.91
C VAL A 13 -17.65 3.48 -4.40
N PRO A 14 -16.93 4.23 -5.27
CA PRO A 14 -17.19 4.21 -6.71
C PRO A 14 -16.91 2.86 -7.34
N ALA A 15 -17.73 2.45 -8.30
CA ALA A 15 -17.54 1.22 -8.99
C ALA A 15 -16.47 1.37 -10.06
N ASP A 16 -15.28 1.51 -9.56
CA ASP A 16 -14.07 1.68 -10.33
C ASP A 16 -12.95 1.48 -9.35
N MET A 17 -13.22 1.98 -8.15
CA MET A 17 -12.28 1.94 -7.06
C MET A 17 -12.68 0.84 -6.10
N ILE A 18 -11.73 0.38 -5.37
CA ILE A 18 -11.97 -0.56 -4.31
C ILE A 18 -11.56 0.11 -3.00
N ASN A 19 -12.29 -0.07 -1.94
CA ASN A 19 -11.93 0.59 -0.71
C ASN A 19 -11.05 -0.33 0.07
N LEU A 20 -9.92 0.12 0.43
CA LEU A 20 -8.97 -0.72 1.05
C LEU A 20 -8.49 -0.17 2.35
N ARG A 21 -8.46 -1.02 3.36
CA ARG A 21 -7.92 -0.66 4.60
C ARG A 21 -6.59 -1.34 4.75
N LEU A 22 -5.61 -0.53 4.91
CA LEU A 22 -4.22 -0.96 5.04
C LEU A 22 -3.84 -0.96 6.51
N ILE A 23 -3.41 -2.09 7.01
CA ILE A 23 -2.97 -2.15 8.37
C ILE A 23 -1.47 -2.23 8.35
N LEU A 24 -0.83 -1.31 9.01
CA LEU A 24 0.63 -1.32 9.04
C LEU A 24 1.15 -2.05 10.27
N VAL A 25 2.40 -2.51 10.20
CA VAL A 25 3.06 -3.33 11.25
C VAL A 25 3.03 -2.71 12.66
N SER A 26 3.02 -1.41 12.75
CA SER A 26 3.01 -0.73 14.04
C SER A 26 1.57 -0.56 14.57
N GLY A 27 0.62 -1.12 13.86
CA GLY A 27 -0.77 -1.00 14.26
C GLY A 27 -1.37 0.28 13.77
N LYS A 28 -0.79 0.82 12.72
CA LYS A 28 -1.28 2.03 12.14
C LYS A 28 -2.34 1.60 11.18
N THR A 29 -3.48 2.18 11.22
CA THR A 29 -4.53 1.74 10.39
C THR A 29 -5.11 2.86 9.57
N LYS A 30 -5.20 2.66 8.29
CA LYS A 30 -5.80 3.67 7.41
C LYS A 30 -6.62 3.03 6.32
N GLU A 31 -7.67 3.68 5.91
CA GLU A 31 -8.51 3.17 4.87
C GLU A 31 -8.63 4.24 3.81
N PHE A 32 -8.41 3.87 2.57
CA PHE A 32 -8.50 4.80 1.46
C PHE A 32 -9.03 4.11 0.24
N LEU A 33 -9.56 4.88 -0.67
CA LEU A 33 -10.01 4.35 -1.91
C LEU A 33 -8.82 4.15 -2.80
N PHE A 34 -8.64 2.98 -3.30
CA PHE A 34 -7.56 2.70 -4.18
C PHE A 34 -8.07 2.02 -5.40
N SER A 35 -7.30 2.01 -6.41
CA SER A 35 -7.68 1.38 -7.60
C SER A 35 -7.26 -0.07 -7.51
N PRO A 36 -8.08 -1.01 -8.01
CA PRO A 36 -7.74 -2.43 -7.97
C PRO A 36 -6.47 -2.75 -8.80
N ASN A 37 -6.06 -1.76 -9.59
CA ASN A 37 -4.85 -1.81 -10.41
C ASN A 37 -3.61 -1.56 -9.54
N ASP A 38 -3.83 -0.95 -8.38
CA ASP A 38 -2.74 -0.59 -7.47
C ASP A 38 -2.23 -1.81 -6.73
N SER A 39 -0.99 -1.76 -6.32
CA SER A 39 -0.37 -2.85 -5.62
C SER A 39 -0.32 -2.61 -4.09
N ALA A 40 -0.74 -3.62 -3.35
CA ALA A 40 -0.89 -3.59 -1.88
C ALA A 40 0.31 -3.02 -1.09
N SER A 41 1.48 -3.64 -1.23
CA SER A 41 2.64 -3.25 -0.44
C SER A 41 3.21 -1.90 -0.90
N ASP A 42 2.87 -1.53 -2.11
CA ASP A 42 3.16 -0.20 -2.67
C ASP A 42 2.31 0.81 -1.93
N ILE A 43 1.03 0.47 -1.83
CA ILE A 43 0.04 1.26 -1.11
C ILE A 43 0.45 1.42 0.36
N ALA A 44 1.06 0.36 0.94
CA ALA A 44 1.60 0.39 2.31
C ALA A 44 2.48 1.63 2.51
N LYS A 45 3.18 2.04 1.46
CA LYS A 45 3.96 3.26 1.48
C LYS A 45 3.04 4.48 1.54
N HIS A 46 2.08 4.53 0.62
CA HIS A 46 1.15 5.66 0.52
C HIS A 46 0.37 5.88 1.83
N VAL A 47 -0.07 4.81 2.43
CA VAL A 47 -0.84 4.87 3.67
C VAL A 47 0.04 5.14 4.88
N TYR A 48 1.27 4.66 4.84
CA TYR A 48 2.20 4.93 5.92
C TYR A 48 2.58 6.42 5.93
N ASP A 49 2.91 6.96 4.76
CA ASP A 49 3.22 8.40 4.62
C ASP A 49 2.61 9.02 3.39
N ASN A 50 3.34 9.01 2.29
CA ASN A 50 2.89 9.64 1.07
C ASN A 50 3.04 8.61 -0.04
N TRP A 51 2.51 8.90 -1.23
CA TRP A 51 2.59 7.97 -2.34
C TRP A 51 4.05 7.71 -2.69
N PRO A 52 4.40 6.43 -2.89
CA PRO A 52 5.73 6.00 -3.32
C PRO A 52 6.33 6.90 -4.42
N MET A 53 7.23 7.78 -3.99
CA MET A 53 7.90 8.70 -4.89
C MET A 53 9.37 8.80 -4.56
N ASP A 54 9.68 9.23 -3.35
CA ASP A 54 11.08 9.37 -2.96
C ASP A 54 11.47 8.27 -2.00
N TRP A 55 10.99 8.39 -0.76
CA TRP A 55 11.23 7.39 0.30
C TRP A 55 12.69 7.15 0.67
N GLU A 56 12.91 6.27 1.61
CA GLU A 56 14.22 6.04 2.16
C GLU A 56 14.30 4.63 2.75
N GLU A 57 15.51 4.17 2.99
CA GLU A 57 15.76 2.91 3.66
C GLU A 57 16.80 3.17 4.77
N GLU A 58 16.62 2.52 5.92
CA GLU A 58 17.53 2.69 7.06
C GLU A 58 18.95 2.27 6.72
N GLN A 59 19.19 0.98 6.59
CA GLN A 59 20.48 0.53 6.16
C GLN A 59 20.36 -0.12 4.80
N VAL A 60 20.13 -1.41 4.79
CA VAL A 60 19.92 -2.20 3.59
C VAL A 60 19.05 -3.39 3.92
N SER A 61 17.98 -3.54 3.23
CA SER A 61 17.09 -4.64 3.47
C SER A 61 16.77 -5.37 2.18
N SER A 62 16.13 -6.51 2.30
CA SER A 62 15.73 -7.27 1.17
C SER A 62 14.30 -6.87 0.78
N PRO A 63 14.07 -6.43 -0.48
CA PRO A 63 12.72 -6.04 -0.97
C PRO A 63 11.66 -7.15 -0.77
N ASN A 64 12.14 -8.37 -0.52
CA ASN A 64 11.30 -9.53 -0.25
C ASN A 64 10.50 -9.35 1.05
N ILE A 65 10.86 -8.34 1.85
CA ILE A 65 10.15 -8.05 3.07
C ILE A 65 8.85 -7.28 2.79
N LEU A 66 8.74 -6.73 1.58
CA LEU A 66 7.54 -6.04 1.15
C LEU A 66 6.56 -7.08 0.75
N ARG A 67 5.69 -7.42 1.67
CA ARG A 67 4.74 -8.46 1.46
C ARG A 67 3.45 -8.16 2.16
N LEU A 68 2.42 -8.85 1.76
CA LEU A 68 1.10 -8.55 2.21
C LEU A 68 0.42 -9.76 2.78
N ILE A 69 -0.46 -9.52 3.70
CA ILE A 69 -1.26 -10.52 4.30
C ILE A 69 -2.71 -10.22 4.02
N TYR A 70 -3.37 -11.12 3.37
CA TYR A 70 -4.74 -10.94 3.01
C TYR A 70 -5.59 -11.72 3.98
N GLN A 71 -5.53 -11.26 5.24
CA GLN A 71 -6.26 -11.85 6.35
C GLN A 71 -6.00 -13.35 6.51
N GLY A 72 -4.93 -13.67 7.19
CA GLY A 72 -4.59 -15.04 7.41
C GLY A 72 -3.27 -15.43 6.77
N ARG A 73 -3.15 -15.26 5.46
CA ARG A 73 -1.92 -15.66 4.79
C ARG A 73 -1.37 -14.59 3.88
N PHE A 74 -0.11 -14.74 3.50
CA PHE A 74 0.54 -13.86 2.56
C PHE A 74 0.18 -14.37 1.16
N LEU A 75 -0.42 -13.53 0.34
CA LEU A 75 -0.73 -13.98 -1.02
C LEU A 75 0.49 -13.91 -1.91
N HIS A 76 1.17 -12.81 -1.84
CA HIS A 76 2.33 -12.57 -2.63
C HIS A 76 3.02 -11.37 -2.01
N GLY A 77 4.13 -10.95 -2.54
CA GLY A 77 4.83 -9.82 -1.98
C GLY A 77 4.12 -8.51 -2.23
N ASN A 78 3.62 -8.33 -3.41
CA ASN A 78 3.00 -7.10 -3.79
C ASN A 78 2.12 -7.36 -4.98
N VAL A 79 0.99 -7.95 -4.70
CA VAL A 79 -0.01 -8.30 -5.67
C VAL A 79 -1.15 -7.27 -5.60
N THR A 80 -1.84 -7.05 -6.70
CA THR A 80 -2.86 -6.01 -6.80
C THR A 80 -4.16 -6.42 -6.12
N LEU A 81 -4.99 -5.42 -5.81
CA LEU A 81 -6.24 -5.67 -5.14
C LEU A 81 -7.22 -6.38 -6.06
N GLY A 82 -7.17 -6.06 -7.34
CA GLY A 82 -8.00 -6.78 -8.31
C GLY A 82 -7.64 -8.25 -8.37
N ALA A 83 -6.37 -8.54 -8.09
CA ALA A 83 -5.87 -9.90 -8.08
C ALA A 83 -6.35 -10.65 -6.84
N LEU A 84 -6.86 -9.92 -5.84
CA LEU A 84 -7.36 -10.51 -4.60
C LEU A 84 -8.80 -10.98 -4.77
N LYS A 85 -9.31 -10.84 -6.00
CA LYS A 85 -10.70 -11.17 -6.34
C LYS A 85 -11.65 -10.23 -5.60
N LEU A 86 -11.77 -9.01 -6.10
CA LEU A 86 -12.56 -7.99 -5.43
C LEU A 86 -13.46 -7.26 -6.40
N PRO A 87 -14.74 -7.08 -6.06
CA PRO A 87 -15.65 -6.26 -6.83
C PRO A 87 -15.43 -4.79 -6.46
N PHE A 88 -15.77 -3.89 -7.34
CA PHE A 88 -15.56 -2.49 -7.09
C PHE A 88 -16.63 -2.01 -6.13
N GLY A 89 -16.33 -0.99 -5.38
CA GLY A 89 -17.30 -0.45 -4.47
C GLY A 89 -17.34 -1.18 -3.15
N LYS A 90 -16.48 -2.16 -2.99
CA LYS A 90 -16.44 -2.95 -1.79
C LYS A 90 -15.26 -2.56 -0.93
N THR A 91 -15.38 -2.74 0.36
CA THR A 91 -14.32 -2.41 1.29
C THR A 91 -13.60 -3.68 1.73
N THR A 92 -12.31 -3.68 1.59
CA THR A 92 -11.50 -4.81 1.94
C THR A 92 -10.34 -4.38 2.87
N VAL A 93 -10.02 -5.22 3.84
CA VAL A 93 -8.92 -4.94 4.75
C VAL A 93 -7.74 -5.90 4.50
N MET A 94 -6.54 -5.35 4.53
CA MET A 94 -5.33 -6.12 4.33
C MET A 94 -4.30 -5.71 5.34
N HIS A 95 -3.44 -6.61 5.66
CA HIS A 95 -2.36 -6.35 6.58
C HIS A 95 -1.06 -6.33 5.82
N LEU A 96 -0.27 -5.32 6.04
CA LEU A 96 0.95 -5.13 5.29
C LEU A 96 2.13 -5.19 6.20
N VAL A 97 3.17 -5.86 5.79
CA VAL A 97 4.33 -6.00 6.61
C VAL A 97 5.56 -5.45 5.89
N ALA A 98 6.33 -4.67 6.62
CA ALA A 98 7.56 -4.13 6.10
C ALA A 98 8.67 -4.26 7.15
N ARG A 99 9.72 -4.94 6.80
CA ARG A 99 10.88 -5.04 7.66
C ARG A 99 11.78 -3.90 7.36
N GLU A 100 11.90 -3.01 8.35
CA GLU A 100 12.65 -1.79 8.23
C GLU A 100 11.99 -0.92 7.18
N THR A 101 12.37 -1.11 5.94
CA THR A 101 11.78 -0.44 4.77
C THR A 101 12.80 -0.38 3.62
N LEU A 102 12.29 -0.52 2.43
CA LEU A 102 13.00 -0.21 1.21
C LEU A 102 12.34 1.04 0.68
N PRO A 103 12.99 1.83 -0.20
CA PRO A 103 12.41 3.08 -0.67
C PRO A 103 11.04 2.92 -1.36
N GLU A 104 11.03 2.60 -2.64
CA GLU A 104 9.80 2.50 -3.41
C GLU A 104 10.09 1.93 -4.82
N PRO A 105 9.04 1.54 -5.60
CA PRO A 105 9.15 0.98 -6.96
C PRO A 105 10.08 1.74 -7.97
N ASN A 106 9.72 2.97 -8.35
CA ASN A 106 10.41 3.63 -9.50
C ASN A 106 10.11 5.15 -9.54
N SER A 107 9.67 5.67 -8.43
CA SER A 107 9.22 7.03 -8.32
C SER A 107 8.02 7.25 -9.23
N GLN A 108 6.89 6.72 -8.79
CA GLN A 108 5.67 6.76 -9.58
C GLN A 108 5.12 8.14 -9.71
N GLY A 109 4.99 8.81 -8.57
CA GLY A 109 4.43 10.16 -8.58
C GLY A 109 2.96 10.19 -8.96
N GLN A 110 2.33 9.01 -9.01
CA GLN A 110 0.93 8.91 -9.41
C GLN A 110 0.01 9.29 -8.28
N ARG A 111 -0.65 10.39 -8.45
CA ARG A 111 -1.58 10.92 -7.47
C ARG A 111 -2.67 11.71 -8.16
N ASN A 112 -2.86 11.40 -9.42
CA ASN A 112 -3.89 12.00 -10.22
C ASN A 112 -4.94 10.92 -10.50
N ARG A 113 -6.05 11.27 -11.14
CA ARG A 113 -7.06 10.28 -11.44
C ARG A 113 -6.52 9.28 -12.46
N GLU A 114 -5.93 9.81 -13.54
CA GLU A 114 -5.17 9.03 -14.55
C GLU A 114 -5.95 7.88 -15.16
N LYS A 115 -7.24 7.99 -15.20
CA LYS A 115 -8.08 6.97 -15.74
C LYS A 115 -9.15 7.57 -16.60
N THR A 116 -9.65 6.78 -17.51
CA THR A 116 -10.65 7.21 -18.44
C THR A 116 -11.99 7.54 -17.77
N GLY A 117 -12.55 8.67 -18.13
CA GLY A 117 -13.81 9.12 -17.56
C GLY A 117 -13.61 9.98 -16.34
N GLU A 118 -12.78 9.47 -15.42
CA GLU A 118 -12.38 10.13 -14.17
C GLU A 118 -13.47 10.13 -13.09
N SER A 119 -13.45 9.10 -12.25
CA SER A 119 -14.30 8.98 -11.03
C SER A 119 -15.82 8.73 -11.32
N ASN A 120 -16.35 9.27 -12.39
CA ASN A 120 -17.79 9.13 -12.70
C ASN A 120 -18.14 7.81 -13.37
N CYS A 121 -17.14 7.09 -13.81
CA CYS A 121 -17.35 5.80 -14.45
C CYS A 121 -17.73 4.77 -13.40
N CYS A 122 -19.01 4.56 -13.21
CA CYS A 122 -19.51 3.66 -12.20
C CYS A 122 -20.84 3.08 -12.59
N VAL A 123 -20.86 1.82 -12.96
CA VAL A 123 -22.11 1.16 -13.26
C VAL A 123 -22.75 0.68 -11.96
N ILE A 124 -24.03 1.00 -11.80
CA ILE A 124 -24.80 0.69 -10.60
C ILE A 124 -24.20 1.38 -9.36
N LEU A 125 -24.60 2.62 -9.17
CA LEU A 125 -24.19 3.44 -8.05
C LEU A 125 -25.14 4.60 -7.97
N SER A 10 -16.17 10.05 3.75
CA SER A 10 -17.37 9.53 3.17
C SER A 10 -17.32 9.64 1.65
N SER A 11 -17.32 8.53 0.99
CA SER A 11 -17.25 8.50 -0.45
C SER A 11 -17.96 7.26 -0.96
N ASN A 12 -18.74 7.41 -2.01
CA ASN A 12 -19.40 6.28 -2.62
C ASN A 12 -18.39 5.54 -3.44
N VAL A 13 -18.44 4.25 -3.38
CA VAL A 13 -17.53 3.43 -4.07
C VAL A 13 -18.17 2.90 -5.34
N PRO A 14 -17.64 3.28 -6.50
CA PRO A 14 -18.15 2.83 -7.79
C PRO A 14 -17.67 1.42 -8.13
N ALA A 15 -18.21 0.87 -9.20
CA ALA A 15 -17.89 -0.47 -9.68
C ALA A 15 -16.58 -0.46 -10.46
N ASP A 16 -15.71 0.43 -10.11
CA ASP A 16 -14.41 0.56 -10.74
C ASP A 16 -13.31 0.68 -9.68
N MET A 17 -13.73 0.96 -8.44
CA MET A 17 -12.78 1.18 -7.35
C MET A 17 -13.03 0.18 -6.23
N ILE A 18 -12.02 -0.09 -5.46
CA ILE A 18 -12.16 -0.96 -4.31
C ILE A 18 -11.80 -0.22 -3.01
N ASN A 19 -12.54 -0.47 -1.97
CA ASN A 19 -12.31 0.19 -0.69
C ASN A 19 -11.37 -0.63 0.13
N LEU A 20 -10.20 -0.12 0.31
CA LEU A 20 -9.17 -0.85 0.97
C LEU A 20 -8.69 -0.16 2.23
N ARG A 21 -8.58 -0.93 3.27
CA ARG A 21 -8.03 -0.48 4.49
C ARG A 21 -6.67 -1.14 4.67
N LEU A 22 -5.69 -0.32 4.78
CA LEU A 22 -4.30 -0.74 4.94
C LEU A 22 -3.92 -0.67 6.40
N ILE A 23 -3.46 -1.76 6.96
CA ILE A 23 -3.02 -1.75 8.31
C ILE A 23 -1.52 -1.76 8.34
N LEU A 24 -0.94 -0.85 9.07
CA LEU A 24 0.48 -0.75 9.18
C LEU A 24 1.00 -1.70 10.27
N VAL A 25 2.31 -1.93 10.29
CA VAL A 25 2.94 -2.83 11.28
C VAL A 25 2.82 -2.22 12.69
N SER A 26 2.58 -0.92 12.74
CA SER A 26 2.43 -0.18 13.98
C SER A 26 1.07 -0.45 14.61
N GLY A 27 0.19 -1.08 13.87
CA GLY A 27 -1.13 -1.32 14.35
C GLY A 27 -2.05 -0.17 13.97
N LYS A 28 -1.49 0.80 13.26
CA LYS A 28 -2.24 1.95 12.83
C LYS A 28 -2.94 1.66 11.55
N THR A 29 -4.19 2.00 11.48
CA THR A 29 -4.98 1.65 10.35
C THR A 29 -5.40 2.87 9.57
N LYS A 30 -5.33 2.78 8.27
CA LYS A 30 -5.80 3.84 7.39
C LYS A 30 -6.61 3.24 6.26
N GLU A 31 -7.60 3.92 5.80
CA GLU A 31 -8.45 3.38 4.76
C GLU A 31 -8.69 4.44 3.69
N PHE A 32 -8.52 4.07 2.46
CA PHE A 32 -8.69 5.00 1.35
C PHE A 32 -9.28 4.25 0.18
N LEU A 33 -9.86 4.96 -0.73
CA LEU A 33 -10.36 4.35 -1.92
C LEU A 33 -9.18 4.18 -2.88
N PHE A 34 -8.96 2.97 -3.33
CA PHE A 34 -7.86 2.69 -4.24
C PHE A 34 -8.39 1.92 -5.43
N SER A 35 -7.60 1.82 -6.45
CA SER A 35 -8.05 1.09 -7.59
C SER A 35 -7.58 -0.33 -7.47
N PRO A 36 -8.35 -1.30 -7.96
CA PRO A 36 -7.97 -2.71 -7.95
C PRO A 36 -6.69 -2.98 -8.75
N ASN A 37 -6.27 -1.97 -9.51
CA ASN A 37 -5.06 -2.01 -10.32
C ASN A 37 -3.83 -1.74 -9.47
N ASP A 38 -4.03 -1.08 -8.34
CA ASP A 38 -2.93 -0.74 -7.43
C ASP A 38 -2.29 -1.95 -6.77
N SER A 39 -1.06 -1.80 -6.38
CA SER A 39 -0.32 -2.85 -5.71
C SER A 39 -0.36 -2.63 -4.20
N ALA A 40 -0.82 -3.64 -3.46
CA ALA A 40 -0.96 -3.58 -1.98
C ALA A 40 0.33 -3.10 -1.28
N SER A 41 1.46 -3.70 -1.62
CA SER A 41 2.75 -3.35 -1.04
C SER A 41 3.19 -1.91 -1.41
N ASP A 42 2.78 -1.46 -2.59
CA ASP A 42 3.02 -0.07 -3.04
C ASP A 42 2.16 0.87 -2.21
N ILE A 43 0.90 0.49 -2.05
CA ILE A 43 -0.07 1.25 -1.28
C ILE A 43 0.38 1.39 0.17
N ALA A 44 0.96 0.32 0.73
CA ALA A 44 1.51 0.33 2.10
C ALA A 44 2.42 1.53 2.32
N LYS A 45 3.20 1.86 1.31
CA LYS A 45 4.07 3.01 1.36
C LYS A 45 3.29 4.30 1.28
N HIS A 46 2.29 4.31 0.43
CA HIS A 46 1.43 5.48 0.20
C HIS A 46 0.60 5.81 1.46
N VAL A 47 0.07 4.79 2.11
CA VAL A 47 -0.73 4.96 3.31
C VAL A 47 0.13 5.24 4.53
N TYR A 48 1.35 4.68 4.53
CA TYR A 48 2.29 4.84 5.65
C TYR A 48 2.39 6.31 6.10
N ASP A 49 2.59 7.22 5.13
CA ASP A 49 2.64 8.67 5.41
C ASP A 49 2.89 9.43 4.12
N ASN A 50 4.02 9.13 3.51
CA ASN A 50 4.43 9.79 2.27
C ASN A 50 4.08 8.89 1.08
N TRP A 51 4.70 9.13 -0.04
CA TRP A 51 4.49 8.35 -1.23
C TRP A 51 5.77 7.55 -1.54
N PRO A 52 5.64 6.26 -1.94
CA PRO A 52 6.79 5.42 -2.30
C PRO A 52 7.62 6.06 -3.41
N MET A 53 8.81 6.48 -3.04
CA MET A 53 9.69 7.14 -3.95
C MET A 53 10.52 6.13 -4.72
N ASP A 54 10.94 6.52 -5.90
CA ASP A 54 11.70 5.65 -6.78
C ASP A 54 13.07 5.30 -6.20
N TRP A 55 13.74 6.28 -5.63
CA TRP A 55 15.09 6.08 -5.15
C TRP A 55 15.16 5.68 -3.67
N GLU A 56 14.02 5.65 -2.98
CA GLU A 56 14.04 5.38 -1.54
C GLU A 56 14.47 3.96 -1.23
N GLU A 57 13.94 3.02 -2.00
CA GLU A 57 14.13 1.59 -1.81
C GLU A 57 13.55 1.11 -0.49
N GLU A 58 14.29 1.36 0.62
CA GLU A 58 13.98 0.85 1.96
C GLU A 58 13.58 -0.61 1.85
N GLN A 59 14.55 -1.38 1.40
CA GLN A 59 14.39 -2.75 1.04
C GLN A 59 15.79 -3.24 0.72
N VAL A 60 16.47 -2.40 -0.07
CA VAL A 60 17.89 -2.52 -0.41
C VAL A 60 18.31 -3.93 -0.82
N SER A 61 17.99 -4.27 -2.07
CA SER A 61 18.38 -5.53 -2.69
C SER A 61 17.73 -6.77 -2.01
N SER A 62 16.90 -6.54 -1.01
CA SER A 62 16.23 -7.62 -0.33
C SER A 62 14.71 -7.45 -0.49
N PRO A 63 14.14 -7.90 -1.62
CA PRO A 63 12.73 -7.67 -1.94
C PRO A 63 11.77 -8.47 -1.09
N ASN A 64 12.28 -9.49 -0.45
CA ASN A 64 11.48 -10.41 0.36
C ASN A 64 10.80 -9.73 1.55
N ILE A 65 11.24 -8.53 1.89
CA ILE A 65 10.68 -7.82 3.01
C ILE A 65 9.34 -7.16 2.64
N LEU A 66 9.13 -6.96 1.35
CA LEU A 66 7.94 -6.31 0.87
C LEU A 66 6.89 -7.36 0.59
N ARG A 67 5.97 -7.52 1.52
CA ARG A 67 4.93 -8.51 1.40
C ARG A 67 3.62 -7.92 1.82
N LEU A 68 2.57 -8.55 1.41
CA LEU A 68 1.25 -8.10 1.71
C LEU A 68 0.46 -9.23 2.32
N ILE A 69 -0.33 -8.90 3.29
CA ILE A 69 -1.15 -9.86 3.95
C ILE A 69 -2.59 -9.54 3.63
N TYR A 70 -3.28 -10.51 3.14
CA TYR A 70 -4.64 -10.33 2.80
C TYR A 70 -5.47 -10.89 3.91
N GLN A 71 -5.66 -10.03 4.91
CA GLN A 71 -6.35 -10.25 6.11
C GLN A 71 -5.63 -11.26 7.04
N GLY A 72 -5.25 -12.40 6.50
CA GLY A 72 -4.60 -13.41 7.31
C GLY A 72 -3.32 -13.93 6.70
N ARG A 73 -3.33 -14.24 5.42
CA ARG A 73 -2.17 -14.85 4.77
C ARG A 73 -1.48 -13.90 3.80
N PHE A 74 -0.24 -14.21 3.48
CA PHE A 74 0.55 -13.42 2.54
C PHE A 74 0.26 -13.95 1.14
N LEU A 75 -0.35 -13.16 0.30
CA LEU A 75 -0.64 -13.64 -1.05
C LEU A 75 0.54 -13.55 -2.00
N HIS A 76 1.23 -12.42 -1.99
CA HIS A 76 2.33 -12.19 -2.94
C HIS A 76 3.08 -10.96 -2.43
N GLY A 77 4.22 -10.66 -3.00
CA GLY A 77 4.98 -9.48 -2.60
C GLY A 77 4.53 -8.22 -3.30
N ASN A 78 3.55 -8.35 -4.20
CA ASN A 78 3.09 -7.25 -5.06
C ASN A 78 2.00 -7.78 -5.98
N VAL A 79 0.90 -8.15 -5.40
CA VAL A 79 -0.27 -8.55 -6.14
C VAL A 79 -1.29 -7.40 -6.06
N THR A 80 -2.11 -7.27 -7.05
CA THR A 80 -3.08 -6.20 -7.09
C THR A 80 -4.34 -6.57 -6.31
N LEU A 81 -5.10 -5.57 -5.88
CA LEU A 81 -6.31 -5.81 -5.10
C LEU A 81 -7.36 -6.55 -5.94
N GLY A 82 -7.37 -6.28 -7.24
CA GLY A 82 -8.26 -6.97 -8.13
C GLY A 82 -7.94 -8.46 -8.19
N ALA A 83 -6.67 -8.76 -8.06
CA ALA A 83 -6.19 -10.13 -8.08
C ALA A 83 -6.43 -10.82 -6.73
N LEU A 84 -6.73 -10.01 -5.70
CA LEU A 84 -7.06 -10.54 -4.37
C LEU A 84 -8.54 -10.95 -4.35
N LYS A 85 -9.19 -10.77 -5.51
CA LYS A 85 -10.61 -11.13 -5.74
C LYS A 85 -11.59 -10.10 -5.17
N LEU A 86 -11.09 -8.89 -4.82
CA LEU A 86 -11.97 -7.83 -4.30
C LEU A 86 -13.06 -7.41 -5.26
N PRO A 87 -14.31 -7.55 -4.86
CA PRO A 87 -15.43 -7.01 -5.60
C PRO A 87 -15.45 -5.49 -5.40
N PHE A 88 -15.94 -4.77 -6.37
CA PHE A 88 -15.91 -3.31 -6.30
C PHE A 88 -17.02 -2.85 -5.37
N GLY A 89 -16.75 -1.83 -4.61
CA GLY A 89 -17.77 -1.31 -3.72
C GLY A 89 -17.75 -1.90 -2.34
N LYS A 90 -16.88 -2.84 -2.10
CA LYS A 90 -16.79 -3.47 -0.79
C LYS A 90 -15.59 -2.97 -0.02
N THR A 91 -15.68 -3.02 1.29
CA THR A 91 -14.62 -2.62 2.15
C THR A 91 -13.77 -3.83 2.50
N THR A 92 -12.53 -3.80 2.12
CA THR A 92 -11.63 -4.89 2.41
C THR A 92 -10.45 -4.39 3.27
N VAL A 93 -10.09 -5.17 4.27
CA VAL A 93 -9.01 -4.81 5.18
C VAL A 93 -7.79 -5.73 4.97
N MET A 94 -6.61 -5.14 4.93
CA MET A 94 -5.38 -5.88 4.70
C MET A 94 -4.29 -5.46 5.65
N HIS A 95 -3.37 -6.36 5.90
CA HIS A 95 -2.22 -6.07 6.75
C HIS A 95 -1.01 -5.97 5.85
N LEU A 96 -0.19 -4.99 6.05
CA LEU A 96 0.96 -4.82 5.18
C LEU A 96 2.21 -4.84 5.99
N VAL A 97 3.20 -5.58 5.54
CA VAL A 97 4.43 -5.70 6.29
C VAL A 97 5.60 -5.14 5.52
N ALA A 98 6.39 -4.38 6.22
CA ALA A 98 7.61 -3.84 5.70
C ALA A 98 8.67 -4.04 6.74
N ARG A 99 9.87 -4.28 6.31
CA ARG A 99 10.94 -4.49 7.23
C ARG A 99 11.84 -3.30 7.14
N GLU A 100 12.56 -3.01 8.23
CA GLU A 100 13.49 -1.87 8.37
C GLU A 100 14.22 -1.63 7.03
N THR A 101 14.81 -2.70 6.55
CA THR A 101 15.44 -2.80 5.23
C THR A 101 15.79 -4.25 4.94
N LEU A 102 16.94 -4.67 5.39
CA LEU A 102 17.37 -6.04 5.22
C LEU A 102 16.94 -6.87 6.41
N PRO A 103 16.89 -8.22 6.28
CA PRO A 103 16.58 -9.10 7.38
C PRO A 103 17.62 -9.00 8.51
N GLU A 104 17.33 -8.09 9.42
CA GLU A 104 18.13 -7.78 10.61
C GLU A 104 19.61 -7.55 10.34
N PRO A 105 19.97 -6.31 9.97
CA PRO A 105 21.38 -5.96 9.78
C PRO A 105 22.11 -6.00 11.12
N ASN A 106 21.64 -5.16 12.03
CA ASN A 106 22.16 -5.07 13.41
C ASN A 106 21.27 -4.06 14.15
N SER A 107 20.10 -3.79 13.55
CA SER A 107 19.19 -2.75 13.99
C SER A 107 19.91 -1.41 14.19
N GLN A 108 20.32 -0.83 13.06
CA GLN A 108 21.08 0.42 13.04
C GLN A 108 20.13 1.60 13.01
N GLY A 109 18.94 1.36 12.54
CA GLY A 109 18.01 2.43 12.26
C GLY A 109 18.09 2.76 10.80
N GLN A 110 18.59 1.79 10.05
CA GLN A 110 18.78 1.92 8.63
C GLN A 110 17.47 1.66 7.89
N ARG A 111 16.94 2.71 7.33
CA ARG A 111 15.76 2.65 6.51
C ARG A 111 15.75 3.93 5.70
N ASN A 112 14.65 4.30 5.10
CA ASN A 112 14.64 5.53 4.33
C ASN A 112 14.74 6.77 5.23
N ARG A 113 15.21 7.86 4.65
CA ARG A 113 15.44 9.15 5.30
C ARG A 113 14.22 9.68 6.05
N GLU A 114 13.01 9.25 5.65
CA GLU A 114 11.75 9.56 6.34
C GLU A 114 11.26 10.99 5.99
N LYS A 115 10.14 11.04 5.25
CA LYS A 115 9.51 12.30 4.75
C LYS A 115 10.32 12.93 3.62
N THR A 116 11.53 13.29 3.91
CA THR A 116 12.42 13.81 2.93
C THR A 116 13.13 12.64 2.30
N GLY A 117 12.78 12.31 1.09
CA GLY A 117 13.36 11.16 0.44
C GLY A 117 14.78 11.39 0.05
N GLU A 118 15.13 12.60 -0.20
CA GLU A 118 16.46 12.94 -0.60
C GLU A 118 17.09 13.89 0.38
N SER A 119 18.38 13.83 0.47
CA SER A 119 19.14 14.80 1.20
C SER A 119 19.80 15.71 0.19
N ASN A 120 20.48 15.08 -0.78
CA ASN A 120 21.14 15.74 -1.90
C ASN A 120 22.28 16.66 -1.45
N CYS A 121 21.92 17.82 -1.02
CA CYS A 121 22.81 18.86 -0.53
C CYS A 121 21.95 19.82 0.23
N CYS A 122 20.85 20.15 -0.37
CA CYS A 122 19.85 21.00 0.20
C CYS A 122 18.52 20.60 -0.41
N VAL A 123 17.49 20.57 0.37
CA VAL A 123 16.19 20.26 -0.15
C VAL A 123 15.30 21.49 -0.16
N ILE A 124 15.30 22.12 -1.30
CA ILE A 124 14.56 23.32 -1.53
C ILE A 124 14.24 23.42 -3.02
N LEU A 125 12.98 23.66 -3.33
CA LEU A 125 12.56 23.77 -4.69
C LEU A 125 12.54 25.21 -5.18
N SER A 10 -15.43 9.60 1.34
CA SER A 10 -16.05 8.57 0.53
C SER A 10 -17.35 8.00 1.08
N SER A 11 -18.41 8.31 0.39
CA SER A 11 -19.71 7.77 0.63
C SER A 11 -20.20 7.38 -0.75
N ASN A 12 -20.54 6.12 -0.92
CA ASN A 12 -20.84 5.52 -2.24
C ASN A 12 -19.56 5.31 -3.01
N VAL A 13 -19.08 4.10 -3.01
CA VAL A 13 -17.85 3.76 -3.68
C VAL A 13 -18.18 3.34 -5.11
N PRO A 14 -17.50 3.93 -6.12
CA PRO A 14 -17.76 3.63 -7.52
C PRO A 14 -17.29 2.25 -7.91
N ALA A 15 -17.97 1.65 -8.86
CA ALA A 15 -17.58 0.37 -9.36
C ALA A 15 -16.45 0.56 -10.34
N ASP A 16 -15.31 0.83 -9.79
CA ASP A 16 -14.07 1.05 -10.51
C ASP A 16 -12.95 1.13 -9.50
N MET A 17 -13.32 1.51 -8.29
CA MET A 17 -12.38 1.66 -7.20
C MET A 17 -12.69 0.63 -6.13
N ILE A 18 -11.67 0.13 -5.51
CA ILE A 18 -11.83 -0.78 -4.41
C ILE A 18 -11.53 -0.06 -3.09
N ASN A 19 -12.36 -0.28 -2.10
CA ASN A 19 -12.17 0.37 -0.83
C ASN A 19 -11.31 -0.49 0.03
N LEU A 20 -10.14 -0.03 0.27
CA LEU A 20 -9.17 -0.81 0.97
C LEU A 20 -8.73 -0.12 2.24
N ARG A 21 -8.71 -0.90 3.30
CA ARG A 21 -8.20 -0.43 4.55
C ARG A 21 -6.90 -1.14 4.82
N LEU A 22 -5.88 -0.35 4.95
CA LEU A 22 -4.53 -0.82 5.17
C LEU A 22 -4.21 -0.80 6.65
N ILE A 23 -3.87 -1.94 7.21
CA ILE A 23 -3.46 -1.99 8.56
C ILE A 23 -2.00 -2.27 8.56
N LEU A 24 -1.25 -1.36 9.08
CA LEU A 24 0.17 -1.47 9.04
C LEU A 24 0.70 -2.28 10.20
N VAL A 25 1.89 -2.83 10.02
CA VAL A 25 2.57 -3.65 11.03
C VAL A 25 2.79 -2.88 12.36
N SER A 26 2.84 -1.56 12.27
CA SER A 26 3.00 -0.71 13.43
C SER A 26 1.68 -0.58 14.19
N GLY A 27 0.63 -1.22 13.68
CA GLY A 27 -0.67 -1.18 14.29
C GLY A 27 -1.43 0.05 13.91
N LYS A 28 -0.97 0.71 12.88
CA LYS A 28 -1.60 1.90 12.38
C LYS A 28 -2.56 1.45 11.31
N THR A 29 -3.67 2.08 11.21
CA THR A 29 -4.62 1.70 10.22
C THR A 29 -5.10 2.93 9.47
N LYS A 30 -5.29 2.79 8.19
CA LYS A 30 -5.75 3.90 7.37
C LYS A 30 -6.54 3.34 6.19
N GLU A 31 -7.63 3.97 5.83
CA GLU A 31 -8.47 3.47 4.76
C GLU A 31 -8.64 4.52 3.67
N PHE A 32 -8.48 4.11 2.42
CA PHE A 32 -8.64 4.99 1.25
C PHE A 32 -9.22 4.20 0.10
N LEU A 33 -9.76 4.88 -0.87
CA LEU A 33 -10.15 4.23 -2.10
C LEU A 33 -8.89 4.05 -2.94
N PHE A 34 -8.62 2.86 -3.34
CA PHE A 34 -7.49 2.57 -4.20
C PHE A 34 -7.97 1.85 -5.42
N SER A 35 -7.15 1.73 -6.42
CA SER A 35 -7.59 1.05 -7.58
C SER A 35 -7.16 -0.38 -7.48
N PRO A 36 -7.93 -1.30 -8.03
CA PRO A 36 -7.59 -2.72 -8.03
C PRO A 36 -6.28 -3.01 -8.80
N ASN A 37 -5.80 -1.99 -9.52
CA ASN A 37 -4.56 -2.08 -10.30
C ASN A 37 -3.33 -1.78 -9.41
N ASP A 38 -3.56 -1.16 -8.26
CA ASP A 38 -2.45 -0.83 -7.34
C ASP A 38 -1.98 -2.09 -6.63
N SER A 39 -0.75 -2.09 -6.22
CA SER A 39 -0.21 -3.19 -5.47
C SER A 39 -0.24 -2.84 -3.98
N ALA A 40 -0.75 -3.75 -3.17
CA ALA A 40 -0.91 -3.56 -1.71
C ALA A 40 0.39 -3.08 -1.02
N SER A 41 1.53 -3.58 -1.46
CA SER A 41 2.80 -3.21 -0.87
C SER A 41 3.19 -1.74 -1.14
N ASP A 42 2.87 -1.24 -2.34
CA ASP A 42 3.07 0.20 -2.66
C ASP A 42 2.12 1.00 -1.79
N ILE A 43 0.91 0.52 -1.69
CA ILE A 43 -0.12 1.17 -0.92
C ILE A 43 0.27 1.32 0.56
N ALA A 44 0.89 0.28 1.13
CA ALA A 44 1.39 0.31 2.50
C ALA A 44 2.24 1.55 2.76
N LYS A 45 3.10 1.90 1.81
CA LYS A 45 3.92 3.08 1.95
C LYS A 45 3.09 4.34 1.76
N HIS A 46 2.17 4.28 0.82
CA HIS A 46 1.26 5.39 0.51
C HIS A 46 0.42 5.76 1.75
N VAL A 47 -0.11 4.76 2.43
CA VAL A 47 -0.93 4.95 3.63
C VAL A 47 -0.08 5.32 4.85
N TYR A 48 1.13 4.80 4.89
CA TYR A 48 2.12 5.09 5.96
C TYR A 48 2.60 6.54 5.85
N ASP A 49 2.46 7.10 4.66
CA ASP A 49 2.86 8.48 4.30
C ASP A 49 4.25 8.58 3.75
N ASN A 50 4.32 8.33 2.48
CA ASN A 50 5.50 8.43 1.63
C ASN A 50 5.09 7.85 0.31
N TRP A 51 5.38 8.49 -0.75
CA TRP A 51 4.99 7.99 -2.04
C TRP A 51 6.03 7.01 -2.54
N PRO A 52 5.63 5.75 -2.80
CA PRO A 52 6.50 4.77 -3.43
C PRO A 52 6.95 5.21 -4.81
N MET A 53 8.11 5.81 -4.83
CA MET A 53 8.75 6.30 -6.00
C MET A 53 10.22 6.34 -5.71
N ASP A 54 10.97 5.55 -6.45
CA ASP A 54 12.40 5.33 -6.25
C ASP A 54 12.62 4.37 -5.11
N TRP A 55 13.50 3.43 -5.33
CA TRP A 55 13.76 2.34 -4.43
C TRP A 55 14.14 2.79 -3.02
N GLU A 56 15.13 3.71 -2.91
CA GLU A 56 15.75 4.11 -1.62
C GLU A 56 16.56 2.95 -1.03
N GLU A 57 15.88 1.81 -0.85
CA GLU A 57 16.45 0.53 -0.41
C GLU A 57 16.85 0.47 1.06
N GLU A 58 17.03 1.63 1.68
CA GLU A 58 17.43 1.75 3.09
C GLU A 58 18.89 1.33 3.28
N GLN A 59 19.21 0.12 2.88
CA GLN A 59 20.55 -0.43 3.00
C GLN A 59 20.60 -1.78 2.30
N VAL A 60 19.53 -2.54 2.42
CA VAL A 60 19.44 -3.83 1.78
C VAL A 60 18.80 -3.69 0.41
N SER A 61 18.79 -4.75 -0.34
CA SER A 61 18.19 -4.70 -1.63
C SER A 61 17.42 -5.99 -1.87
N SER A 62 16.13 -5.92 -1.58
CA SER A 62 15.20 -7.01 -1.78
C SER A 62 13.78 -6.45 -1.80
N PRO A 63 13.05 -6.60 -2.91
CA PRO A 63 11.67 -6.10 -3.02
C PRO A 63 10.70 -6.95 -2.18
N ASN A 64 11.19 -8.13 -1.81
CA ASN A 64 10.41 -9.13 -1.06
C ASN A 64 10.23 -8.76 0.40
N ILE A 65 10.76 -7.61 0.80
CA ILE A 65 10.64 -7.15 2.17
C ILE A 65 9.25 -6.59 2.44
N LEU A 66 8.58 -6.20 1.37
CA LEU A 66 7.23 -5.72 1.43
C LEU A 66 6.33 -6.91 1.28
N ARG A 67 5.44 -7.10 2.21
CA ARG A 67 4.59 -8.25 2.14
C ARG A 67 3.20 -7.85 2.52
N LEU A 68 2.25 -8.43 1.86
CA LEU A 68 0.88 -8.11 2.08
C LEU A 68 0.15 -9.30 2.66
N ILE A 69 -0.63 -9.04 3.66
CA ILE A 69 -1.40 -10.03 4.32
C ILE A 69 -2.85 -9.81 4.00
N TYR A 70 -3.44 -10.78 3.40
CA TYR A 70 -4.84 -10.73 3.13
C TYR A 70 -5.43 -11.59 4.20
N GLN A 71 -6.00 -10.89 5.20
CA GLN A 71 -6.36 -11.36 6.51
C GLN A 71 -6.46 -12.87 6.62
N GLY A 72 -5.36 -13.44 7.01
CA GLY A 72 -5.19 -14.85 7.09
C GLY A 72 -3.77 -15.22 6.76
N ARG A 73 -3.38 -15.03 5.51
CA ARG A 73 -2.03 -15.39 5.07
C ARG A 73 -1.37 -14.25 4.29
N PHE A 74 -0.09 -14.43 3.96
CA PHE A 74 0.64 -13.46 3.18
C PHE A 74 0.54 -13.92 1.73
N LEU A 75 -0.13 -13.15 0.89
CA LEU A 75 -0.33 -13.63 -0.49
C LEU A 75 0.88 -13.43 -1.38
N HIS A 76 1.47 -12.24 -1.36
CA HIS A 76 2.64 -11.98 -2.19
C HIS A 76 3.29 -10.68 -1.76
N GLY A 77 4.42 -10.38 -2.34
CA GLY A 77 5.13 -9.15 -2.01
C GLY A 77 4.71 -7.91 -2.80
N ASN A 78 3.75 -8.04 -3.73
CA ASN A 78 3.45 -6.90 -4.63
C ASN A 78 2.21 -7.21 -5.50
N VAL A 79 1.34 -8.09 -5.02
CA VAL A 79 0.17 -8.50 -5.79
C VAL A 79 -0.95 -7.43 -5.67
N THR A 80 -1.70 -7.26 -6.74
CA THR A 80 -2.73 -6.24 -6.83
C THR A 80 -4.00 -6.66 -6.11
N LEU A 81 -4.82 -5.67 -5.72
CA LEU A 81 -6.07 -5.92 -5.01
C LEU A 81 -7.04 -6.67 -5.91
N GLY A 82 -6.98 -6.40 -7.20
CA GLY A 82 -7.81 -7.11 -8.15
C GLY A 82 -7.52 -8.60 -8.13
N ALA A 83 -6.26 -8.94 -7.92
CA ALA A 83 -5.81 -10.32 -7.86
C ALA A 83 -6.15 -10.96 -6.51
N LEU A 84 -6.48 -10.12 -5.53
CA LEU A 84 -6.84 -10.58 -4.19
C LEU A 84 -8.34 -10.89 -4.13
N LYS A 85 -9.02 -10.64 -5.24
CA LYS A 85 -10.47 -10.81 -5.40
C LYS A 85 -11.24 -9.78 -4.59
N LEU A 86 -11.22 -8.56 -5.04
CA LEU A 86 -11.99 -7.51 -4.42
C LEU A 86 -13.03 -7.00 -5.36
N PRO A 87 -14.30 -7.13 -4.99
CA PRO A 87 -15.38 -6.53 -5.74
C PRO A 87 -15.31 -5.01 -5.58
N PHE A 88 -15.57 -4.30 -6.66
CA PHE A 88 -15.47 -2.86 -6.65
C PHE A 88 -16.59 -2.29 -5.80
N GLY A 89 -16.28 -1.28 -5.05
CA GLY A 89 -17.30 -0.66 -4.23
C GLY A 89 -17.37 -1.23 -2.83
N LYS A 90 -16.68 -2.30 -2.59
CA LYS A 90 -16.72 -2.92 -1.29
C LYS A 90 -15.51 -2.59 -0.46
N THR A 91 -15.70 -2.64 0.83
CA THR A 91 -14.68 -2.34 1.79
C THR A 91 -13.94 -3.61 2.17
N THR A 92 -12.68 -3.63 1.90
CA THR A 92 -11.84 -4.76 2.22
C THR A 92 -10.68 -4.29 3.13
N VAL A 93 -10.37 -5.09 4.13
CA VAL A 93 -9.32 -4.76 5.08
C VAL A 93 -8.10 -5.68 4.87
N MET A 94 -6.90 -5.15 4.98
CA MET A 94 -5.67 -5.92 4.79
C MET A 94 -4.62 -5.55 5.80
N HIS A 95 -3.74 -6.48 6.08
CA HIS A 95 -2.61 -6.21 6.97
C HIS A 95 -1.35 -6.11 6.13
N LEU A 96 -0.50 -5.16 6.41
CA LEU A 96 0.71 -4.95 5.62
C LEU A 96 1.93 -4.96 6.50
N VAL A 97 2.93 -5.71 6.10
CA VAL A 97 4.17 -5.82 6.84
C VAL A 97 5.36 -5.51 5.92
N ALA A 98 6.28 -4.72 6.40
CA ALA A 98 7.43 -4.34 5.61
C ALA A 98 8.72 -4.45 6.41
N ARG A 99 9.69 -5.14 5.88
CA ARG A 99 10.99 -5.23 6.52
C ARG A 99 11.82 -4.03 6.13
N GLU A 100 12.18 -3.23 7.13
CA GLU A 100 13.04 -2.06 6.96
C GLU A 100 12.35 -0.90 6.21
N THR A 101 11.15 -1.18 5.77
CA THR A 101 10.23 -0.24 5.17
C THR A 101 10.82 0.53 3.95
N LEU A 102 10.82 -0.13 2.81
CA LEU A 102 11.27 0.48 1.56
C LEU A 102 10.06 1.04 0.83
N PRO A 103 10.20 2.19 0.19
CA PRO A 103 9.11 2.84 -0.54
C PRO A 103 8.65 2.08 -1.77
N GLU A 104 9.51 1.98 -2.74
CA GLU A 104 9.16 1.40 -3.99
C GLU A 104 9.89 0.08 -4.16
N PRO A 105 9.13 -1.02 -4.35
CA PRO A 105 9.70 -2.35 -4.51
C PRO A 105 10.67 -2.45 -5.70
N ASN A 106 10.20 -2.05 -6.90
CA ASN A 106 11.07 -2.13 -8.10
C ASN A 106 10.43 -1.41 -9.30
N SER A 107 9.55 -0.43 -9.01
CA SER A 107 8.88 0.40 -10.06
C SER A 107 7.99 -0.46 -11.00
N GLN A 108 7.71 -1.69 -10.60
CA GLN A 108 7.03 -2.60 -11.50
C GLN A 108 5.52 -2.54 -11.49
N GLY A 109 4.91 -2.63 -10.31
CA GLY A 109 3.47 -2.72 -10.24
C GLY A 109 2.99 -3.97 -10.94
N GLN A 110 3.82 -5.01 -10.88
CA GLN A 110 3.56 -6.29 -11.53
C GLN A 110 3.68 -7.37 -10.48
N ARG A 111 3.19 -8.54 -10.76
CA ARG A 111 3.21 -9.58 -9.76
C ARG A 111 4.56 -10.31 -9.73
N ASN A 112 5.45 -9.82 -8.86
CA ASN A 112 6.77 -10.46 -8.58
C ASN A 112 7.73 -10.34 -9.81
N ARG A 113 8.93 -10.93 -9.68
CA ARG A 113 9.95 -10.97 -10.74
C ARG A 113 9.36 -11.52 -12.02
N GLU A 114 8.56 -12.54 -11.89
CA GLU A 114 7.89 -13.14 -13.00
C GLU A 114 6.53 -13.57 -12.46
N LYS A 115 5.52 -13.54 -13.31
CA LYS A 115 4.16 -13.84 -12.94
C LYS A 115 3.99 -15.26 -12.42
N THR A 116 4.59 -16.23 -13.08
CA THR A 116 4.49 -17.61 -12.63
C THR A 116 5.84 -18.32 -12.62
N GLY A 117 6.72 -17.92 -13.52
CA GLY A 117 7.99 -18.56 -13.63
C GLY A 117 9.05 -17.94 -12.77
N GLU A 118 8.82 -17.96 -11.47
CA GLU A 118 9.80 -17.47 -10.52
C GLU A 118 10.98 -18.44 -10.51
N SER A 119 12.08 -17.97 -11.03
CA SER A 119 13.20 -18.78 -11.32
C SER A 119 14.11 -19.02 -10.12
N ASN A 120 14.31 -20.27 -9.82
CA ASN A 120 15.32 -20.68 -8.89
C ASN A 120 16.42 -21.27 -9.73
N CYS A 121 17.37 -20.48 -10.07
CA CYS A 121 18.38 -20.86 -11.03
C CYS A 121 19.54 -21.60 -10.38
N CYS A 122 20.38 -22.16 -11.22
CA CYS A 122 21.55 -22.84 -10.79
C CYS A 122 22.58 -21.82 -10.34
N VAL A 123 22.73 -21.71 -9.05
CA VAL A 123 23.69 -20.79 -8.51
C VAL A 123 25.03 -21.46 -8.33
N ILE A 124 25.93 -21.10 -9.17
CA ILE A 124 27.26 -21.60 -9.12
C ILE A 124 28.20 -20.40 -9.20
N LEU A 125 29.24 -20.44 -8.42
CA LEU A 125 30.18 -19.36 -8.39
C LEU A 125 31.27 -19.68 -9.42
N SER A 10 -15.65 9.13 -0.51
CA SER A 10 -16.97 9.19 -1.07
C SER A 10 -17.99 8.54 -0.15
N SER A 11 -19.26 8.86 -0.37
CA SER A 11 -20.32 8.22 0.35
C SER A 11 -20.54 6.85 -0.28
N ASN A 12 -20.04 5.83 0.41
CA ASN A 12 -19.97 4.45 -0.07
C ASN A 12 -18.87 4.40 -1.17
N VAL A 13 -18.59 3.25 -1.68
CA VAL A 13 -17.51 3.09 -2.61
C VAL A 13 -18.06 3.01 -4.04
N PRO A 14 -17.49 3.78 -5.00
CA PRO A 14 -17.90 3.70 -6.41
C PRO A 14 -17.50 2.36 -7.04
N ALA A 15 -18.30 1.87 -7.96
CA ALA A 15 -18.06 0.59 -8.58
C ALA A 15 -17.04 0.68 -9.69
N ASP A 16 -15.84 0.99 -9.29
CA ASP A 16 -14.66 1.06 -10.16
C ASP A 16 -13.47 1.04 -9.25
N MET A 17 -13.67 1.60 -8.09
CA MET A 17 -12.64 1.70 -7.10
C MET A 17 -12.89 0.65 -6.04
N ILE A 18 -11.84 0.18 -5.47
CA ILE A 18 -11.94 -0.72 -4.36
C ILE A 18 -11.52 0.03 -3.09
N ASN A 19 -12.31 -0.07 -2.06
CA ASN A 19 -12.00 0.64 -0.85
C ASN A 19 -11.14 -0.25 -0.03
N LEU A 20 -9.94 0.14 0.17
CA LEU A 20 -9.00 -0.70 0.81
C LEU A 20 -8.47 -0.08 2.08
N ARG A 21 -8.45 -0.88 3.12
CA ARG A 21 -7.88 -0.47 4.34
C ARG A 21 -6.57 -1.20 4.52
N LEU A 22 -5.55 -0.43 4.64
CA LEU A 22 -4.22 -0.92 4.81
C LEU A 22 -3.83 -0.81 6.28
N ILE A 23 -3.52 -1.91 6.89
CA ILE A 23 -3.12 -1.88 8.26
C ILE A 23 -1.62 -2.06 8.34
N LEU A 24 -0.96 -1.13 8.99
CA LEU A 24 0.48 -1.13 9.10
C LEU A 24 0.95 -2.10 10.19
N VAL A 25 2.26 -2.37 10.23
CA VAL A 25 2.84 -3.32 11.20
C VAL A 25 2.66 -2.84 12.65
N SER A 26 2.64 -1.54 12.86
CA SER A 26 2.44 -0.99 14.20
C SER A 26 0.96 -1.01 14.62
N GLY A 27 0.11 -1.62 13.81
CA GLY A 27 -1.30 -1.71 14.15
C GLY A 27 -2.03 -0.42 13.85
N LYS A 28 -1.38 0.44 13.10
CA LYS A 28 -1.94 1.71 12.72
C LYS A 28 -2.71 1.50 11.45
N THR A 29 -3.87 2.09 11.35
CA THR A 29 -4.70 1.84 10.22
C THR A 29 -4.96 3.10 9.39
N LYS A 30 -4.90 2.95 8.09
CA LYS A 30 -5.34 3.98 7.16
C LYS A 30 -6.21 3.35 6.11
N GLU A 31 -7.16 4.07 5.63
CA GLU A 31 -8.06 3.53 4.65
C GLU A 31 -8.26 4.57 3.55
N PHE A 32 -8.12 4.15 2.31
CA PHE A 32 -8.24 5.04 1.16
C PHE A 32 -8.88 4.31 0.01
N LEU A 33 -9.40 5.05 -0.93
CA LEU A 33 -9.91 4.46 -2.14
C LEU A 33 -8.74 4.23 -3.09
N PHE A 34 -8.60 3.02 -3.53
CA PHE A 34 -7.58 2.67 -4.48
C PHE A 34 -8.21 1.93 -5.62
N SER A 35 -7.47 1.64 -6.62
CA SER A 35 -8.00 0.94 -7.71
C SER A 35 -7.60 -0.50 -7.57
N PRO A 36 -8.38 -1.42 -8.11
CA PRO A 36 -8.07 -2.86 -8.07
C PRO A 36 -6.75 -3.18 -8.79
N ASN A 37 -6.23 -2.20 -9.51
CA ASN A 37 -5.03 -2.35 -10.29
C ASN A 37 -3.80 -1.82 -9.56
N ASP A 38 -3.99 -1.23 -8.38
CA ASP A 38 -2.83 -0.75 -7.59
C ASP A 38 -2.09 -1.92 -6.96
N SER A 39 -0.80 -1.74 -6.71
CA SER A 39 -0.02 -2.76 -6.08
C SER A 39 0.01 -2.58 -4.57
N ALA A 40 -0.48 -3.58 -3.86
CA ALA A 40 -0.60 -3.61 -2.38
C ALA A 40 0.66 -3.11 -1.65
N SER A 41 1.84 -3.50 -2.13
CA SER A 41 3.09 -3.11 -1.49
C SER A 41 3.36 -1.61 -1.67
N ASP A 42 3.09 -1.11 -2.87
CA ASP A 42 3.26 0.31 -3.19
C ASP A 42 2.29 1.08 -2.33
N ILE A 43 1.09 0.52 -2.22
CA ILE A 43 0.05 1.08 -1.41
C ILE A 43 0.47 1.11 0.05
N ALA A 44 0.97 -0.01 0.56
CA ALA A 44 1.46 -0.14 1.94
C ALA A 44 2.42 0.96 2.31
N LYS A 45 3.36 1.26 1.43
CA LYS A 45 4.30 2.31 1.70
C LYS A 45 3.59 3.68 1.59
N HIS A 46 2.74 3.79 0.58
CA HIS A 46 1.93 5.00 0.29
C HIS A 46 1.05 5.38 1.51
N VAL A 47 0.43 4.38 2.08
CA VAL A 47 -0.41 4.53 3.25
C VAL A 47 0.41 4.66 4.52
N TYR A 48 1.60 4.05 4.53
CA TYR A 48 2.53 4.16 5.68
C TYR A 48 2.64 5.62 6.08
N ASP A 49 2.85 6.49 5.06
CA ASP A 49 2.80 7.98 5.16
C ASP A 49 3.10 8.68 3.86
N ASN A 50 4.21 8.34 3.24
CA ASN A 50 4.62 9.02 2.02
C ASN A 50 4.64 8.01 0.86
N TRP A 51 5.03 8.43 -0.32
CA TRP A 51 4.96 7.58 -1.50
C TRP A 51 6.26 6.80 -1.67
N PRO A 52 6.18 5.51 -2.04
CA PRO A 52 7.36 4.74 -2.38
C PRO A 52 7.90 5.18 -3.73
N MET A 53 8.91 6.00 -3.69
CA MET A 53 9.49 6.52 -4.89
C MET A 53 10.98 6.79 -4.69
N ASP A 54 11.79 5.80 -4.94
CA ASP A 54 13.24 5.90 -4.84
C ASP A 54 13.81 4.78 -5.67
N TRP A 55 15.01 4.96 -6.19
CA TRP A 55 15.64 3.96 -7.03
C TRP A 55 15.91 2.65 -6.27
N GLU A 56 16.22 2.76 -4.99
CA GLU A 56 16.52 1.58 -4.21
C GLU A 56 15.78 1.57 -2.88
N GLU A 57 15.73 2.72 -2.24
CA GLU A 57 15.19 2.92 -0.90
C GLU A 57 16.07 2.18 0.12
N GLU A 58 16.00 0.86 0.13
CA GLU A 58 16.80 0.02 1.01
C GLU A 58 17.52 -1.08 0.23
N GLN A 59 18.84 -0.94 0.14
CA GLN A 59 19.76 -1.92 -0.46
C GLN A 59 19.70 -1.97 -2.01
N VAL A 60 18.60 -2.44 -2.57
CA VAL A 60 18.42 -2.53 -4.03
C VAL A 60 17.02 -2.09 -4.38
N SER A 61 16.08 -2.70 -3.72
CA SER A 61 14.66 -2.42 -3.78
C SER A 61 14.06 -3.27 -2.69
N SER A 62 14.57 -4.50 -2.63
CA SER A 62 14.27 -5.48 -1.62
C SER A 62 12.76 -5.74 -1.49
N PRO A 63 12.14 -6.41 -2.49
CA PRO A 63 10.71 -6.70 -2.46
C PRO A 63 10.30 -7.59 -1.29
N ASN A 64 11.26 -8.31 -0.72
CA ASN A 64 10.99 -9.20 0.43
C ASN A 64 10.48 -8.45 1.67
N ILE A 65 10.65 -7.13 1.70
CA ILE A 65 10.20 -6.36 2.84
C ILE A 65 8.73 -6.00 2.71
N LEU A 66 8.26 -5.87 1.48
CA LEU A 66 6.90 -5.47 1.21
C LEU A 66 6.12 -6.65 0.72
N ARG A 67 5.26 -7.13 1.55
CA ARG A 67 4.40 -8.22 1.22
C ARG A 67 3.06 -8.07 1.87
N LEU A 68 2.04 -8.55 1.21
CA LEU A 68 0.68 -8.35 1.67
C LEU A 68 0.11 -9.56 2.34
N ILE A 69 -0.50 -9.32 3.47
CA ILE A 69 -1.19 -10.32 4.22
C ILE A 69 -2.66 -10.11 3.97
N TYR A 70 -3.29 -11.10 3.42
CA TYR A 70 -4.67 -10.99 3.09
C TYR A 70 -5.49 -11.69 4.12
N GLN A 71 -5.56 -11.04 5.29
CA GLN A 71 -6.25 -11.49 6.48
C GLN A 71 -5.56 -12.68 7.15
N GLY A 72 -5.22 -13.68 6.39
CA GLY A 72 -4.58 -14.85 6.92
C GLY A 72 -3.09 -14.88 6.66
N ARG A 73 -2.70 -14.98 5.41
CA ARG A 73 -1.30 -15.14 5.09
C ARG A 73 -0.83 -14.18 4.01
N PHE A 74 0.47 -14.23 3.73
CA PHE A 74 1.07 -13.39 2.71
C PHE A 74 0.78 -14.01 1.35
N LEU A 75 0.08 -13.30 0.50
CA LEU A 75 -0.24 -13.85 -0.80
C LEU A 75 0.94 -13.73 -1.74
N HIS A 76 1.50 -12.54 -1.79
CA HIS A 76 2.65 -12.21 -2.63
C HIS A 76 3.26 -10.94 -2.14
N GLY A 77 4.20 -10.41 -2.90
CA GLY A 77 4.79 -9.15 -2.57
C GLY A 77 3.94 -8.01 -3.09
N ASN A 78 3.47 -8.16 -4.32
CA ASN A 78 2.65 -7.18 -4.95
C ASN A 78 1.66 -7.80 -5.91
N VAL A 79 0.63 -8.34 -5.37
CA VAL A 79 -0.45 -8.85 -6.16
C VAL A 79 -1.57 -7.80 -6.05
N THR A 80 -2.29 -7.58 -7.12
CA THR A 80 -3.25 -6.50 -7.16
C THR A 80 -4.53 -6.85 -6.43
N LEU A 81 -5.27 -5.81 -6.01
CA LEU A 81 -6.49 -5.99 -5.26
C LEU A 81 -7.55 -6.69 -6.10
N GLY A 82 -7.51 -6.47 -7.41
CA GLY A 82 -8.43 -7.15 -8.31
C GLY A 82 -8.17 -8.64 -8.32
N ALA A 83 -6.89 -8.99 -8.23
CA ALA A 83 -6.43 -10.37 -8.20
C ALA A 83 -6.81 -11.03 -6.86
N LEU A 84 -7.16 -10.21 -5.88
CA LEU A 84 -7.55 -10.68 -4.57
C LEU A 84 -9.03 -11.06 -4.53
N LYS A 85 -9.65 -11.19 -5.73
CA LYS A 85 -11.06 -11.62 -5.89
C LYS A 85 -12.01 -10.55 -5.33
N LEU A 86 -11.54 -9.33 -5.30
CA LEU A 86 -12.31 -8.24 -4.74
C LEU A 86 -13.09 -7.51 -5.82
N PRO A 87 -14.41 -7.44 -5.69
CA PRO A 87 -15.24 -6.62 -6.57
C PRO A 87 -15.15 -5.17 -6.15
N PHE A 88 -15.69 -4.31 -6.94
CA PHE A 88 -15.60 -2.90 -6.67
C PHE A 88 -16.71 -2.50 -5.72
N GLY A 89 -16.64 -1.29 -5.23
CA GLY A 89 -17.71 -0.76 -4.43
C GLY A 89 -17.80 -1.31 -3.02
N LYS A 90 -16.79 -2.03 -2.57
CA LYS A 90 -16.83 -2.53 -1.21
C LYS A 90 -15.53 -2.27 -0.48
N THR A 91 -15.57 -2.35 0.83
CA THR A 91 -14.42 -2.09 1.66
C THR A 91 -13.72 -3.39 2.03
N THR A 92 -12.45 -3.43 1.78
CA THR A 92 -11.63 -4.59 2.09
C THR A 92 -10.59 -4.21 3.14
N VAL A 93 -10.32 -5.11 4.06
CA VAL A 93 -9.32 -4.87 5.08
C VAL A 93 -8.10 -5.79 4.86
N MET A 94 -6.91 -5.23 4.86
CA MET A 94 -5.70 -6.00 4.64
C MET A 94 -4.59 -5.60 5.56
N HIS A 95 -3.70 -6.52 5.82
CA HIS A 95 -2.58 -6.26 6.69
C HIS A 95 -1.33 -6.22 5.87
N LEU A 96 -0.53 -5.21 6.07
CA LEU A 96 0.67 -5.04 5.28
C LEU A 96 1.87 -4.99 6.15
N VAL A 97 2.95 -5.54 5.67
CA VAL A 97 4.19 -5.50 6.37
C VAL A 97 5.23 -4.78 5.56
N ALA A 98 5.98 -3.95 6.22
CA ALA A 98 7.10 -3.28 5.64
C ALA A 98 8.24 -3.41 6.60
N ARG A 99 9.41 -3.53 6.09
CA ARG A 99 10.55 -3.80 6.90
C ARG A 99 11.67 -2.96 6.37
N GLU A 100 12.34 -2.20 7.25
CA GLU A 100 13.44 -1.27 6.87
C GLU A 100 12.91 -0.04 6.09
N THR A 101 11.66 -0.09 5.70
CA THR A 101 10.98 0.94 4.96
C THR A 101 11.04 2.29 5.69
N LEU A 102 11.47 3.30 4.97
CA LEU A 102 11.59 4.64 5.50
C LEU A 102 10.27 5.36 5.35
N PRO A 103 9.95 6.31 6.25
CA PRO A 103 8.70 7.09 6.16
C PRO A 103 8.61 7.84 4.84
N GLU A 104 9.73 8.43 4.43
CA GLU A 104 9.81 9.16 3.20
C GLU A 104 11.04 8.66 2.43
N PRO A 105 10.93 8.49 1.08
CA PRO A 105 12.01 7.99 0.21
C PRO A 105 13.42 8.51 0.54
N ASN A 106 13.64 9.82 0.39
CA ASN A 106 14.94 10.41 0.65
C ASN A 106 14.87 11.92 0.72
N SER A 107 14.42 12.44 1.87
CA SER A 107 14.37 13.90 2.16
C SER A 107 13.76 14.74 0.98
N GLN A 108 12.80 14.16 0.27
CA GLN A 108 12.25 14.80 -0.91
C GLN A 108 11.43 16.04 -0.57
N GLY A 109 10.59 15.94 0.45
CA GLY A 109 9.70 17.02 0.82
C GLY A 109 8.76 17.44 -0.31
N GLN A 110 8.48 16.53 -1.22
CA GLN A 110 7.65 16.83 -2.37
C GLN A 110 6.18 16.69 -2.04
N ARG A 111 5.45 17.81 -2.20
CA ARG A 111 3.98 17.91 -2.03
C ARG A 111 3.55 17.81 -0.54
N ASN A 112 4.27 16.97 0.23
CA ASN A 112 4.02 16.76 1.68
C ASN A 112 2.78 15.86 1.87
N ARG A 113 2.36 15.65 3.13
CA ARG A 113 1.16 14.88 3.48
C ARG A 113 -0.06 15.49 2.83
N GLU A 114 0.02 16.77 2.63
CA GLU A 114 -0.96 17.60 2.01
C GLU A 114 -0.35 18.99 1.97
N LYS A 115 -0.79 19.85 1.07
CA LYS A 115 -0.23 21.20 1.02
C LYS A 115 -0.73 22.04 2.19
N THR A 116 -1.83 21.62 2.74
CA THR A 116 -2.35 22.13 3.96
C THR A 116 -3.20 21.04 4.62
N GLY A 117 -2.58 20.33 5.53
CA GLY A 117 -3.24 19.22 6.18
C GLY A 117 -2.25 18.31 6.86
N GLU A 118 -1.20 18.90 7.37
CA GLU A 118 -0.20 18.22 8.12
C GLU A 118 -0.44 18.49 9.60
N SER A 119 0.51 18.15 10.44
CA SER A 119 0.38 18.36 11.87
C SER A 119 0.48 19.85 12.23
N ASN A 120 -0.65 20.51 12.08
CA ASN A 120 -0.87 21.92 12.40
C ASN A 120 -2.31 22.27 12.08
N CYS A 121 -2.88 21.54 11.14
CA CYS A 121 -4.27 21.69 10.81
C CYS A 121 -5.09 20.78 11.70
N CYS A 122 -5.45 21.30 12.83
CA CYS A 122 -6.21 20.58 13.78
C CYS A 122 -7.62 21.10 13.81
N VAL A 123 -8.56 20.28 13.44
CA VAL A 123 -9.92 20.67 13.50
C VAL A 123 -10.52 20.25 14.84
N ILE A 124 -10.42 21.14 15.78
CA ILE A 124 -10.93 20.90 17.10
C ILE A 124 -11.98 21.93 17.42
N LEU A 125 -13.09 21.48 17.91
CA LEU A 125 -14.19 22.35 18.22
C LEU A 125 -14.18 22.65 19.70
N SER A 10 -14.75 8.69 3.68
CA SER A 10 -15.62 7.57 3.62
C SER A 10 -16.90 8.03 2.95
N SER A 11 -17.10 7.57 1.74
CA SER A 11 -18.23 7.95 0.93
C SER A 11 -18.58 6.77 0.03
N ASN A 12 -19.38 7.00 -0.99
CA ASN A 12 -19.83 5.94 -1.88
C ASN A 12 -18.67 5.49 -2.75
N VAL A 13 -18.29 4.25 -2.61
CA VAL A 13 -17.18 3.72 -3.36
C VAL A 13 -17.67 3.36 -4.77
N PRO A 14 -17.10 3.96 -5.82
CA PRO A 14 -17.51 3.68 -7.19
C PRO A 14 -17.03 2.32 -7.65
N ALA A 15 -17.75 1.74 -8.60
CA ALA A 15 -17.36 0.48 -9.15
C ALA A 15 -16.26 0.69 -10.17
N ASP A 16 -15.13 1.01 -9.62
CA ASP A 16 -13.90 1.28 -10.33
C ASP A 16 -12.80 1.29 -9.31
N MET A 17 -13.18 1.64 -8.08
CA MET A 17 -12.26 1.70 -6.98
C MET A 17 -12.62 0.62 -5.99
N ILE A 18 -11.65 0.18 -5.26
CA ILE A 18 -11.89 -0.74 -4.19
C ILE A 18 -11.57 -0.06 -2.85
N ASN A 19 -12.42 -0.25 -1.88
CA ASN A 19 -12.25 0.39 -0.59
C ASN A 19 -11.33 -0.47 0.24
N LEU A 20 -10.14 -0.02 0.42
CA LEU A 20 -9.14 -0.81 1.07
C LEU A 20 -8.61 -0.18 2.33
N ARG A 21 -8.51 -0.98 3.36
CA ARG A 21 -7.91 -0.55 4.57
C ARG A 21 -6.59 -1.25 4.73
N LEU A 22 -5.57 -0.45 4.82
CA LEU A 22 -4.21 -0.92 4.98
C LEU A 22 -3.84 -0.82 6.44
N ILE A 23 -3.48 -1.92 7.05
CA ILE A 23 -3.12 -1.86 8.43
C ILE A 23 -1.62 -1.90 8.56
N LEU A 24 -1.09 -0.90 9.21
CA LEU A 24 0.34 -0.78 9.39
C LEU A 24 0.80 -1.64 10.54
N VAL A 25 2.11 -1.87 10.62
CA VAL A 25 2.70 -2.67 11.70
C VAL A 25 2.59 -1.94 13.04
N SER A 26 2.31 -0.66 12.96
CA SER A 26 2.13 0.21 14.10
C SER A 26 0.74 0.02 14.73
N GLY A 27 -0.04 -0.92 14.16
CA GLY A 27 -1.37 -1.18 14.66
C GLY A 27 -2.29 -0.04 14.33
N LYS A 28 -1.88 0.73 13.36
CA LYS A 28 -2.60 1.89 12.93
C LYS A 28 -3.20 1.59 11.60
N THR A 29 -4.43 1.94 11.42
CA THR A 29 -5.09 1.64 10.19
C THR A 29 -5.31 2.90 9.38
N LYS A 30 -5.08 2.80 8.11
CA LYS A 30 -5.47 3.85 7.20
C LYS A 30 -6.32 3.24 6.13
N GLU A 31 -7.35 3.91 5.75
CA GLU A 31 -8.22 3.38 4.76
C GLU A 31 -8.45 4.43 3.70
N PHE A 32 -8.27 4.05 2.47
CA PHE A 32 -8.41 4.95 1.34
C PHE A 32 -8.98 4.21 0.18
N LEU A 33 -9.54 4.92 -0.75
CA LEU A 33 -9.98 4.29 -1.95
C LEU A 33 -8.76 4.10 -2.84
N PHE A 34 -8.54 2.91 -3.26
CA PHE A 34 -7.46 2.60 -4.16
C PHE A 34 -8.02 1.84 -5.32
N SER A 35 -7.28 1.71 -6.36
CA SER A 35 -7.80 1.00 -7.47
C SER A 35 -7.39 -0.44 -7.35
N PRO A 36 -8.19 -1.37 -7.85
CA PRO A 36 -7.90 -2.79 -7.80
C PRO A 36 -6.61 -3.14 -8.57
N ASN A 37 -6.11 -2.17 -9.34
CA ASN A 37 -4.92 -2.35 -10.16
C ASN A 37 -3.66 -1.91 -9.43
N ASP A 38 -3.83 -1.26 -8.27
CA ASP A 38 -2.66 -0.81 -7.48
C ASP A 38 -1.98 -1.96 -6.79
N SER A 39 -0.71 -1.83 -6.52
CA SER A 39 0.03 -2.87 -5.84
C SER A 39 -0.13 -2.65 -4.33
N ALA A 40 -0.70 -3.63 -3.66
CA ALA A 40 -0.99 -3.56 -2.20
C ALA A 40 0.25 -3.24 -1.37
N SER A 41 1.38 -3.80 -1.74
CA SER A 41 2.61 -3.60 -1.03
C SER A 41 3.18 -2.19 -1.28
N ASP A 42 2.95 -1.69 -2.47
CA ASP A 42 3.33 -0.32 -2.85
C ASP A 42 2.48 0.63 -2.04
N ILE A 43 1.20 0.30 -1.95
CA ILE A 43 0.24 1.05 -1.18
C ILE A 43 0.63 1.06 0.28
N ALA A 44 1.09 -0.08 0.80
CA ALA A 44 1.57 -0.19 2.16
C ALA A 44 2.58 0.89 2.49
N LYS A 45 3.46 1.20 1.54
CA LYS A 45 4.44 2.23 1.73
C LYS A 45 3.78 3.61 1.66
N HIS A 46 2.82 3.73 0.75
CA HIS A 46 2.00 4.94 0.54
C HIS A 46 1.23 5.31 1.84
N VAL A 47 0.57 4.33 2.40
CA VAL A 47 -0.21 4.50 3.61
C VAL A 47 0.67 4.57 4.86
N TYR A 48 1.82 3.88 4.81
CA TYR A 48 2.80 3.85 5.93
C TYR A 48 3.08 5.26 6.46
N ASP A 49 3.34 6.19 5.55
CA ASP A 49 3.57 7.58 5.94
C ASP A 49 3.17 8.50 4.82
N ASN A 50 3.84 8.37 3.70
CA ASN A 50 3.60 9.21 2.54
C ASN A 50 3.96 8.36 1.32
N TRP A 51 3.58 8.80 0.14
CA TRP A 51 3.85 8.09 -1.09
C TRP A 51 5.36 7.89 -1.30
N PRO A 52 5.80 6.64 -1.48
CA PRO A 52 7.21 6.35 -1.69
C PRO A 52 7.73 6.86 -3.05
N MET A 53 8.40 8.01 -3.03
CA MET A 53 9.01 8.55 -4.22
C MET A 53 10.34 7.87 -4.41
N ASP A 54 11.03 7.72 -3.30
CA ASP A 54 12.26 6.97 -3.22
C ASP A 54 11.86 5.64 -2.63
N TRP A 55 12.56 4.59 -2.96
CA TRP A 55 12.11 3.29 -2.51
C TRP A 55 12.64 2.93 -1.12
N GLU A 56 13.78 2.30 -1.02
CA GLU A 56 14.37 2.03 0.27
C GLU A 56 15.82 2.39 0.19
N GLU A 57 16.32 3.08 1.16
CA GLU A 57 17.71 3.41 1.17
C GLU A 57 18.23 3.36 2.60
N GLU A 58 17.57 2.51 3.39
CA GLU A 58 17.98 2.26 4.78
C GLU A 58 19.39 1.67 4.70
N GLN A 59 19.55 0.68 3.82
CA GLN A 59 20.83 0.06 3.51
C GLN A 59 20.93 -0.19 2.01
N VAL A 60 20.00 -0.99 1.49
CA VAL A 60 19.92 -1.33 0.07
C VAL A 60 18.45 -1.53 -0.30
N SER A 61 18.04 -1.04 -1.47
CA SER A 61 16.67 -1.23 -1.94
C SER A 61 16.35 -2.73 -2.00
N SER A 62 15.34 -3.13 -1.28
CA SER A 62 15.04 -4.52 -1.13
C SER A 62 13.54 -4.76 -1.28
N PRO A 63 13.10 -5.39 -2.38
CA PRO A 63 11.69 -5.69 -2.62
C PRO A 63 11.16 -6.72 -1.61
N ASN A 64 12.08 -7.38 -0.94
CA ASN A 64 11.79 -8.39 0.07
C ASN A 64 11.04 -7.82 1.27
N ILE A 65 11.01 -6.50 1.39
CA ILE A 65 10.28 -5.88 2.47
C ILE A 65 8.80 -5.73 2.09
N LEU A 66 8.52 -5.88 0.80
CA LEU A 66 7.17 -5.74 0.26
C LEU A 66 6.42 -7.05 0.41
N ARG A 67 5.68 -7.17 1.49
CA ARG A 67 4.83 -8.33 1.75
C ARG A 67 3.44 -7.88 2.13
N LEU A 68 2.46 -8.68 1.82
CA LEU A 68 1.10 -8.33 2.10
C LEU A 68 0.36 -9.49 2.70
N ILE A 69 -0.46 -9.22 3.65
CA ILE A 69 -1.26 -10.21 4.29
C ILE A 69 -2.70 -9.98 3.96
N TYR A 70 -3.32 -10.96 3.40
CA TYR A 70 -4.68 -10.85 3.04
C TYR A 70 -5.46 -11.57 4.10
N GLN A 71 -5.78 -10.81 5.13
CA GLN A 71 -6.46 -11.18 6.30
C GLN A 71 -5.61 -12.12 7.21
N GLY A 72 -5.24 -13.28 6.71
CA GLY A 72 -4.51 -14.22 7.52
C GLY A 72 -3.18 -14.66 6.94
N ARG A 73 -3.05 -14.68 5.62
CA ARG A 73 -1.79 -15.17 5.03
C ARG A 73 -1.24 -14.20 4.00
N PHE A 74 0.03 -14.35 3.70
CA PHE A 74 0.70 -13.53 2.72
C PHE A 74 0.39 -14.10 1.33
N LEU A 75 -0.28 -13.34 0.48
CA LEU A 75 -0.62 -13.86 -0.85
C LEU A 75 0.54 -13.78 -1.85
N HIS A 76 1.18 -12.62 -1.92
CA HIS A 76 2.29 -12.38 -2.85
C HIS A 76 2.74 -10.95 -2.66
N GLY A 77 4.03 -10.76 -2.59
CA GLY A 77 4.67 -9.47 -2.28
C GLY A 77 4.35 -8.26 -3.20
N ASN A 78 3.49 -8.41 -4.19
CA ASN A 78 3.28 -7.35 -5.16
C ASN A 78 1.96 -7.60 -5.92
N VAL A 79 1.09 -8.39 -5.33
CA VAL A 79 -0.15 -8.71 -5.99
C VAL A 79 -1.17 -7.58 -5.81
N THR A 80 -1.97 -7.36 -6.81
CA THR A 80 -2.93 -6.29 -6.82
C THR A 80 -4.21 -6.71 -6.09
N LEU A 81 -5.01 -5.71 -5.72
CA LEU A 81 -6.21 -5.94 -4.95
C LEU A 81 -7.25 -6.70 -5.74
N GLY A 82 -7.33 -6.44 -7.04
CA GLY A 82 -8.26 -7.17 -7.88
C GLY A 82 -7.94 -8.65 -7.90
N ALA A 83 -6.66 -8.96 -7.82
CA ALA A 83 -6.18 -10.31 -7.82
C ALA A 83 -6.44 -11.02 -6.48
N LEU A 84 -6.74 -10.25 -5.46
CA LEU A 84 -7.05 -10.78 -4.13
C LEU A 84 -8.53 -11.18 -4.08
N LYS A 85 -9.23 -10.88 -5.16
CA LYS A 85 -10.67 -11.07 -5.34
C LYS A 85 -11.46 -10.01 -4.57
N LEU A 86 -11.51 -8.82 -5.15
CA LEU A 86 -12.25 -7.70 -4.59
C LEU A 86 -13.20 -7.14 -5.60
N PRO A 87 -14.49 -7.32 -5.38
CA PRO A 87 -15.50 -6.67 -6.20
C PRO A 87 -15.44 -5.17 -5.96
N PHE A 88 -15.64 -4.39 -6.99
CA PHE A 88 -15.50 -2.95 -6.88
C PHE A 88 -16.55 -2.37 -5.94
N GLY A 89 -16.18 -1.34 -5.23
CA GLY A 89 -17.10 -0.68 -4.34
C GLY A 89 -17.24 -1.34 -3.00
N LYS A 90 -16.46 -2.37 -2.76
CA LYS A 90 -16.57 -3.07 -1.50
C LYS A 90 -15.42 -2.78 -0.59
N THR A 91 -15.67 -2.92 0.70
CA THR A 91 -14.69 -2.64 1.71
C THR A 91 -13.90 -3.89 2.04
N THR A 92 -12.62 -3.82 1.88
CA THR A 92 -11.76 -4.91 2.20
C THR A 92 -10.57 -4.43 3.04
N VAL A 93 -10.26 -5.18 4.08
CA VAL A 93 -9.17 -4.86 4.95
C VAL A 93 -8.01 -5.85 4.75
N MET A 94 -6.79 -5.33 4.82
CA MET A 94 -5.59 -6.12 4.66
C MET A 94 -4.59 -5.75 5.71
N HIS A 95 -3.74 -6.68 6.05
CA HIS A 95 -2.70 -6.41 7.01
C HIS A 95 -1.41 -6.28 6.23
N LEU A 96 -0.72 -5.20 6.40
CA LEU A 96 0.48 -4.99 5.64
C LEU A 96 1.68 -4.94 6.52
N VAL A 97 2.76 -5.48 6.04
CA VAL A 97 3.98 -5.42 6.74
C VAL A 97 4.98 -4.65 5.89
N ALA A 98 5.67 -3.72 6.49
CA ALA A 98 6.63 -2.93 5.78
C ALA A 98 7.89 -2.84 6.60
N ARG A 99 9.00 -2.92 5.94
CA ARG A 99 10.29 -2.91 6.57
C ARG A 99 11.20 -2.04 5.75
N GLU A 100 12.18 -1.39 6.41
CA GLU A 100 13.21 -0.56 5.74
C GLU A 100 12.57 0.45 4.78
N THR A 101 11.38 0.90 5.15
CA THR A 101 10.53 1.75 4.33
C THR A 101 11.01 3.23 4.38
N LEU A 102 12.22 3.43 4.81
CA LEU A 102 12.78 4.72 4.93
C LEU A 102 13.80 4.97 3.81
N PRO A 103 13.73 6.15 3.17
CA PRO A 103 14.68 6.55 2.10
C PRO A 103 16.06 6.91 2.66
N GLU A 104 16.22 6.74 3.95
CA GLU A 104 17.45 6.96 4.65
C GLU A 104 17.30 6.18 5.93
N PRO A 105 18.38 5.45 6.37
CA PRO A 105 18.41 4.57 7.55
C PRO A 105 17.39 4.88 8.64
N ASN A 106 17.41 6.09 9.16
CA ASN A 106 16.48 6.45 10.23
C ASN A 106 16.27 7.96 10.25
N SER A 107 16.68 8.60 9.15
CA SER A 107 16.68 10.05 9.02
C SER A 107 17.69 10.61 10.03
N GLN A 108 18.77 9.84 10.18
CA GLN A 108 19.85 10.14 11.10
C GLN A 108 20.62 11.37 10.67
N GLY A 109 20.66 11.58 9.39
CA GLY A 109 21.38 12.69 8.86
C GLY A 109 22.62 12.23 8.15
N GLN A 110 23.17 11.12 8.60
CA GLN A 110 24.32 10.57 7.93
C GLN A 110 23.87 9.71 6.79
N ARG A 111 24.11 10.19 5.60
CA ARG A 111 23.77 9.49 4.38
C ARG A 111 24.25 10.26 3.19
N ASN A 112 25.32 9.82 2.62
CA ASN A 112 25.76 10.40 1.40
C ASN A 112 25.25 9.54 0.27
N ARG A 113 24.71 10.18 -0.76
CA ARG A 113 24.12 9.48 -1.91
C ARG A 113 25.19 8.60 -2.50
N GLU A 114 26.32 9.20 -2.73
CA GLU A 114 27.55 8.57 -3.17
C GLU A 114 28.64 9.48 -2.75
N LYS A 115 29.85 9.02 -2.80
CA LYS A 115 30.98 9.87 -2.48
C LYS A 115 31.14 10.97 -3.55
N THR A 116 30.64 12.16 -3.22
CA THR A 116 30.65 13.32 -4.13
C THR A 116 29.75 12.97 -5.34
N GLY A 117 28.69 12.22 -5.10
CA GLY A 117 27.87 11.76 -6.20
C GLY A 117 26.40 12.12 -6.12
N GLU A 118 26.04 13.15 -5.36
CA GLU A 118 24.65 13.57 -5.40
C GLU A 118 24.46 14.59 -6.51
N SER A 119 24.19 14.05 -7.69
CA SER A 119 24.12 14.80 -8.93
C SER A 119 25.50 15.31 -9.34
N ASN A 120 26.16 14.53 -10.15
CA ASN A 120 27.47 14.85 -10.65
C ASN A 120 27.34 15.85 -11.78
N CYS A 121 26.24 15.71 -12.53
CA CYS A 121 26.00 16.45 -13.75
C CYS A 121 27.06 16.08 -14.75
N CYS A 122 26.81 14.99 -15.42
CA CYS A 122 27.76 14.39 -16.28
C CYS A 122 27.86 15.11 -17.61
N VAL A 123 29.00 15.70 -17.84
CA VAL A 123 29.27 16.41 -19.05
C VAL A 123 29.88 15.45 -20.09
N ILE A 124 29.02 14.73 -20.76
CA ILE A 124 29.43 13.78 -21.75
C ILE A 124 29.22 14.38 -23.14
N LEU A 125 30.30 14.68 -23.81
CA LEU A 125 30.26 15.31 -25.09
C LEU A 125 30.58 14.28 -26.15
N SER A 10 -22.59 5.40 -5.03
CA SER A 10 -23.21 4.64 -3.97
C SER A 10 -23.26 5.49 -2.72
N SER A 11 -23.40 4.86 -1.58
CA SER A 11 -23.44 5.57 -0.34
C SER A 11 -22.09 5.49 0.39
N ASN A 12 -21.10 4.81 -0.19
CA ASN A 12 -19.80 4.70 0.47
C ASN A 12 -18.66 4.44 -0.53
N VAL A 13 -18.61 3.26 -1.12
CA VAL A 13 -17.57 2.94 -2.07
C VAL A 13 -18.11 3.20 -3.48
N PRO A 14 -17.56 4.17 -4.22
CA PRO A 14 -18.10 4.69 -5.52
C PRO A 14 -18.22 3.70 -6.69
N ALA A 15 -18.24 2.41 -6.42
CA ALA A 15 -18.39 1.32 -7.43
C ALA A 15 -17.26 1.25 -8.47
N ASP A 16 -16.69 2.35 -8.83
CA ASP A 16 -15.60 2.39 -9.79
C ASP A 16 -14.26 2.18 -9.08
N MET A 17 -14.31 2.22 -7.77
CA MET A 17 -13.12 2.06 -6.95
C MET A 17 -13.34 0.91 -5.97
N ILE A 18 -12.27 0.30 -5.56
CA ILE A 18 -12.32 -0.72 -4.52
C ILE A 18 -11.88 -0.07 -3.20
N ASN A 19 -12.56 -0.39 -2.12
CA ASN A 19 -12.23 0.28 -0.88
C ASN A 19 -11.34 -0.62 -0.08
N LEU A 20 -10.17 -0.13 0.25
CA LEU A 20 -9.20 -0.93 0.91
C LEU A 20 -8.70 -0.29 2.19
N ARG A 21 -8.64 -1.08 3.24
CA ARG A 21 -8.02 -0.66 4.45
C ARG A 21 -6.70 -1.39 4.64
N LEU A 22 -5.67 -0.61 4.73
CA LEU A 22 -4.31 -1.07 4.90
C LEU A 22 -3.96 -1.03 6.39
N ILE A 23 -3.48 -2.14 6.93
CA ILE A 23 -3.11 -2.15 8.34
C ILE A 23 -1.61 -1.97 8.44
N LEU A 24 -1.21 -0.94 9.10
CA LEU A 24 0.20 -0.67 9.32
C LEU A 24 0.71 -1.56 10.45
N VAL A 25 2.02 -1.88 10.47
CA VAL A 25 2.58 -2.75 11.51
C VAL A 25 2.60 -2.04 12.86
N SER A 26 2.39 -0.73 12.83
CA SER A 26 2.30 0.07 14.02
C SER A 26 0.93 -0.14 14.69
N GLY A 27 0.03 -0.83 13.98
CA GLY A 27 -1.29 -1.13 14.51
C GLY A 27 -2.32 -0.11 14.12
N LYS A 28 -1.94 0.79 13.27
CA LYS A 28 -2.85 1.80 12.77
C LYS A 28 -3.55 1.25 11.56
N THR A 29 -4.84 1.36 11.52
CA THR A 29 -5.56 0.90 10.39
C THR A 29 -5.95 2.11 9.58
N LYS A 30 -5.67 2.11 8.31
CA LYS A 30 -5.93 3.30 7.52
C LYS A 30 -6.67 2.87 6.26
N GLU A 31 -7.66 3.63 5.85
CA GLU A 31 -8.55 3.19 4.78
C GLU A 31 -8.76 4.28 3.74
N PHE A 32 -8.60 3.90 2.48
CA PHE A 32 -8.75 4.79 1.35
C PHE A 32 -9.35 4.07 0.18
N LEU A 33 -9.89 4.82 -0.74
CA LEU A 33 -10.37 4.28 -1.97
C LEU A 33 -9.18 4.09 -2.89
N PHE A 34 -9.01 2.91 -3.40
CA PHE A 34 -7.92 2.63 -4.31
C PHE A 34 -8.46 1.97 -5.56
N SER A 35 -7.68 1.94 -6.57
CA SER A 35 -8.10 1.33 -7.78
C SER A 35 -7.65 -0.12 -7.74
N PRO A 36 -8.45 -1.06 -8.27
CA PRO A 36 -8.13 -2.49 -8.26
C PRO A 36 -6.84 -2.83 -9.04
N ASN A 37 -6.36 -1.85 -9.78
CA ASN A 37 -5.14 -1.96 -10.58
C ASN A 37 -3.88 -1.69 -9.73
N ASP A 38 -4.10 -1.07 -8.56
CA ASP A 38 -2.99 -0.74 -7.64
C ASP A 38 -2.37 -1.96 -7.00
N SER A 39 -1.12 -1.82 -6.62
CA SER A 39 -0.37 -2.89 -6.02
C SER A 39 -0.42 -2.74 -4.49
N ALA A 40 -0.89 -3.79 -3.82
CA ALA A 40 -1.09 -3.80 -2.35
C ALA A 40 0.15 -3.33 -1.55
N SER A 41 1.32 -3.91 -1.83
CA SER A 41 2.52 -3.56 -1.06
C SER A 41 2.99 -2.12 -1.39
N ASP A 42 2.68 -1.67 -2.60
CA ASP A 42 2.96 -0.30 -3.03
C ASP A 42 2.08 0.64 -2.23
N ILE A 43 0.82 0.28 -2.14
CA ILE A 43 -0.16 1.01 -1.38
C ILE A 43 0.25 1.04 0.10
N ALA A 44 0.71 -0.08 0.62
CA ALA A 44 1.19 -0.21 2.00
C ALA A 44 2.20 0.87 2.34
N LYS A 45 3.16 1.03 1.49
CA LYS A 45 4.22 1.98 1.70
C LYS A 45 3.66 3.41 1.50
N HIS A 46 2.66 3.53 0.62
CA HIS A 46 2.00 4.80 0.30
C HIS A 46 1.12 5.27 1.50
N VAL A 47 0.27 4.38 2.00
CA VAL A 47 -0.63 4.68 3.12
C VAL A 47 0.13 5.00 4.38
N TYR A 48 1.30 4.38 4.54
CA TYR A 48 2.16 4.61 5.70
C TYR A 48 2.49 6.10 5.81
N ASP A 49 2.94 6.70 4.68
CA ASP A 49 3.22 8.15 4.56
C ASP A 49 3.95 8.43 3.25
N ASN A 50 5.22 8.12 3.23
CA ASN A 50 6.08 8.40 2.09
C ASN A 50 5.87 7.36 1.00
N TRP A 51 5.34 7.79 -0.14
CA TRP A 51 5.08 6.90 -1.25
C TRP A 51 6.35 6.22 -1.74
N PRO A 52 6.25 4.93 -2.11
CA PRO A 52 7.38 4.15 -2.56
C PRO A 52 7.98 4.65 -3.87
N MET A 53 9.31 4.67 -3.89
CA MET A 53 10.16 5.08 -5.03
C MET A 53 10.41 6.60 -5.03
N ASP A 54 10.04 7.26 -3.95
CA ASP A 54 10.34 8.68 -3.78
C ASP A 54 11.84 8.82 -3.45
N TRP A 55 12.20 8.73 -2.17
CA TRP A 55 13.59 8.75 -1.70
C TRP A 55 13.52 8.79 -0.18
N GLU A 56 14.67 8.63 0.50
CA GLU A 56 14.71 8.65 1.99
C GLU A 56 13.82 7.57 2.58
N GLU A 57 13.57 6.52 1.82
CA GLU A 57 12.78 5.39 2.28
C GLU A 57 13.63 4.57 3.26
N GLU A 58 14.92 4.76 3.09
CA GLU A 58 16.02 4.35 3.94
C GLU A 58 17.26 4.92 3.29
N GLN A 59 17.44 4.55 2.04
CA GLN A 59 18.38 5.15 1.12
C GLN A 59 17.71 4.97 -0.23
N VAL A 60 17.37 3.73 -0.50
CA VAL A 60 16.60 3.36 -1.65
C VAL A 60 15.32 2.70 -1.15
N SER A 61 15.45 1.45 -0.72
CA SER A 61 14.41 0.57 -0.18
C SER A 61 15.00 -0.80 -0.03
N SER A 62 14.26 -1.70 0.53
CA SER A 62 14.67 -3.05 0.67
C SER A 62 13.64 -3.94 -0.03
N PRO A 63 14.05 -4.93 -0.80
CA PRO A 63 13.10 -5.77 -1.54
C PRO A 63 12.34 -6.80 -0.71
N ASN A 64 13.00 -7.41 0.27
CA ASN A 64 12.36 -8.50 1.03
C ASN A 64 11.41 -8.00 2.10
N ILE A 65 11.29 -6.70 2.20
CA ILE A 65 10.41 -6.11 3.17
C ILE A 65 9.05 -5.83 2.54
N LEU A 66 9.02 -5.85 1.22
CA LEU A 66 7.83 -5.52 0.47
C LEU A 66 6.93 -6.76 0.42
N ARG A 67 6.04 -6.86 1.38
CA ARG A 67 5.14 -7.99 1.47
C ARG A 67 3.76 -7.55 1.91
N LEU A 68 2.80 -8.42 1.70
CA LEU A 68 1.43 -8.13 2.00
C LEU A 68 0.75 -9.34 2.59
N ILE A 69 -0.23 -9.12 3.40
CA ILE A 69 -1.01 -10.15 4.00
C ILE A 69 -2.46 -9.93 3.65
N TYR A 70 -3.09 -10.93 3.12
CA TYR A 70 -4.49 -10.83 2.76
C TYR A 70 -5.29 -11.48 3.83
N GLN A 71 -5.31 -10.74 4.96
CA GLN A 71 -5.94 -11.04 6.18
C GLN A 71 -5.32 -12.28 6.88
N GLY A 72 -5.31 -13.39 6.19
CA GLY A 72 -4.78 -14.61 6.73
C GLY A 72 -3.29 -14.79 6.49
N ARG A 73 -2.89 -14.88 5.23
CA ARG A 73 -1.48 -15.14 4.91
C ARG A 73 -0.93 -14.17 3.87
N PHE A 74 0.35 -14.30 3.61
CA PHE A 74 1.04 -13.50 2.62
C PHE A 74 0.74 -14.10 1.25
N LEU A 75 0.12 -13.34 0.37
CA LEU A 75 -0.19 -13.87 -0.96
C LEU A 75 1.01 -13.84 -1.87
N HIS A 76 1.67 -12.71 -1.89
CA HIS A 76 2.76 -12.45 -2.79
C HIS A 76 3.39 -11.18 -2.29
N GLY A 77 4.55 -10.83 -2.77
CA GLY A 77 5.18 -9.60 -2.34
C GLY A 77 4.62 -8.36 -3.03
N ASN A 78 3.66 -8.55 -3.95
CA ASN A 78 3.12 -7.45 -4.75
C ASN A 78 2.02 -7.98 -5.67
N VAL A 79 0.88 -8.27 -5.09
CA VAL A 79 -0.30 -8.69 -5.82
C VAL A 79 -1.30 -7.51 -5.88
N THR A 80 -2.12 -7.44 -6.91
CA THR A 80 -3.09 -6.35 -7.04
C THR A 80 -4.39 -6.69 -6.31
N LEU A 81 -5.22 -5.67 -6.03
CA LEU A 81 -6.46 -5.89 -5.31
C LEU A 81 -7.46 -6.67 -6.18
N GLY A 82 -7.42 -6.43 -7.48
CA GLY A 82 -8.28 -7.18 -8.40
C GLY A 82 -7.92 -8.66 -8.38
N ALA A 83 -6.65 -8.95 -8.21
CA ALA A 83 -6.14 -10.31 -8.15
C ALA A 83 -6.53 -11.00 -6.85
N LEU A 84 -6.95 -10.21 -5.86
CA LEU A 84 -7.36 -10.72 -4.56
C LEU A 84 -8.80 -11.21 -4.62
N LYS A 85 -9.41 -11.07 -5.79
CA LYS A 85 -10.82 -11.39 -6.00
C LYS A 85 -11.67 -10.46 -5.17
N LEU A 86 -11.73 -9.22 -5.60
CA LEU A 86 -12.46 -8.22 -4.88
C LEU A 86 -13.35 -7.45 -5.81
N PRO A 87 -14.64 -7.42 -5.54
CA PRO A 87 -15.55 -6.60 -6.29
C PRO A 87 -15.49 -5.16 -5.81
N PHE A 88 -15.62 -4.28 -6.74
CA PHE A 88 -15.62 -2.88 -6.47
C PHE A 88 -16.93 -2.46 -5.86
N GLY A 89 -16.87 -1.46 -5.03
CA GLY A 89 -18.04 -1.07 -4.30
C GLY A 89 -18.11 -1.76 -2.96
N LYS A 90 -17.08 -2.55 -2.65
CA LYS A 90 -16.99 -3.25 -1.40
C LYS A 90 -15.73 -2.84 -0.64
N THR A 91 -15.74 -3.04 0.67
CA THR A 91 -14.63 -2.68 1.51
C THR A 91 -13.85 -3.92 1.95
N THR A 92 -12.56 -3.91 1.72
CA THR A 92 -11.70 -5.03 2.06
C THR A 92 -10.55 -4.55 2.95
N VAL A 93 -10.17 -5.37 3.90
CA VAL A 93 -9.08 -5.05 4.80
C VAL A 93 -7.87 -5.98 4.55
N MET A 94 -6.69 -5.43 4.56
CA MET A 94 -5.46 -6.20 4.38
C MET A 94 -4.43 -5.79 5.38
N HIS A 95 -3.57 -6.70 5.72
CA HIS A 95 -2.48 -6.42 6.64
C HIS A 95 -1.22 -6.28 5.87
N LEU A 96 -0.47 -5.29 6.15
CA LEU A 96 0.73 -5.05 5.42
C LEU A 96 1.90 -5.02 6.35
N VAL A 97 3.01 -5.52 5.89
CA VAL A 97 4.21 -5.53 6.67
C VAL A 97 5.28 -4.70 5.99
N ALA A 98 5.92 -3.87 6.75
CA ALA A 98 6.98 -3.03 6.26
C ALA A 98 8.16 -3.09 7.19
N ARG A 99 9.34 -3.01 6.64
CA ARG A 99 10.58 -3.06 7.39
C ARG A 99 11.52 -2.16 6.70
N GLU A 100 12.42 -1.51 7.47
CA GLU A 100 13.41 -0.60 6.90
C GLU A 100 12.71 0.48 6.09
N THR A 101 11.55 0.88 6.58
CA THR A 101 10.73 1.84 5.92
C THR A 101 10.99 3.27 6.46
N LEU A 102 11.93 3.37 7.40
CA LEU A 102 12.31 4.67 7.95
C LEU A 102 13.61 5.14 7.35
N PRO A 103 13.74 6.45 7.14
CA PRO A 103 14.93 7.05 6.56
C PRO A 103 16.16 6.93 7.47
N GLU A 104 17.28 6.58 6.88
CA GLU A 104 18.54 6.64 7.55
C GLU A 104 19.37 7.72 6.91
N PRO A 105 20.31 8.35 7.67
CA PRO A 105 21.21 9.39 7.15
C PRO A 105 21.78 9.04 5.77
N ASN A 106 22.49 7.93 5.70
CA ASN A 106 23.09 7.46 4.47
C ASN A 106 22.97 5.93 4.45
N SER A 107 22.15 5.43 5.36
CA SER A 107 21.97 4.02 5.62
C SER A 107 23.22 3.34 6.13
N GLN A 108 23.45 3.51 7.41
CA GLN A 108 24.53 2.85 8.07
C GLN A 108 24.10 1.46 8.53
N GLY A 109 22.85 1.35 9.03
CA GLY A 109 22.32 0.07 9.53
C GLY A 109 23.02 -0.44 10.78
N GLN A 110 23.98 0.31 11.26
CA GLN A 110 24.79 -0.07 12.38
C GLN A 110 24.85 1.08 13.35
N ARG A 111 24.24 0.88 14.49
CA ARG A 111 24.14 1.90 15.53
C ARG A 111 25.42 1.98 16.35
N ASN A 112 25.98 0.84 16.63
CA ASN A 112 27.15 0.75 17.51
C ASN A 112 28.45 0.88 16.69
N ARG A 113 29.61 0.96 17.38
CA ARG A 113 30.91 1.02 16.73
C ARG A 113 31.06 -0.17 15.80
N GLU A 114 30.81 -1.34 16.34
CA GLU A 114 30.85 -2.52 15.57
C GLU A 114 29.72 -3.48 15.93
N LYS A 115 29.90 -4.20 17.02
CA LYS A 115 29.02 -5.29 17.35
C LYS A 115 29.48 -5.83 18.69
N THR A 116 28.78 -6.82 19.22
CA THR A 116 29.11 -7.44 20.49
C THR A 116 30.56 -7.97 20.50
N GLY A 117 31.37 -7.38 21.34
CA GLY A 117 32.76 -7.73 21.41
C GLY A 117 33.57 -6.46 21.35
N GLU A 118 33.11 -5.58 20.47
CA GLU A 118 33.64 -4.24 20.25
C GLU A 118 35.14 -4.25 19.88
N SER A 119 35.42 -4.27 18.60
CA SER A 119 36.77 -4.36 18.08
C SER A 119 36.75 -3.94 16.60
N ASN A 120 37.75 -4.36 15.85
CA ASN A 120 37.75 -4.16 14.42
C ASN A 120 37.84 -5.52 13.76
N CYS A 121 36.71 -6.12 13.56
CA CYS A 121 36.64 -7.42 12.99
C CYS A 121 36.51 -7.34 11.48
N CYS A 122 37.64 -7.33 10.85
CA CYS A 122 37.72 -7.37 9.43
C CYS A 122 38.66 -8.50 9.09
N VAL A 123 38.11 -9.63 8.77
CA VAL A 123 38.91 -10.80 8.55
C VAL A 123 39.62 -10.80 7.22
N ILE A 124 40.87 -10.44 7.26
CA ILE A 124 41.72 -10.48 6.12
C ILE A 124 42.68 -11.66 6.26
N LEU A 125 42.25 -12.79 5.78
CA LEU A 125 43.00 -14.00 5.92
C LEU A 125 43.61 -14.39 4.60
N SER A 10 -17.08 10.57 -1.74
CA SER A 10 -18.05 9.55 -2.04
C SER A 10 -18.38 8.81 -0.76
N SER A 11 -19.62 8.50 -0.59
CA SER A 11 -20.07 7.80 0.60
C SER A 11 -20.21 6.32 0.33
N ASN A 12 -20.05 5.96 -0.90
CA ASN A 12 -20.16 4.59 -1.33
C ASN A 12 -18.95 4.27 -2.18
N VAL A 13 -18.58 3.03 -2.23
CA VAL A 13 -17.43 2.63 -2.99
C VAL A 13 -17.80 2.52 -4.47
N PRO A 14 -17.11 3.26 -5.35
CA PRO A 14 -17.35 3.20 -6.79
C PRO A 14 -17.14 1.79 -7.37
N ALA A 15 -17.59 1.60 -8.59
CA ALA A 15 -17.50 0.32 -9.26
C ALA A 15 -16.21 0.24 -10.07
N ASP A 16 -15.36 1.23 -9.90
CA ASP A 16 -14.04 1.24 -10.55
C ASP A 16 -12.95 1.37 -9.50
N MET A 17 -13.36 1.45 -8.24
CA MET A 17 -12.43 1.61 -7.15
C MET A 17 -12.75 0.60 -6.08
N ILE A 18 -11.79 0.26 -5.28
CA ILE A 18 -11.99 -0.61 -4.14
C ILE A 18 -11.54 0.12 -2.86
N ASN A 19 -12.34 0.06 -1.84
CA ASN A 19 -12.03 0.81 -0.62
C ASN A 19 -11.21 -0.08 0.28
N LEU A 20 -9.97 0.25 0.42
CA LEU A 20 -9.04 -0.60 1.10
C LEU A 20 -8.54 0.03 2.38
N ARG A 21 -8.49 -0.75 3.43
CA ARG A 21 -7.90 -0.31 4.63
C ARG A 21 -6.56 -1.01 4.79
N LEU A 22 -5.54 -0.20 4.85
CA LEU A 22 -4.15 -0.64 5.00
C LEU A 22 -3.78 -0.64 6.47
N ILE A 23 -3.26 -1.75 6.96
CA ILE A 23 -2.84 -1.76 8.32
C ILE A 23 -1.33 -1.62 8.36
N LEU A 24 -0.88 -0.56 9.02
CA LEU A 24 0.51 -0.22 9.10
C LEU A 24 1.23 -1.09 10.13
N VAL A 25 2.55 -1.18 10.02
CA VAL A 25 3.40 -2.01 10.90
C VAL A 25 3.35 -1.59 12.37
N SER A 26 2.80 -0.41 12.62
CA SER A 26 2.68 0.08 13.98
C SER A 26 1.42 -0.54 14.65
N GLY A 27 0.59 -1.22 13.84
CA GLY A 27 -0.63 -1.80 14.35
C GLY A 27 -1.79 -0.83 14.25
N LYS A 28 -1.54 0.25 13.53
CA LYS A 28 -2.52 1.29 13.32
C LYS A 28 -3.07 1.20 11.91
N THR A 29 -4.30 1.58 11.73
CA THR A 29 -4.94 1.42 10.45
C THR A 29 -5.21 2.75 9.78
N LYS A 30 -5.27 2.71 8.47
CA LYS A 30 -5.74 3.82 7.67
C LYS A 30 -6.44 3.32 6.44
N GLU A 31 -7.51 3.97 6.10
CA GLU A 31 -8.34 3.50 5.04
C GLU A 31 -8.47 4.57 3.99
N PHE A 32 -8.29 4.18 2.75
CA PHE A 32 -8.36 5.08 1.62
C PHE A 32 -8.98 4.36 0.44
N LEU A 33 -9.50 5.10 -0.48
CA LEU A 33 -10.04 4.51 -1.66
C LEU A 33 -8.90 4.31 -2.66
N PHE A 34 -8.72 3.12 -3.14
CA PHE A 34 -7.67 2.84 -4.09
C PHE A 34 -8.25 2.09 -5.26
N SER A 35 -7.48 1.89 -6.27
CA SER A 35 -7.94 1.16 -7.36
C SER A 35 -7.50 -0.27 -7.18
N PRO A 36 -8.23 -1.24 -7.67
CA PRO A 36 -7.87 -2.65 -7.55
C PRO A 36 -6.58 -2.96 -8.30
N ASN A 37 -6.15 -2.00 -9.11
CA ASN A 37 -4.95 -2.11 -9.93
C ASN A 37 -3.72 -1.58 -9.21
N ASP A 38 -3.90 -0.99 -8.03
CA ASP A 38 -2.74 -0.51 -7.24
C ASP A 38 -2.02 -1.68 -6.57
N SER A 39 -0.72 -1.54 -6.34
CA SER A 39 0.06 -2.58 -5.71
C SER A 39 -0.01 -2.42 -4.18
N ALA A 40 -0.52 -3.44 -3.52
CA ALA A 40 -0.76 -3.47 -2.06
C ALA A 40 0.41 -2.93 -1.21
N SER A 41 1.59 -3.47 -1.36
CA SER A 41 2.71 -3.05 -0.52
C SER A 41 3.26 -1.69 -0.96
N ASP A 42 3.01 -1.32 -2.19
CA ASP A 42 3.36 0.00 -2.71
C ASP A 42 2.45 1.00 -2.01
N ILE A 43 1.19 0.60 -1.86
CA ILE A 43 0.20 1.36 -1.15
C ILE A 43 0.59 1.51 0.32
N ALA A 44 1.07 0.41 0.92
CA ALA A 44 1.54 0.40 2.31
C ALA A 44 2.57 1.51 2.57
N LYS A 45 3.41 1.77 1.59
CA LYS A 45 4.39 2.83 1.68
C LYS A 45 3.70 4.20 1.55
N HIS A 46 2.68 4.25 0.70
CA HIS A 46 1.93 5.47 0.45
C HIS A 46 1.07 5.87 1.66
N VAL A 47 0.33 4.92 2.21
CA VAL A 47 -0.54 5.16 3.35
C VAL A 47 0.25 5.58 4.57
N TYR A 48 1.47 5.06 4.65
CA TYR A 48 2.39 5.42 5.71
C TYR A 48 2.73 6.94 5.69
N ASP A 49 3.12 7.45 4.51
CA ASP A 49 3.48 8.88 4.34
C ASP A 49 4.12 9.07 2.98
N ASN A 50 3.53 9.95 2.16
CA ASN A 50 4.06 10.31 0.81
C ASN A 50 3.88 9.11 -0.15
N TRP A 51 4.20 9.29 -1.40
CA TRP A 51 4.13 8.21 -2.34
C TRP A 51 5.53 7.76 -2.67
N PRO A 52 5.81 6.46 -2.60
CA PRO A 52 7.13 5.94 -2.89
C PRO A 52 7.51 6.05 -4.37
N MET A 53 8.20 7.12 -4.70
CA MET A 53 8.73 7.29 -6.06
C MET A 53 10.02 6.51 -6.15
N ASP A 54 10.67 6.45 -5.01
CA ASP A 54 11.88 5.70 -4.77
C ASP A 54 11.92 5.42 -3.29
N TRP A 55 12.05 6.52 -2.53
CA TRP A 55 11.97 6.58 -1.06
C TRP A 55 13.04 5.71 -0.32
N GLU A 56 13.97 5.11 -1.08
CA GLU A 56 15.08 4.29 -0.55
C GLU A 56 14.52 2.97 0.07
N GLU A 57 14.92 1.84 -0.47
CA GLU A 57 14.39 0.55 -0.04
C GLU A 57 15.21 -0.08 1.08
N GLU A 58 15.05 0.46 2.30
CA GLU A 58 15.74 -0.01 3.51
C GLU A 58 17.22 -0.37 3.32
N GLN A 59 18.01 0.67 3.07
CA GLN A 59 19.47 0.61 2.87
C GLN A 59 19.81 -0.24 1.65
N VAL A 60 18.82 -0.39 0.76
CA VAL A 60 18.90 -1.19 -0.49
C VAL A 60 19.15 -2.68 -0.15
N SER A 61 19.03 -3.01 1.11
CA SER A 61 19.33 -4.32 1.58
C SER A 61 18.04 -5.13 1.73
N SER A 62 16.94 -4.45 2.04
CA SER A 62 15.70 -5.14 2.26
C SER A 62 14.56 -4.60 1.36
N PRO A 63 14.46 -5.10 0.12
CA PRO A 63 13.39 -4.73 -0.79
C PRO A 63 12.25 -5.80 -0.81
N ASN A 64 12.57 -7.01 -0.34
CA ASN A 64 11.65 -8.15 -0.40
C ASN A 64 10.69 -8.14 0.78
N ILE A 65 10.84 -7.14 1.62
CA ILE A 65 10.08 -7.01 2.83
C ILE A 65 8.66 -6.50 2.57
N LEU A 66 8.38 -6.20 1.34
CA LEU A 66 7.07 -5.77 0.93
C LEU A 66 6.21 -7.00 0.75
N ARG A 67 5.23 -7.18 1.60
CA ARG A 67 4.40 -8.35 1.53
C ARG A 67 2.98 -7.98 1.98
N LEU A 68 1.97 -8.54 1.32
CA LEU A 68 0.59 -8.28 1.70
C LEU A 68 -0.07 -9.51 2.26
N ILE A 69 -0.88 -9.32 3.28
CA ILE A 69 -1.63 -10.40 3.87
C ILE A 69 -3.10 -10.19 3.58
N TYR A 70 -3.70 -11.09 2.87
CA TYR A 70 -5.12 -11.02 2.66
C TYR A 70 -5.78 -12.07 3.52
N GLN A 71 -5.86 -11.74 4.81
CA GLN A 71 -6.47 -12.55 5.85
C GLN A 71 -6.33 -14.05 5.71
N GLY A 72 -5.22 -14.54 6.17
CA GLY A 72 -4.91 -15.92 6.07
C GLY A 72 -3.50 -16.12 5.58
N ARG A 73 -3.22 -15.68 4.38
CA ARG A 73 -1.91 -15.88 3.83
C ARG A 73 -1.33 -14.60 3.25
N PHE A 74 -0.03 -14.58 3.19
CA PHE A 74 0.73 -13.50 2.59
C PHE A 74 0.82 -13.87 1.11
N LEU A 75 0.20 -13.10 0.24
CA LEU A 75 0.05 -13.56 -1.16
C LEU A 75 1.37 -13.53 -1.93
N HIS A 76 2.03 -12.40 -1.86
CA HIS A 76 3.29 -12.07 -2.55
C HIS A 76 3.65 -10.66 -2.14
N GLY A 77 4.49 -10.00 -2.89
CA GLY A 77 4.92 -8.68 -2.56
C GLY A 77 3.98 -7.56 -3.02
N ASN A 78 3.54 -7.59 -4.26
CA ASN A 78 2.78 -6.46 -4.85
C ASN A 78 1.55 -6.90 -5.60
N VAL A 79 0.92 -7.95 -5.13
CA VAL A 79 -0.32 -8.42 -5.74
C VAL A 79 -1.38 -7.34 -5.61
N THR A 80 -2.12 -7.16 -6.67
CA THR A 80 -3.13 -6.16 -6.70
C THR A 80 -4.37 -6.63 -5.96
N LEU A 81 -5.16 -5.69 -5.51
CA LEU A 81 -6.36 -5.96 -4.78
C LEU A 81 -7.36 -6.69 -5.68
N GLY A 82 -7.37 -6.33 -6.95
CA GLY A 82 -8.24 -6.99 -7.91
C GLY A 82 -7.89 -8.47 -8.05
N ALA A 83 -6.60 -8.78 -7.98
CA ALA A 83 -6.13 -10.16 -8.11
C ALA A 83 -6.56 -11.00 -6.91
N LEU A 84 -6.96 -10.32 -5.84
CA LEU A 84 -7.38 -10.95 -4.59
C LEU A 84 -8.86 -11.36 -4.66
N LYS A 85 -9.43 -11.33 -5.87
CA LYS A 85 -10.84 -11.67 -6.14
C LYS A 85 -11.77 -10.64 -5.51
N LEU A 86 -11.23 -9.46 -5.22
CA LEU A 86 -11.99 -8.41 -4.58
C LEU A 86 -12.83 -7.65 -5.59
N PRO A 87 -14.14 -7.71 -5.42
CA PRO A 87 -15.04 -6.97 -6.26
C PRO A 87 -15.08 -5.50 -5.85
N PHE A 88 -15.54 -4.69 -6.74
CA PHE A 88 -15.61 -3.27 -6.54
C PHE A 88 -16.83 -2.95 -5.69
N GLY A 89 -16.86 -1.78 -5.14
CA GLY A 89 -18.01 -1.36 -4.38
C GLY A 89 -18.03 -1.83 -2.93
N LYS A 90 -17.01 -2.56 -2.50
CA LYS A 90 -17.03 -3.03 -1.13
C LYS A 90 -15.76 -2.62 -0.35
N THR A 91 -15.88 -2.59 0.96
CA THR A 91 -14.80 -2.17 1.83
C THR A 91 -13.94 -3.37 2.23
N THR A 92 -12.67 -3.32 1.92
CA THR A 92 -11.78 -4.42 2.20
C THR A 92 -10.74 -4.02 3.27
N VAL A 93 -10.52 -4.90 4.22
CA VAL A 93 -9.50 -4.68 5.24
C VAL A 93 -8.38 -5.72 5.07
N MET A 94 -7.16 -5.23 4.98
CA MET A 94 -6.01 -6.09 4.75
C MET A 94 -4.85 -5.74 5.60
N HIS A 95 -4.03 -6.70 5.87
CA HIS A 95 -2.85 -6.49 6.68
C HIS A 95 -1.64 -6.40 5.79
N LEU A 96 -0.78 -5.47 6.08
CA LEU A 96 0.42 -5.29 5.31
C LEU A 96 1.59 -5.45 6.21
N VAL A 97 2.62 -6.06 5.72
CA VAL A 97 3.80 -6.24 6.51
C VAL A 97 5.01 -5.72 5.80
N ALA A 98 5.80 -5.04 6.56
CA ALA A 98 7.04 -4.48 6.13
C ALA A 98 8.04 -4.82 7.20
N ARG A 99 9.26 -5.03 6.81
CA ARG A 99 10.22 -5.59 7.72
C ARG A 99 11.48 -4.80 7.60
N GLU A 100 12.05 -4.42 8.74
CA GLU A 100 13.27 -3.60 8.80
C GLU A 100 12.98 -2.21 8.25
N THR A 101 11.71 -1.91 8.09
CA THR A 101 11.29 -0.71 7.52
C THR A 101 11.18 0.35 8.63
N LEU A 102 10.84 1.55 8.26
CA LEU A 102 10.70 2.62 9.22
C LEU A 102 9.41 2.45 10.00
N PRO A 103 9.44 2.73 11.31
CA PRO A 103 8.24 2.71 12.13
C PRO A 103 7.45 3.99 11.92
N GLU A 104 6.34 4.15 12.61
CA GLU A 104 5.55 5.35 12.47
C GLU A 104 6.33 6.50 13.10
N PRO A 105 6.61 7.57 12.28
CA PRO A 105 7.53 8.67 12.54
C PRO A 105 8.12 8.78 13.96
N ASN A 106 7.28 9.07 14.91
CA ASN A 106 7.70 9.23 16.30
C ASN A 106 6.47 8.99 17.14
N SER A 107 5.54 8.21 16.57
CA SER A 107 4.22 8.02 17.13
C SER A 107 3.51 9.35 17.10
N GLN A 108 3.55 9.93 15.92
CA GLN A 108 2.99 11.22 15.65
C GLN A 108 1.53 11.06 15.27
N GLY A 109 1.20 9.88 14.81
CA GLY A 109 -0.16 9.58 14.41
C GLY A 109 -0.46 10.03 12.99
N GLN A 110 0.30 11.01 12.55
CA GLN A 110 0.11 11.58 11.24
C GLN A 110 0.76 10.72 10.19
N ARG A 111 -0.05 10.12 9.38
CA ARG A 111 0.41 9.35 8.28
C ARG A 111 -0.20 9.98 7.04
N ASN A 112 0.64 10.51 6.20
CA ASN A 112 0.20 11.38 5.13
C ASN A 112 -0.46 10.73 3.95
N ARG A 113 -1.71 11.08 3.81
CA ARG A 113 -2.56 10.77 2.68
C ARG A 113 -2.05 11.50 1.45
N GLU A 114 -1.43 12.66 1.69
CA GLU A 114 -0.92 13.56 0.67
C GLU A 114 -2.06 14.20 -0.09
N LYS A 115 -2.31 15.45 0.21
CA LYS A 115 -3.43 16.19 -0.35
C LYS A 115 -3.27 16.45 -1.84
N THR A 116 -2.05 16.36 -2.33
CA THR A 116 -1.83 16.56 -3.75
C THR A 116 -1.88 15.25 -4.53
N GLY A 117 -2.14 14.16 -3.83
CA GLY A 117 -2.24 12.85 -4.45
C GLY A 117 -3.10 11.94 -3.60
N GLU A 118 -4.19 12.49 -3.13
CA GLU A 118 -5.06 11.79 -2.21
C GLU A 118 -6.10 10.91 -2.89
N SER A 119 -6.77 10.14 -2.07
CA SER A 119 -7.83 9.28 -2.50
C SER A 119 -9.15 9.89 -2.06
N ASN A 120 -9.94 10.35 -3.00
CA ASN A 120 -11.18 11.06 -2.70
C ASN A 120 -11.94 11.30 -4.00
N CYS A 121 -13.15 11.89 -3.91
CA CYS A 121 -14.00 12.15 -5.07
C CYS A 121 -14.49 10.83 -5.68
N CYS A 122 -14.86 10.84 -6.98
CA CYS A 122 -15.40 9.66 -7.67
C CYS A 122 -16.76 9.31 -7.08
N VAL A 123 -17.54 10.35 -6.81
CA VAL A 123 -18.83 10.22 -6.17
C VAL A 123 -19.86 9.54 -7.07
N ILE A 124 -20.00 8.28 -6.87
CA ILE A 124 -20.99 7.50 -7.56
C ILE A 124 -21.50 6.44 -6.60
N LEU A 125 -22.67 6.67 -6.08
CA LEU A 125 -23.24 5.82 -5.10
C LEU A 125 -24.37 4.99 -5.65
N SER A 10 -13.63 11.63 -2.18
CA SER A 10 -14.60 10.56 -2.30
C SER A 10 -15.29 10.34 -0.97
N SER A 11 -16.58 10.17 -1.01
CA SER A 11 -17.33 9.88 0.17
C SER A 11 -18.13 8.59 -0.05
N ASN A 12 -17.88 7.97 -1.19
CA ASN A 12 -18.50 6.71 -1.59
C ASN A 12 -17.50 5.99 -2.49
N VAL A 13 -17.59 4.69 -2.56
CA VAL A 13 -16.69 3.93 -3.39
C VAL A 13 -17.37 3.56 -4.71
N PRO A 14 -16.87 4.08 -5.84
CA PRO A 14 -17.42 3.77 -7.16
C PRO A 14 -16.92 2.40 -7.67
N ALA A 15 -17.49 1.93 -8.76
CA ALA A 15 -17.12 0.67 -9.36
C ALA A 15 -15.84 0.79 -10.19
N ASP A 16 -15.12 1.87 -10.01
CA ASP A 16 -13.85 2.02 -10.65
C ASP A 16 -12.74 1.89 -9.64
N MET A 17 -13.12 1.90 -8.37
CA MET A 17 -12.16 1.91 -7.27
C MET A 17 -12.50 0.84 -6.24
N ILE A 18 -11.53 0.43 -5.48
CA ILE A 18 -11.74 -0.48 -4.37
C ILE A 18 -11.33 0.20 -3.06
N ASN A 19 -12.07 -0.02 -2.01
CA ASN A 19 -11.77 0.64 -0.74
C ASN A 19 -10.92 -0.26 0.08
N LEU A 20 -9.73 0.15 0.34
CA LEU A 20 -8.78 -0.69 1.00
C LEU A 20 -8.33 -0.14 2.33
N ARG A 21 -8.32 -0.99 3.31
CA ARG A 21 -7.86 -0.65 4.60
C ARG A 21 -6.50 -1.30 4.80
N LEU A 22 -5.53 -0.48 5.03
CA LEU A 22 -4.13 -0.89 5.20
C LEU A 22 -3.79 -0.91 6.69
N ILE A 23 -3.26 -2.02 7.16
CA ILE A 23 -2.82 -2.05 8.53
C ILE A 23 -1.33 -1.82 8.53
N LEU A 24 -0.90 -0.74 9.12
CA LEU A 24 0.51 -0.39 9.15
C LEU A 24 1.27 -1.26 10.17
N VAL A 25 2.59 -1.38 10.00
CA VAL A 25 3.44 -2.18 10.91
C VAL A 25 3.44 -1.58 12.30
N SER A 26 3.17 -0.30 12.36
CA SER A 26 3.13 0.44 13.58
C SER A 26 1.84 0.10 14.37
N GLY A 27 0.98 -0.72 13.76
CA GLY A 27 -0.26 -1.10 14.37
C GLY A 27 -1.32 -0.07 14.16
N LYS A 28 -1.02 0.90 13.32
CA LYS A 28 -1.94 1.94 13.01
C LYS A 28 -2.79 1.47 11.88
N THR A 29 -4.06 1.63 12.02
CA THR A 29 -4.96 1.18 11.02
C THR A 29 -5.55 2.37 10.30
N LYS A 30 -5.51 2.34 8.99
CA LYS A 30 -6.03 3.44 8.22
C LYS A 30 -6.59 2.94 6.89
N GLU A 31 -7.59 3.62 6.37
CA GLU A 31 -8.32 3.14 5.22
C GLU A 31 -8.44 4.23 4.15
N PHE A 32 -8.15 3.86 2.91
CA PHE A 32 -8.22 4.80 1.77
C PHE A 32 -8.72 4.12 0.51
N LEU A 33 -9.17 4.94 -0.41
CA LEU A 33 -9.67 4.46 -1.67
C LEU A 33 -8.51 4.29 -2.64
N PHE A 34 -8.38 3.13 -3.21
CA PHE A 34 -7.32 2.84 -4.16
C PHE A 34 -7.88 2.14 -5.37
N SER A 35 -7.11 1.98 -6.39
CA SER A 35 -7.61 1.31 -7.53
C SER A 35 -7.23 -0.15 -7.44
N PRO A 36 -8.02 -1.04 -8.01
CA PRO A 36 -7.72 -2.48 -8.01
C PRO A 36 -6.41 -2.79 -8.77
N ASN A 37 -5.91 -1.78 -9.49
CA ASN A 37 -4.68 -1.83 -10.25
C ASN A 37 -3.49 -1.65 -9.33
N ASP A 38 -3.73 -1.06 -8.17
CA ASP A 38 -2.68 -0.82 -7.20
C ASP A 38 -2.32 -2.10 -6.48
N SER A 39 -1.09 -2.20 -6.03
CA SER A 39 -0.66 -3.37 -5.31
C SER A 39 -0.52 -3.05 -3.84
N ALA A 40 -0.97 -3.97 -3.00
CA ALA A 40 -1.01 -3.80 -1.55
C ALA A 40 0.32 -3.33 -0.94
N SER A 41 1.43 -4.00 -1.29
CA SER A 41 2.74 -3.67 -0.73
C SER A 41 3.18 -2.24 -1.14
N ASP A 42 2.75 -1.83 -2.33
CA ASP A 42 3.02 -0.47 -2.84
C ASP A 42 2.19 0.52 -2.05
N ILE A 43 0.95 0.17 -1.85
CA ILE A 43 0.00 0.98 -1.12
C ILE A 43 0.44 1.23 0.33
N ALA A 44 1.09 0.25 0.94
CA ALA A 44 1.68 0.41 2.27
C ALA A 44 2.51 1.69 2.33
N LYS A 45 3.27 1.97 1.28
CA LYS A 45 4.07 3.20 1.20
C LYS A 45 3.16 4.41 1.21
N HIS A 46 2.11 4.31 0.40
CA HIS A 46 1.14 5.38 0.14
C HIS A 46 0.43 5.77 1.41
N VAL A 47 0.04 4.77 2.18
CA VAL A 47 -0.68 4.98 3.40
C VAL A 47 0.19 5.50 4.55
N TYR A 48 1.47 5.09 4.59
CA TYR A 48 2.38 5.65 5.65
C TYR A 48 2.44 7.17 5.66
N ASP A 49 2.64 7.80 4.50
CA ASP A 49 2.67 9.29 4.35
C ASP A 49 3.27 9.65 3.02
N ASN A 50 4.15 8.83 2.56
CA ASN A 50 4.84 9.08 1.33
C ASN A 50 4.11 8.45 0.17
N TRP A 51 4.53 8.77 -1.02
CA TRP A 51 3.99 8.17 -2.18
C TRP A 51 5.04 7.29 -2.82
N PRO A 52 4.74 5.99 -2.99
CA PRO A 52 5.66 5.00 -3.65
C PRO A 52 5.88 5.27 -5.15
N MET A 53 5.89 6.51 -5.52
CA MET A 53 6.22 6.95 -6.83
C MET A 53 7.30 8.00 -6.65
N ASP A 54 8.46 7.50 -6.37
CA ASP A 54 9.61 8.29 -6.03
C ASP A 54 10.80 7.49 -6.57
N TRP A 55 11.95 7.66 -6.02
CA TRP A 55 13.08 6.90 -6.40
C TRP A 55 13.31 5.80 -5.39
N GLU A 56 12.89 6.10 -4.13
CA GLU A 56 13.02 5.17 -3.00
C GLU A 56 14.46 4.73 -2.84
N GLU A 57 15.25 5.54 -2.20
CA GLU A 57 16.64 5.24 -2.12
C GLU A 57 16.99 4.49 -0.86
N GLU A 58 16.83 3.21 -0.94
CA GLU A 58 17.19 2.33 0.12
C GLU A 58 17.83 1.12 -0.46
N GLN A 59 18.91 0.71 0.14
CA GLN A 59 19.60 -0.45 -0.29
C GLN A 59 18.93 -1.64 0.32
N VAL A 60 18.05 -2.22 -0.44
CA VAL A 60 17.25 -3.29 0.03
C VAL A 60 17.79 -4.66 -0.39
N SER A 61 18.38 -5.33 0.57
CA SER A 61 18.91 -6.66 0.37
C SER A 61 17.86 -7.66 0.88
N SER A 62 16.75 -7.12 1.30
CA SER A 62 15.65 -7.83 1.85
C SER A 62 14.33 -7.56 1.06
N PRO A 63 14.31 -7.63 -0.33
CA PRO A 63 13.12 -7.24 -1.14
C PRO A 63 11.86 -8.05 -0.83
N ASN A 64 12.05 -9.18 -0.15
CA ASN A 64 10.96 -10.07 0.21
C ASN A 64 10.16 -9.53 1.39
N ILE A 65 10.56 -8.37 1.93
CA ILE A 65 9.82 -7.74 3.01
C ILE A 65 8.57 -7.07 2.48
N LEU A 66 8.55 -6.81 1.19
CA LEU A 66 7.39 -6.25 0.54
C LEU A 66 6.42 -7.36 0.33
N ARG A 67 5.55 -7.56 1.29
CA ARG A 67 4.58 -8.59 1.20
C ARG A 67 3.30 -8.21 1.89
N LEU A 68 2.24 -8.88 1.53
CA LEU A 68 0.94 -8.54 1.96
C LEU A 68 0.22 -9.72 2.57
N ILE A 69 -0.56 -9.46 3.57
CA ILE A 69 -1.35 -10.47 4.22
C ILE A 69 -2.82 -10.19 3.94
N TYR A 70 -3.47 -11.12 3.31
CA TYR A 70 -4.87 -11.00 2.99
C TYR A 70 -5.67 -11.87 3.91
N GLN A 71 -5.78 -11.40 5.17
CA GLN A 71 -6.54 -12.09 6.22
C GLN A 71 -6.31 -13.58 6.25
N GLY A 72 -5.22 -13.96 6.83
CA GLY A 72 -4.85 -15.33 6.88
C GLY A 72 -3.40 -15.52 6.52
N ARG A 73 -3.08 -15.35 5.25
CA ARG A 73 -1.72 -15.63 4.78
C ARG A 73 -1.16 -14.48 3.94
N PHE A 74 0.11 -14.62 3.60
CA PHE A 74 0.77 -13.73 2.68
C PHE A 74 0.51 -14.28 1.28
N LEU A 75 -0.17 -13.54 0.45
CA LEU A 75 -0.51 -14.07 -0.89
C LEU A 75 0.64 -13.99 -1.86
N HIS A 76 1.26 -12.83 -1.90
CA HIS A 76 2.35 -12.56 -2.83
C HIS A 76 2.91 -11.20 -2.46
N GLY A 77 4.12 -10.96 -2.83
CA GLY A 77 4.80 -9.73 -2.49
C GLY A 77 4.30 -8.43 -3.16
N ASN A 78 3.28 -8.50 -4.01
CA ASN A 78 2.91 -7.30 -4.81
C ASN A 78 1.65 -7.63 -5.64
N VAL A 79 0.79 -8.48 -5.11
CA VAL A 79 -0.40 -8.84 -5.85
C VAL A 79 -1.44 -7.72 -5.71
N THR A 80 -2.11 -7.40 -6.79
CA THR A 80 -3.03 -6.30 -6.82
C THR A 80 -4.37 -6.68 -6.20
N LEU A 81 -5.10 -5.67 -5.76
CA LEU A 81 -6.40 -5.84 -5.14
C LEU A 81 -7.40 -6.49 -6.10
N GLY A 82 -7.28 -6.18 -7.38
CA GLY A 82 -8.16 -6.79 -8.39
C GLY A 82 -7.93 -8.28 -8.52
N ALA A 83 -6.71 -8.71 -8.24
CA ALA A 83 -6.34 -10.11 -8.31
C ALA A 83 -6.83 -10.85 -7.07
N LEU A 84 -7.20 -10.08 -6.06
CA LEU A 84 -7.67 -10.64 -4.80
C LEU A 84 -9.16 -10.99 -4.88
N LYS A 85 -9.72 -10.98 -6.11
CA LYS A 85 -11.13 -11.34 -6.40
C LYS A 85 -12.09 -10.26 -5.85
N LEU A 86 -11.53 -9.13 -5.49
CA LEU A 86 -12.28 -8.05 -4.86
C LEU A 86 -13.12 -7.28 -5.86
N PRO A 87 -14.44 -7.22 -5.65
CA PRO A 87 -15.31 -6.42 -6.46
C PRO A 87 -15.15 -4.95 -6.09
N PHE A 88 -15.55 -4.08 -6.98
CA PHE A 88 -15.34 -2.68 -6.77
C PHE A 88 -16.43 -2.15 -5.86
N GLY A 89 -16.13 -1.11 -5.12
CA GLY A 89 -17.11 -0.54 -4.22
C GLY A 89 -17.17 -1.23 -2.89
N LYS A 90 -16.31 -2.19 -2.66
CA LYS A 90 -16.29 -2.90 -1.40
C LYS A 90 -15.05 -2.55 -0.59
N THR A 91 -15.20 -2.61 0.72
CA THR A 91 -14.12 -2.34 1.63
C THR A 91 -13.40 -3.62 1.98
N THR A 92 -12.13 -3.61 1.73
CA THR A 92 -11.31 -4.74 2.03
C THR A 92 -10.24 -4.37 3.05
N VAL A 93 -10.09 -5.16 4.08
CA VAL A 93 -9.07 -4.92 5.08
C VAL A 93 -7.90 -5.88 4.88
N MET A 94 -6.71 -5.34 4.74
CA MET A 94 -5.53 -6.15 4.54
C MET A 94 -4.46 -5.75 5.49
N HIS A 95 -3.63 -6.67 5.81
CA HIS A 95 -2.56 -6.45 6.73
C HIS A 95 -1.27 -6.38 5.97
N LEU A 96 -0.52 -5.32 6.17
CA LEU A 96 0.70 -5.10 5.42
C LEU A 96 1.89 -5.12 6.30
N VAL A 97 2.97 -5.66 5.78
CA VAL A 97 4.20 -5.68 6.49
C VAL A 97 5.28 -5.03 5.62
N ALA A 98 6.02 -4.14 6.21
CA ALA A 98 7.11 -3.47 5.55
C ALA A 98 8.29 -3.40 6.48
N ARG A 99 9.45 -3.50 5.92
CA ARG A 99 10.67 -3.43 6.66
C ARG A 99 11.58 -2.51 5.87
N GLU A 100 12.49 -1.81 6.54
CA GLU A 100 13.36 -0.81 5.88
C GLU A 100 12.57 0.42 5.47
N THR A 101 11.79 0.26 4.43
CA THR A 101 10.92 1.26 3.88
C THR A 101 11.80 2.46 3.35
N LEU A 102 11.16 3.45 2.80
CA LEU A 102 11.85 4.62 2.29
C LEU A 102 12.46 5.44 3.41
N PRO A 103 13.76 5.74 3.30
CA PRO A 103 14.39 6.71 4.17
C PRO A 103 13.71 8.04 3.90
N GLU A 104 13.29 8.68 4.93
CA GLU A 104 12.48 9.86 4.76
C GLU A 104 13.31 11.03 4.27
N PRO A 105 12.81 11.74 3.18
CA PRO A 105 13.45 12.96 2.62
C PRO A 105 13.86 13.87 3.75
N ASN A 106 12.93 14.02 4.60
CA ASN A 106 12.96 14.72 5.79
C ASN A 106 11.77 14.12 6.45
N SER A 107 11.79 13.91 7.71
CA SER A 107 10.65 13.39 8.36
C SER A 107 9.52 14.42 8.38
N GLN A 108 8.81 14.54 7.24
CA GLN A 108 7.65 15.41 7.15
C GLN A 108 6.63 15.04 8.18
N GLY A 109 6.30 13.78 8.24
CA GLY A 109 5.34 13.30 9.19
C GLY A 109 3.92 13.60 8.79
N GLN A 110 3.69 14.74 8.18
CA GLN A 110 2.35 15.11 7.83
C GLN A 110 2.11 15.06 6.36
N ARG A 111 1.31 14.11 6.02
CA ARG A 111 0.84 13.83 4.69
C ARG A 111 -0.02 12.60 4.94
N ASN A 112 -0.68 12.64 6.08
CA ASN A 112 -1.37 11.50 6.62
C ASN A 112 -2.86 11.52 6.22
N ARG A 113 -3.44 12.73 6.11
CA ARG A 113 -4.87 12.86 5.77
C ARG A 113 -5.23 12.26 4.40
N GLU A 114 -4.49 12.66 3.36
CA GLU A 114 -4.64 12.20 1.95
C GLU A 114 -6.03 12.49 1.31
N LYS A 115 -7.08 12.19 2.00
CA LYS A 115 -8.39 12.47 1.54
C LYS A 115 -8.81 13.84 2.06
N THR A 116 -9.74 14.45 1.41
CA THR A 116 -10.25 15.70 1.85
C THR A 116 -11.30 15.48 2.93
N GLY A 117 -11.37 16.40 3.85
CA GLY A 117 -12.31 16.26 4.94
C GLY A 117 -11.73 15.46 6.07
N GLU A 118 -10.41 15.54 6.22
CA GLU A 118 -9.64 14.81 7.26
C GLU A 118 -9.64 13.30 7.00
N SER A 119 -8.68 12.62 7.58
CA SER A 119 -8.62 11.21 7.48
C SER A 119 -9.42 10.55 8.59
N ASN A 120 -10.68 10.35 8.31
CA ASN A 120 -11.58 9.73 9.26
C ASN A 120 -12.43 8.72 8.54
N CYS A 121 -12.14 7.47 8.75
CA CYS A 121 -12.88 6.42 8.13
C CYS A 121 -13.61 5.62 9.19
N CYS A 122 -14.50 4.76 8.78
CA CYS A 122 -15.29 4.02 9.71
C CYS A 122 -15.36 2.57 9.30
N VAL A 123 -15.39 1.68 10.27
CA VAL A 123 -15.51 0.28 10.02
C VAL A 123 -16.90 -0.08 9.49
N ILE A 124 -16.96 -0.57 8.28
CA ILE A 124 -18.21 -0.98 7.67
C ILE A 124 -18.28 -2.52 7.71
N LEU A 125 -17.31 -3.11 8.34
CA LEU A 125 -17.23 -4.53 8.49
C LEU A 125 -17.96 -4.93 9.75
N SER A 10 -10.99 6.66 3.61
CA SER A 10 -11.91 6.34 2.56
C SER A 10 -13.32 6.87 2.84
N SER A 11 -13.91 7.50 1.87
CA SER A 11 -15.26 8.00 1.98
C SER A 11 -15.95 7.92 0.61
N ASN A 12 -16.95 7.03 0.54
CA ASN A 12 -17.74 6.75 -0.69
C ASN A 12 -16.93 5.97 -1.72
N VAL A 13 -17.32 4.75 -1.96
CA VAL A 13 -16.61 3.93 -2.91
C VAL A 13 -17.41 3.86 -4.21
N PRO A 14 -16.89 4.39 -5.31
CA PRO A 14 -17.51 4.23 -6.61
C PRO A 14 -17.36 2.81 -7.11
N ALA A 15 -18.32 2.33 -7.86
CA ALA A 15 -18.23 1.00 -8.39
C ALA A 15 -17.32 0.96 -9.59
N ASP A 16 -16.06 1.06 -9.29
CA ASP A 16 -14.97 1.03 -10.24
C ASP A 16 -13.70 0.91 -9.44
N MET A 17 -13.72 1.62 -8.33
CA MET A 17 -12.61 1.70 -7.41
C MET A 17 -12.84 0.70 -6.30
N ILE A 18 -11.78 0.10 -5.84
CA ILE A 18 -11.89 -0.85 -4.77
C ILE A 18 -11.53 -0.22 -3.42
N ASN A 19 -12.26 -0.59 -2.41
CA ASN A 19 -11.97 -0.11 -1.07
C ASN A 19 -10.96 -1.01 -0.42
N LEU A 20 -9.91 -0.43 0.04
CA LEU A 20 -8.90 -1.18 0.67
C LEU A 20 -8.49 -0.54 1.98
N ARG A 21 -8.43 -1.36 2.99
CA ARG A 21 -7.97 -0.97 4.26
C ARG A 21 -6.59 -1.56 4.50
N LEU A 22 -5.66 -0.70 4.72
CA LEU A 22 -4.28 -1.06 4.93
C LEU A 22 -3.95 -0.95 6.41
N ILE A 23 -3.43 -2.01 6.98
CA ILE A 23 -3.04 -1.92 8.36
C ILE A 23 -1.56 -1.69 8.40
N LEU A 24 -1.17 -0.58 8.98
CA LEU A 24 0.20 -0.17 9.03
C LEU A 24 0.95 -1.04 10.01
N VAL A 25 2.26 -1.17 9.80
CA VAL A 25 3.14 -1.95 10.67
C VAL A 25 3.17 -1.32 12.09
N SER A 26 2.70 -0.07 12.16
CA SER A 26 2.65 0.68 13.38
C SER A 26 1.41 0.26 14.21
N GLY A 27 0.52 -0.51 13.61
CA GLY A 27 -0.67 -0.94 14.30
C GLY A 27 -1.86 -0.04 14.02
N LYS A 28 -1.62 1.04 13.33
CA LYS A 28 -2.69 1.93 12.94
C LYS A 28 -3.31 1.50 11.64
N THR A 29 -4.60 1.49 11.60
CA THR A 29 -5.33 1.05 10.46
C THR A 29 -5.81 2.23 9.64
N LYS A 30 -5.57 2.22 8.37
CA LYS A 30 -6.04 3.30 7.53
C LYS A 30 -6.55 2.77 6.20
N GLU A 31 -7.63 3.32 5.77
CA GLU A 31 -8.32 2.85 4.62
C GLU A 31 -8.41 3.99 3.60
N PHE A 32 -8.25 3.65 2.35
CA PHE A 32 -8.34 4.59 1.25
C PHE A 32 -8.96 3.95 0.06
N LEU A 33 -9.46 4.74 -0.82
CA LEU A 33 -9.99 4.29 -2.04
C LEU A 33 -8.82 4.07 -2.99
N PHE A 34 -8.71 2.90 -3.54
CA PHE A 34 -7.65 2.61 -4.49
C PHE A 34 -8.22 1.94 -5.70
N SER A 35 -7.42 1.74 -6.69
CA SER A 35 -7.87 1.10 -7.87
C SER A 35 -7.43 -0.34 -7.80
N PRO A 36 -8.17 -1.28 -8.37
CA PRO A 36 -7.76 -2.67 -8.39
C PRO A 36 -6.44 -2.89 -9.16
N ASN A 37 -6.01 -1.84 -9.87
CA ASN A 37 -4.76 -1.83 -10.62
C ASN A 37 -3.57 -1.56 -9.68
N ASP A 38 -3.82 -0.91 -8.54
CA ASP A 38 -2.73 -0.56 -7.57
C ASP A 38 -2.11 -1.81 -6.94
N SER A 39 -0.87 -1.71 -6.50
CA SER A 39 -0.20 -2.83 -5.88
C SER A 39 -0.24 -2.70 -4.35
N ALA A 40 -0.77 -3.72 -3.70
CA ALA A 40 -0.98 -3.79 -2.22
C ALA A 40 0.23 -3.32 -1.38
N SER A 41 1.37 -3.98 -1.54
CA SER A 41 2.55 -3.69 -0.74
C SER A 41 3.12 -2.30 -1.05
N ASP A 42 2.89 -1.85 -2.27
CA ASP A 42 3.28 -0.50 -2.70
C ASP A 42 2.41 0.50 -1.95
N ILE A 43 1.11 0.22 -1.94
CA ILE A 43 0.12 1.02 -1.23
C ILE A 43 0.47 1.18 0.26
N ALA A 44 1.02 0.13 0.86
CA ALA A 44 1.46 0.14 2.26
C ALA A 44 2.37 1.34 2.57
N LYS A 45 3.22 1.72 1.62
CA LYS A 45 4.13 2.84 1.81
C LYS A 45 3.29 4.13 1.75
N HIS A 46 2.37 4.14 0.79
CA HIS A 46 1.45 5.25 0.49
C HIS A 46 0.63 5.63 1.73
N VAL A 47 -0.02 4.63 2.28
CA VAL A 47 -0.88 4.80 3.43
C VAL A 47 -0.12 5.10 4.70
N TYR A 48 1.09 4.56 4.80
CA TYR A 48 1.92 4.76 5.97
C TYR A 48 2.46 6.19 6.06
N ASP A 49 3.02 6.71 4.98
CA ASP A 49 3.68 8.02 5.07
C ASP A 49 3.59 8.86 3.81
N ASN A 50 4.04 8.33 2.70
CA ASN A 50 4.17 9.12 1.48
C ASN A 50 4.01 8.18 0.29
N TRP A 51 4.09 8.69 -0.91
CA TRP A 51 3.98 7.84 -2.08
C TRP A 51 5.24 6.96 -2.27
N PRO A 52 5.04 5.65 -2.46
CA PRO A 52 6.14 4.71 -2.74
C PRO A 52 6.78 4.92 -4.08
N MET A 53 8.00 4.53 -4.19
CA MET A 53 8.71 4.56 -5.45
C MET A 53 9.07 3.13 -5.80
N ASP A 54 9.44 2.86 -7.03
CA ASP A 54 9.85 1.51 -7.38
C ASP A 54 11.25 1.28 -6.87
N TRP A 55 11.43 0.20 -6.11
CA TRP A 55 12.63 -0.07 -5.33
C TRP A 55 12.73 0.94 -4.22
N GLU A 56 11.97 0.71 -3.18
CA GLU A 56 11.90 1.60 -2.05
C GLU A 56 13.16 1.44 -1.22
N GLU A 57 13.65 0.20 -1.19
CA GLU A 57 14.91 -0.19 -0.57
C GLU A 57 14.96 -0.13 0.94
N GLU A 58 15.25 -1.26 1.53
CA GLU A 58 15.49 -1.38 2.93
C GLU A 58 16.99 -1.21 3.10
N GLN A 59 17.75 -2.09 2.45
CA GLN A 59 19.20 -2.02 2.43
C GLN A 59 19.77 -2.95 1.37
N VAL A 60 20.24 -2.36 0.27
CA VAL A 60 20.89 -3.06 -0.85
C VAL A 60 20.05 -4.22 -1.40
N SER A 61 19.18 -3.88 -2.34
CA SER A 61 18.28 -4.81 -3.00
C SER A 61 17.30 -5.42 -2.02
N SER A 62 16.17 -4.80 -1.87
CA SER A 62 15.20 -5.30 -0.96
C SER A 62 13.83 -5.47 -1.64
N PRO A 63 13.62 -6.55 -2.38
CA PRO A 63 12.34 -6.82 -3.00
C PRO A 63 11.46 -7.74 -2.13
N ASN A 64 12.11 -8.47 -1.24
CA ASN A 64 11.45 -9.46 -0.39
C ASN A 64 10.84 -8.82 0.83
N ILE A 65 11.03 -7.53 0.95
CA ILE A 65 10.53 -6.79 2.07
C ILE A 65 9.07 -6.39 1.87
N LEU A 66 8.63 -6.49 0.62
CA LEU A 66 7.26 -6.21 0.26
C LEU A 66 6.46 -7.47 0.47
N ARG A 67 5.57 -7.44 1.43
CA ARG A 67 4.76 -8.60 1.75
C ARG A 67 3.36 -8.14 2.13
N LEU A 68 2.39 -8.89 1.75
CA LEU A 68 1.02 -8.53 2.01
C LEU A 68 0.27 -9.70 2.63
N ILE A 69 -0.45 -9.44 3.67
CA ILE A 69 -1.22 -10.44 4.34
C ILE A 69 -2.69 -10.19 4.08
N TYR A 70 -3.33 -11.14 3.50
CA TYR A 70 -4.70 -11.02 3.16
C TYR A 70 -5.51 -11.76 4.18
N GLN A 71 -5.80 -11.05 5.28
CA GLN A 71 -6.63 -11.53 6.38
C GLN A 71 -6.08 -12.79 7.08
N GLY A 72 -4.81 -13.08 6.89
CA GLY A 72 -4.22 -14.23 7.53
C GLY A 72 -2.95 -14.70 6.86
N ARG A 73 -3.01 -14.94 5.57
CA ARG A 73 -1.85 -15.46 4.85
C ARG A 73 -1.31 -14.45 3.86
N PHE A 74 -0.04 -14.57 3.52
CA PHE A 74 0.57 -13.72 2.53
C PHE A 74 0.15 -14.24 1.17
N LEU A 75 -0.47 -13.40 0.35
CA LEU A 75 -0.86 -13.86 -0.99
C LEU A 75 0.29 -13.86 -1.97
N HIS A 76 1.03 -12.77 -2.00
CA HIS A 76 2.17 -12.65 -2.88
C HIS A 76 2.98 -11.45 -2.37
N GLY A 77 4.14 -11.20 -2.92
CA GLY A 77 4.95 -10.08 -2.43
C GLY A 77 4.39 -8.71 -2.80
N ASN A 78 3.61 -8.64 -3.88
CA ASN A 78 3.09 -7.39 -4.39
C ASN A 78 2.16 -7.69 -5.54
N VAL A 79 1.02 -8.21 -5.19
CA VAL A 79 -0.02 -8.55 -6.13
C VAL A 79 -1.12 -7.47 -6.04
N THR A 80 -1.83 -7.25 -7.12
CA THR A 80 -2.82 -6.19 -7.18
C THR A 80 -4.11 -6.62 -6.48
N LEU A 81 -4.90 -5.64 -6.07
CA LEU A 81 -6.14 -5.87 -5.32
C LEU A 81 -7.15 -6.62 -6.17
N GLY A 82 -7.06 -6.46 -7.48
CA GLY A 82 -7.93 -7.17 -8.38
C GLY A 82 -7.66 -8.65 -8.32
N ALA A 83 -6.39 -9.00 -8.19
CA ALA A 83 -5.97 -10.37 -8.07
C ALA A 83 -6.20 -10.87 -6.63
N LEU A 84 -6.38 -9.93 -5.71
CA LEU A 84 -6.68 -10.22 -4.32
C LEU A 84 -8.18 -10.40 -4.11
N LYS A 85 -8.94 -10.32 -5.21
CA LYS A 85 -10.40 -10.50 -5.22
C LYS A 85 -11.15 -9.36 -4.52
N LEU A 86 -10.53 -8.18 -4.40
CA LEU A 86 -11.23 -7.04 -3.83
C LEU A 86 -12.35 -6.57 -4.73
N PRO A 87 -13.57 -6.46 -4.20
CA PRO A 87 -14.70 -5.99 -4.96
C PRO A 87 -14.81 -4.48 -4.92
N PHE A 88 -15.09 -3.91 -6.05
CA PHE A 88 -15.27 -2.49 -6.16
C PHE A 88 -16.57 -2.06 -5.55
N GLY A 89 -16.48 -1.10 -4.68
CA GLY A 89 -17.62 -0.66 -3.93
C GLY A 89 -17.75 -1.37 -2.60
N LYS A 90 -16.90 -2.36 -2.37
CA LYS A 90 -16.94 -3.09 -1.13
C LYS A 90 -15.67 -2.91 -0.32
N THR A 91 -15.79 -2.97 0.99
CA THR A 91 -14.68 -2.77 1.89
C THR A 91 -13.90 -4.08 2.10
N THR A 92 -12.58 -4.00 2.08
CA THR A 92 -11.75 -5.17 2.30
C THR A 92 -10.54 -4.80 3.17
N VAL A 93 -10.28 -5.59 4.20
CA VAL A 93 -9.18 -5.32 5.12
C VAL A 93 -7.96 -6.19 4.78
N MET A 94 -6.78 -5.58 4.86
CA MET A 94 -5.54 -6.27 4.62
C MET A 94 -4.52 -5.86 5.63
N HIS A 95 -3.60 -6.73 5.90
CA HIS A 95 -2.54 -6.45 6.84
C HIS A 95 -1.27 -6.37 6.04
N LEU A 96 -0.53 -5.33 6.20
CA LEU A 96 0.66 -5.15 5.40
C LEU A 96 1.88 -5.18 6.26
N VAL A 97 2.92 -5.82 5.78
CA VAL A 97 4.12 -5.90 6.53
C VAL A 97 5.29 -5.49 5.65
N ALA A 98 6.20 -4.81 6.23
CA ALA A 98 7.40 -4.40 5.58
C ALA A 98 8.51 -4.81 6.48
N ARG A 99 9.62 -5.20 5.95
CA ARG A 99 10.62 -5.77 6.80
C ARG A 99 11.71 -4.76 6.94
N GLU A 100 11.81 -4.16 8.14
CA GLU A 100 12.80 -3.11 8.47
C GLU A 100 12.78 -1.97 7.44
N THR A 101 11.66 -1.84 6.75
CA THR A 101 11.55 -0.93 5.66
C THR A 101 11.04 0.43 6.11
N LEU A 102 11.86 1.43 5.97
CA LEU A 102 11.46 2.77 6.24
C LEU A 102 10.79 3.32 4.98
N PRO A 103 9.87 4.27 5.12
CA PRO A 103 9.27 4.93 3.96
C PRO A 103 10.31 5.77 3.24
N GLU A 104 11.07 5.07 2.39
CA GLU A 104 12.28 5.50 1.69
C GLU A 104 13.42 5.71 2.70
N PRO A 105 14.65 5.38 2.33
CA PRO A 105 15.81 5.62 3.20
C PRO A 105 16.12 7.13 3.34
N ASN A 106 15.33 7.93 2.58
CA ASN A 106 15.47 9.39 2.46
C ASN A 106 16.63 9.76 1.59
N SER A 107 17.23 8.75 1.04
CA SER A 107 18.33 8.92 0.15
C SER A 107 17.82 9.10 -1.28
N GLN A 108 16.52 8.88 -1.46
CA GLN A 108 15.92 9.09 -2.77
C GLN A 108 15.49 10.53 -2.87
N GLY A 109 14.72 10.96 -1.87
CA GLY A 109 14.20 12.30 -1.85
C GLY A 109 13.26 12.52 -2.99
N GLN A 110 12.74 11.44 -3.52
CA GLN A 110 11.90 11.52 -4.68
C GLN A 110 10.52 11.96 -4.31
N ARG A 111 10.21 13.15 -4.73
CA ARG A 111 8.93 13.76 -4.52
C ARG A 111 8.19 13.82 -5.84
N ASN A 112 8.81 13.25 -6.82
CA ASN A 112 8.24 13.11 -8.14
C ASN A 112 7.53 11.78 -8.19
N ARG A 113 6.29 11.80 -8.64
CA ARG A 113 5.50 10.58 -8.77
C ARG A 113 6.13 9.64 -9.78
N GLU A 114 6.78 10.23 -10.80
CA GLU A 114 7.45 9.50 -11.91
C GLU A 114 6.40 8.89 -12.86
N LYS A 115 5.35 8.39 -12.27
CA LYS A 115 4.19 7.89 -12.95
C LYS A 115 3.50 9.09 -13.61
N THR A 116 3.26 9.02 -14.92
CA THR A 116 2.66 10.14 -15.64
C THR A 116 1.18 10.30 -15.25
N GLY A 117 0.55 9.20 -14.90
CA GLY A 117 -0.82 9.24 -14.46
C GLY A 117 -0.85 9.43 -12.96
N GLU A 118 -0.56 10.65 -12.54
CA GLU A 118 -0.49 11.01 -11.13
C GLU A 118 -1.80 10.66 -10.42
N SER A 119 -1.69 9.96 -9.33
CA SER A 119 -2.83 9.49 -8.59
C SER A 119 -3.41 10.58 -7.69
N ASN A 120 -4.04 11.55 -8.32
CA ASN A 120 -4.74 12.63 -7.65
C ASN A 120 -5.63 13.32 -8.66
N CYS A 121 -5.91 12.62 -9.73
CA CYS A 121 -6.73 13.13 -10.78
C CYS A 121 -7.52 12.01 -11.43
N CYS A 122 -8.73 11.83 -10.99
CA CYS A 122 -9.56 10.80 -11.54
C CYS A 122 -10.10 11.25 -12.88
N VAL A 123 -9.76 10.51 -13.92
CA VAL A 123 -10.14 10.88 -15.25
C VAL A 123 -11.64 10.66 -15.50
N ILE A 124 -12.35 11.73 -15.46
CA ILE A 124 -13.77 11.73 -15.69
C ILE A 124 -14.12 12.96 -16.51
N LEU A 125 -14.82 12.74 -17.59
CA LEU A 125 -15.20 13.79 -18.47
C LEU A 125 -16.69 13.64 -18.72
N SER A 10 -12.68 13.55 -1.82
CA SER A 10 -13.46 12.88 -0.82
C SER A 10 -14.79 12.42 -1.41
N SER A 11 -14.95 11.14 -1.53
CA SER A 11 -16.14 10.57 -2.08
C SER A 11 -16.39 9.18 -1.50
N ASN A 12 -17.46 8.54 -1.92
CA ASN A 12 -17.79 7.21 -1.48
C ASN A 12 -17.11 6.23 -2.46
N VAL A 13 -17.26 4.95 -2.26
CA VAL A 13 -16.56 3.98 -3.09
C VAL A 13 -17.33 3.74 -4.38
N PRO A 14 -16.73 4.05 -5.53
CA PRO A 14 -17.36 3.81 -6.81
C PRO A 14 -17.12 2.37 -7.28
N ALA A 15 -17.84 1.94 -8.30
CA ALA A 15 -17.71 0.62 -8.88
C ALA A 15 -16.56 0.60 -9.87
N ASP A 16 -15.59 1.42 -9.60
CA ASP A 16 -14.38 1.50 -10.36
C ASP A 16 -13.20 1.20 -9.46
N MET A 17 -13.36 1.50 -8.19
CA MET A 17 -12.25 1.40 -7.26
C MET A 17 -12.60 0.47 -6.14
N ILE A 18 -11.59 -0.09 -5.55
CA ILE A 18 -11.76 -0.95 -4.44
C ILE A 18 -11.42 -0.20 -3.16
N ASN A 19 -12.23 -0.39 -2.14
CA ASN A 19 -12.00 0.30 -0.89
C ASN A 19 -11.14 -0.57 -0.04
N LEU A 20 -9.92 -0.18 0.10
CA LEU A 20 -8.95 -0.95 0.79
C LEU A 20 -8.53 -0.30 2.07
N ARG A 21 -8.51 -1.09 3.10
CA ARG A 21 -8.01 -0.65 4.34
C ARG A 21 -6.67 -1.32 4.56
N LEU A 22 -5.68 -0.51 4.71
CA LEU A 22 -4.32 -0.92 4.91
C LEU A 22 -3.99 -0.88 6.39
N ILE A 23 -3.62 -2.00 6.96
CA ILE A 23 -3.25 -2.01 8.34
C ILE A 23 -1.75 -2.10 8.43
N LEU A 24 -1.16 -1.09 9.02
CA LEU A 24 0.29 -1.03 9.15
C LEU A 24 0.77 -1.95 10.26
N VAL A 25 2.06 -2.23 10.26
CA VAL A 25 2.70 -3.15 11.21
C VAL A 25 2.50 -2.72 12.68
N SER A 26 2.32 -1.43 12.90
CA SER A 26 2.13 -0.92 14.24
C SER A 26 0.70 -1.19 14.74
N GLY A 27 -0.20 -1.50 13.83
CA GLY A 27 -1.59 -1.70 14.21
C GLY A 27 -2.44 -0.48 13.89
N LYS A 28 -1.84 0.49 13.22
CA LYS A 28 -2.58 1.67 12.81
C LYS A 28 -3.24 1.38 11.48
N THR A 29 -4.50 1.67 11.37
CA THR A 29 -5.22 1.34 10.18
C THR A 29 -5.53 2.57 9.34
N LYS A 30 -5.27 2.48 8.07
CA LYS A 30 -5.58 3.55 7.11
C LYS A 30 -6.48 2.99 6.05
N GLU A 31 -7.47 3.74 5.61
CA GLU A 31 -8.34 3.23 4.59
C GLU A 31 -8.50 4.29 3.50
N PHE A 32 -8.30 3.90 2.27
CA PHE A 32 -8.38 4.80 1.12
C PHE A 32 -8.92 4.06 -0.09
N LEU A 33 -9.41 4.80 -1.05
CA LEU A 33 -9.79 4.20 -2.31
C LEU A 33 -8.56 3.97 -3.15
N PHE A 34 -8.40 2.78 -3.60
CA PHE A 34 -7.31 2.45 -4.49
C PHE A 34 -7.88 1.66 -5.64
N SER A 35 -7.12 1.47 -6.66
CA SER A 35 -7.63 0.75 -7.77
C SER A 35 -7.23 -0.69 -7.61
N PRO A 36 -8.01 -1.62 -8.15
CA PRO A 36 -7.70 -3.04 -8.10
C PRO A 36 -6.36 -3.37 -8.79
N ASN A 37 -5.81 -2.40 -9.52
CA ASN A 37 -4.56 -2.58 -10.25
C ASN A 37 -3.37 -2.05 -9.46
N ASP A 38 -3.61 -1.43 -8.30
CA ASP A 38 -2.50 -0.97 -7.46
C ASP A 38 -1.87 -2.15 -6.72
N SER A 39 -0.60 -2.01 -6.36
CA SER A 39 0.09 -3.06 -5.64
C SER A 39 -0.08 -2.84 -4.15
N ALA A 40 -0.69 -3.81 -3.49
CA ALA A 40 -1.03 -3.75 -2.05
C ALA A 40 0.18 -3.37 -1.17
N SER A 41 1.34 -3.93 -1.47
CA SER A 41 2.51 -3.66 -0.66
C SER A 41 3.09 -2.27 -0.98
N ASP A 42 2.95 -1.86 -2.23
CA ASP A 42 3.38 -0.53 -2.67
C ASP A 42 2.48 0.49 -1.98
N ILE A 43 1.21 0.12 -1.86
CA ILE A 43 0.21 0.92 -1.18
C ILE A 43 0.55 1.05 0.30
N ALA A 44 1.02 -0.03 0.91
CA ALA A 44 1.43 -0.03 2.31
C ALA A 44 2.45 1.08 2.60
N LYS A 45 3.34 1.30 1.66
CA LYS A 45 4.34 2.35 1.79
C LYS A 45 3.59 3.72 1.60
N HIS A 46 2.68 3.74 0.64
CA HIS A 46 1.85 4.93 0.31
C HIS A 46 1.04 5.39 1.53
N VAL A 47 0.28 4.47 2.11
CA VAL A 47 -0.58 4.74 3.27
C VAL A 47 0.18 5.09 4.51
N TYR A 48 1.39 4.53 4.64
CA TYR A 48 2.29 4.82 5.77
C TYR A 48 2.42 6.35 5.98
N ASP A 49 2.59 7.07 4.87
CA ASP A 49 2.63 8.55 4.86
C ASP A 49 2.89 9.06 3.45
N ASN A 50 4.15 9.01 3.04
CA ASN A 50 4.54 9.49 1.74
C ASN A 50 4.72 8.31 0.80
N TRP A 51 4.35 8.49 -0.44
CA TRP A 51 4.35 7.43 -1.42
C TRP A 51 5.77 7.12 -1.94
N PRO A 52 6.06 5.83 -2.16
CA PRO A 52 7.40 5.34 -2.54
C PRO A 52 7.93 5.85 -3.88
N MET A 53 7.11 5.76 -4.93
CA MET A 53 7.50 6.07 -6.33
C MET A 53 8.47 5.04 -6.89
N ASP A 54 9.68 5.08 -6.40
CA ASP A 54 10.78 4.23 -6.86
C ASP A 54 11.77 4.17 -5.70
N TRP A 55 13.00 3.75 -5.91
CA TRP A 55 13.92 3.70 -4.81
C TRP A 55 14.52 5.09 -4.56
N GLU A 56 13.77 5.89 -3.84
CA GLU A 56 14.12 7.27 -3.58
C GLU A 56 13.55 7.67 -2.22
N GLU A 57 12.25 7.49 -2.05
CA GLU A 57 11.58 7.85 -0.81
C GLU A 57 11.95 6.81 0.28
N GLU A 58 11.40 5.62 0.16
CA GLU A 58 11.68 4.56 1.11
C GLU A 58 11.79 3.23 0.37
N GLN A 59 13.03 2.95 -0.05
CA GLN A 59 13.44 1.73 -0.76
C GLN A 59 14.83 1.99 -1.32
N VAL A 60 15.66 1.00 -1.30
CA VAL A 60 16.99 1.12 -1.84
C VAL A 60 17.49 -0.21 -2.41
N SER A 61 17.55 -1.26 -1.59
CA SER A 61 17.96 -2.54 -2.11
C SER A 61 17.42 -3.70 -1.27
N SER A 62 16.14 -4.01 -1.47
CA SER A 62 15.49 -5.16 -0.84
C SER A 62 14.04 -5.27 -1.30
N PRO A 63 13.73 -6.21 -2.20
CA PRO A 63 12.38 -6.46 -2.61
C PRO A 63 11.65 -7.36 -1.60
N ASN A 64 12.43 -7.99 -0.75
CA ASN A 64 11.94 -8.94 0.26
C ASN A 64 11.07 -8.25 1.30
N ILE A 65 11.17 -6.94 1.37
CA ILE A 65 10.42 -6.18 2.34
C ILE A 65 8.97 -5.95 1.88
N LEU A 66 8.70 -6.22 0.61
CA LEU A 66 7.36 -6.05 0.07
C LEU A 66 6.55 -7.31 0.29
N ARG A 67 5.71 -7.32 1.29
CA ARG A 67 4.85 -8.45 1.57
C ARG A 67 3.46 -7.95 1.92
N LEU A 68 2.45 -8.72 1.59
CA LEU A 68 1.10 -8.35 1.89
C LEU A 68 0.37 -9.49 2.55
N ILE A 69 -0.43 -9.18 3.53
CA ILE A 69 -1.17 -10.17 4.25
C ILE A 69 -2.65 -10.00 3.97
N TYR A 70 -3.25 -11.00 3.43
CA TYR A 70 -4.64 -10.93 3.12
C TYR A 70 -5.38 -11.69 4.19
N GLN A 71 -5.43 -11.05 5.34
CA GLN A 71 -6.06 -11.56 6.55
C GLN A 71 -5.46 -12.90 6.99
N GLY A 72 -4.39 -12.83 7.76
CA GLY A 72 -3.75 -14.01 8.26
C GLY A 72 -2.47 -14.39 7.53
N ARG A 73 -2.56 -14.57 6.23
CA ARG A 73 -1.42 -15.09 5.44
C ARG A 73 -0.91 -14.11 4.37
N PHE A 74 0.37 -14.25 4.02
CA PHE A 74 1.00 -13.46 2.96
C PHE A 74 0.68 -14.10 1.63
N LEU A 75 -0.03 -13.40 0.76
CA LEU A 75 -0.34 -14.00 -0.55
C LEU A 75 0.81 -13.90 -1.54
N HIS A 76 1.39 -12.72 -1.65
CA HIS A 76 2.47 -12.48 -2.60
C HIS A 76 3.03 -11.11 -2.26
N GLY A 77 4.17 -10.74 -2.78
CA GLY A 77 4.76 -9.45 -2.44
C GLY A 77 4.28 -8.25 -3.27
N ASN A 78 3.41 -8.48 -4.23
CA ASN A 78 3.06 -7.43 -5.20
C ASN A 78 1.78 -7.80 -5.95
N VAL A 79 0.98 -8.65 -5.37
CA VAL A 79 -0.23 -9.05 -6.02
C VAL A 79 -1.29 -7.96 -5.85
N THR A 80 -2.00 -7.66 -6.90
CA THR A 80 -2.94 -6.57 -6.92
C THR A 80 -4.24 -6.94 -6.23
N LEU A 81 -4.98 -5.93 -5.79
CA LEU A 81 -6.24 -6.12 -5.09
C LEU A 81 -7.28 -6.79 -5.98
N GLY A 82 -7.13 -6.58 -7.30
CA GLY A 82 -7.99 -7.23 -8.26
C GLY A 82 -7.79 -8.73 -8.22
N ALA A 83 -6.55 -9.12 -8.06
CA ALA A 83 -6.19 -10.52 -7.96
C ALA A 83 -6.51 -11.05 -6.58
N LEU A 84 -6.69 -10.12 -5.64
CA LEU A 84 -7.03 -10.46 -4.26
C LEU A 84 -8.54 -10.63 -4.09
N LYS A 85 -9.26 -10.53 -5.20
CA LYS A 85 -10.72 -10.71 -5.24
C LYS A 85 -11.49 -9.59 -4.54
N LEU A 86 -10.89 -8.39 -4.46
CA LEU A 86 -11.61 -7.26 -3.88
C LEU A 86 -12.69 -6.75 -4.83
N PRO A 87 -13.95 -6.70 -4.38
CA PRO A 87 -15.04 -6.16 -5.18
C PRO A 87 -15.06 -4.64 -5.12
N PHE A 88 -15.47 -4.03 -6.22
CA PHE A 88 -15.50 -2.59 -6.31
C PHE A 88 -16.65 -2.09 -5.48
N GLY A 89 -16.46 -0.98 -4.82
CA GLY A 89 -17.52 -0.41 -4.00
C GLY A 89 -17.63 -1.03 -2.63
N LYS A 90 -16.85 -2.05 -2.37
CA LYS A 90 -16.92 -2.73 -1.12
C LYS A 90 -15.63 -2.59 -0.33
N THR A 91 -15.75 -2.51 0.97
CA THR A 91 -14.63 -2.31 1.83
C THR A 91 -13.95 -3.64 2.16
N THR A 92 -12.68 -3.70 1.90
CA THR A 92 -11.91 -4.87 2.24
C THR A 92 -10.71 -4.46 3.10
N VAL A 93 -10.45 -5.22 4.15
CA VAL A 93 -9.39 -4.93 5.08
C VAL A 93 -8.20 -5.88 4.85
N MET A 94 -6.99 -5.35 4.89
CA MET A 94 -5.79 -6.13 4.72
C MET A 94 -4.71 -5.70 5.69
N HIS A 95 -3.83 -6.62 6.02
CA HIS A 95 -2.71 -6.32 6.88
C HIS A 95 -1.51 -6.23 6.00
N LEU A 96 -0.76 -5.19 6.12
CA LEU A 96 0.35 -5.02 5.25
C LEU A 96 1.59 -4.85 6.03
N VAL A 97 2.64 -5.45 5.56
CA VAL A 97 3.88 -5.29 6.20
C VAL A 97 4.86 -4.66 5.26
N ALA A 98 5.54 -3.71 5.75
CA ALA A 98 6.58 -3.06 5.05
C ALA A 98 7.69 -2.99 6.01
N ARG A 99 8.85 -3.30 5.58
CA ARG A 99 9.93 -3.32 6.45
C ARG A 99 10.75 -2.12 6.14
N GLU A 100 11.45 -1.62 7.13
CA GLU A 100 12.23 -0.36 7.05
C GLU A 100 13.40 -0.37 6.04
N THR A 101 13.34 -1.32 5.13
CA THR A 101 14.23 -1.49 4.02
C THR A 101 15.66 -1.94 4.47
N LEU A 102 16.34 -2.62 3.58
CA LEU A 102 17.70 -2.99 3.80
C LEU A 102 18.51 -2.10 2.86
N PRO A 103 19.58 -1.47 3.33
CA PRO A 103 20.35 -0.51 2.53
C PRO A 103 21.22 -1.15 1.46
N GLU A 104 21.43 -2.44 1.56
CA GLU A 104 22.31 -3.16 0.68
C GLU A 104 22.01 -4.64 0.81
N PRO A 105 22.26 -5.45 -0.25
CA PRO A 105 22.09 -6.91 -0.17
C PRO A 105 22.93 -7.50 0.97
N ASN A 106 24.27 -7.29 0.90
CA ASN A 106 25.20 -7.70 1.96
C ASN A 106 26.64 -7.35 1.59
N SER A 107 26.97 -6.04 1.70
CA SER A 107 28.33 -5.48 1.49
C SER A 107 29.06 -6.06 0.24
N GLN A 108 28.31 -6.32 -0.80
CA GLN A 108 28.86 -6.93 -2.00
C GLN A 108 29.46 -5.83 -2.90
N GLY A 109 29.06 -4.60 -2.62
CA GLY A 109 29.48 -3.48 -3.42
C GLY A 109 28.59 -3.34 -4.63
N GLN A 110 27.49 -4.06 -4.59
CA GLN A 110 26.53 -4.06 -5.65
C GLN A 110 25.23 -3.47 -5.17
N ARG A 111 24.58 -2.77 -6.06
CA ARG A 111 23.35 -2.09 -5.75
C ARG A 111 22.51 -2.11 -7.00
N ASN A 112 21.38 -1.39 -7.01
CA ASN A 112 20.62 -1.23 -8.23
C ASN A 112 21.47 -0.41 -9.18
N ARG A 113 21.51 -0.82 -10.43
CA ARG A 113 22.36 -0.18 -11.43
C ARG A 113 21.97 1.28 -11.57
N GLU A 114 20.68 1.48 -11.43
CA GLU A 114 19.99 2.74 -11.48
C GLU A 114 18.54 2.31 -11.41
N LYS A 115 18.22 1.52 -12.39
CA LYS A 115 16.99 0.77 -12.54
C LYS A 115 17.39 -0.36 -13.44
N THR A 116 18.11 0.04 -14.48
CA THR A 116 18.76 -0.82 -15.44
C THR A 116 20.07 -0.15 -15.80
N GLY A 117 20.73 -0.61 -16.82
CA GLY A 117 21.98 0.01 -17.22
C GLY A 117 23.05 -1.00 -17.44
N GLU A 118 23.61 -1.51 -16.36
CA GLU A 118 24.70 -2.48 -16.46
C GLU A 118 24.12 -3.86 -16.64
N SER A 119 22.88 -3.96 -16.31
CA SER A 119 22.15 -5.16 -16.40
C SER A 119 20.68 -4.78 -16.38
N ASN A 120 19.85 -5.61 -16.93
CA ASN A 120 18.43 -5.41 -16.92
C ASN A 120 17.78 -6.76 -16.77
N CYS A 121 16.95 -6.89 -15.79
CA CYS A 121 16.35 -8.16 -15.49
C CYS A 121 15.14 -8.44 -16.37
N CYS A 122 15.35 -9.27 -17.36
CA CYS A 122 14.27 -9.71 -18.18
C CYS A 122 13.45 -10.71 -17.36
N VAL A 123 12.16 -10.43 -17.24
CA VAL A 123 11.29 -11.28 -16.45
C VAL A 123 11.16 -12.67 -17.04
N ILE A 124 11.51 -13.65 -16.25
CA ILE A 124 11.43 -15.02 -16.67
C ILE A 124 10.02 -15.55 -16.55
N LEU A 125 9.72 -16.53 -17.32
CA LEU A 125 8.42 -17.14 -17.34
C LEU A 125 8.54 -18.56 -16.83
N SER A 10 -14.46 10.22 1.61
CA SER A 10 -14.57 8.96 2.31
C SER A 10 -16.03 8.54 2.39
N SER A 11 -16.24 7.27 2.76
CA SER A 11 -17.57 6.71 3.02
C SER A 11 -18.46 6.64 1.77
N ASN A 12 -17.85 6.75 0.60
CA ASN A 12 -18.58 6.63 -0.65
C ASN A 12 -17.68 5.98 -1.68
N VAL A 13 -17.95 4.76 -2.02
CA VAL A 13 -17.12 4.04 -2.94
C VAL A 13 -17.83 3.88 -4.28
N PRO A 14 -17.24 4.36 -5.38
CA PRO A 14 -17.79 4.16 -6.72
C PRO A 14 -17.59 2.72 -7.20
N ALA A 15 -18.35 2.33 -8.20
CA ALA A 15 -18.28 0.98 -8.77
C ALA A 15 -17.15 0.91 -9.81
N ASP A 16 -16.09 1.60 -9.51
CA ASP A 16 -14.92 1.69 -10.35
C ASP A 16 -13.68 1.49 -9.50
N MET A 17 -13.83 1.68 -8.20
CA MET A 17 -12.71 1.64 -7.27
C MET A 17 -12.97 0.63 -6.17
N ILE A 18 -11.92 0.05 -5.64
CA ILE A 18 -12.03 -0.85 -4.54
C ILE A 18 -11.64 -0.12 -3.25
N ASN A 19 -12.37 -0.35 -2.18
CA ASN A 19 -12.10 0.38 -0.94
C ASN A 19 -11.24 -0.48 -0.07
N LEU A 20 -10.05 -0.04 0.16
CA LEU A 20 -9.09 -0.84 0.85
C LEU A 20 -8.60 -0.20 2.14
N ARG A 21 -8.57 -1.00 3.19
CA ARG A 21 -8.03 -0.56 4.42
C ARG A 21 -6.73 -1.26 4.64
N LEU A 22 -5.73 -0.49 4.76
CA LEU A 22 -4.36 -0.96 4.96
C LEU A 22 -4.01 -0.89 6.42
N ILE A 23 -3.63 -2.02 7.01
CA ILE A 23 -3.23 -2.02 8.38
C ILE A 23 -1.77 -2.33 8.45
N LEU A 24 -1.03 -1.48 9.09
CA LEU A 24 0.38 -1.67 9.22
C LEU A 24 0.73 -2.38 10.52
N VAL A 25 1.93 -2.95 10.57
CA VAL A 25 2.43 -3.67 11.76
C VAL A 25 2.51 -2.78 13.00
N SER A 26 2.43 -1.49 12.79
CA SER A 26 2.46 -0.54 13.87
C SER A 26 1.07 -0.45 14.54
N GLY A 27 0.08 -1.12 13.96
CA GLY A 27 -1.26 -1.13 14.51
C GLY A 27 -2.10 0.01 14.00
N LYS A 28 -1.52 0.82 13.14
CA LYS A 28 -2.23 1.94 12.57
C LYS A 28 -2.95 1.49 11.32
N THR A 29 -4.19 1.88 11.20
CA THR A 29 -4.99 1.47 10.10
C THR A 29 -5.37 2.69 9.28
N LYS A 30 -5.21 2.62 8.00
CA LYS A 30 -5.67 3.69 7.11
C LYS A 30 -6.50 3.11 5.99
N GLU A 31 -7.58 3.77 5.62
CA GLU A 31 -8.43 3.25 4.58
C GLU A 31 -8.59 4.29 3.49
N PHE A 32 -8.38 3.88 2.25
CA PHE A 32 -8.44 4.78 1.11
C PHE A 32 -8.98 4.05 -0.12
N LEU A 33 -9.45 4.81 -1.10
CA LEU A 33 -9.86 4.24 -2.36
C LEU A 33 -8.65 4.05 -3.24
N PHE A 34 -8.49 2.86 -3.71
CA PHE A 34 -7.41 2.53 -4.62
C PHE A 34 -7.99 1.75 -5.77
N SER A 35 -7.25 1.61 -6.82
CA SER A 35 -7.75 0.88 -7.92
C SER A 35 -7.39 -0.57 -7.74
N PRO A 36 -8.19 -1.49 -8.26
CA PRO A 36 -7.91 -2.94 -8.19
C PRO A 36 -6.57 -3.30 -8.89
N ASN A 37 -6.03 -2.34 -9.64
CA ASN A 37 -4.80 -2.50 -10.39
C ASN A 37 -3.59 -2.05 -9.56
N ASP A 38 -3.85 -1.41 -8.42
CA ASP A 38 -2.78 -0.99 -7.52
C ASP A 38 -2.13 -2.17 -6.83
N SER A 39 -0.91 -2.00 -6.45
CA SER A 39 -0.15 -3.02 -5.79
C SER A 39 -0.24 -2.86 -4.28
N ALA A 40 -0.75 -3.88 -3.60
CA ALA A 40 -0.95 -3.89 -2.13
C ALA A 40 0.30 -3.43 -1.35
N SER A 41 1.47 -3.89 -1.75
CA SER A 41 2.72 -3.52 -1.07
C SER A 41 3.12 -2.07 -1.37
N ASP A 42 2.83 -1.62 -2.57
CA ASP A 42 3.06 -0.22 -2.97
C ASP A 42 2.18 0.66 -2.13
N ILE A 43 0.93 0.25 -2.05
CA ILE A 43 -0.07 0.91 -1.27
C ILE A 43 0.34 0.96 0.20
N ALA A 44 0.78 -0.17 0.73
CA ALA A 44 1.26 -0.28 2.11
C ALA A 44 2.28 0.80 2.44
N LYS A 45 3.23 0.99 1.56
CA LYS A 45 4.27 1.98 1.78
C LYS A 45 3.66 3.38 1.58
N HIS A 46 2.71 3.46 0.67
CA HIS A 46 2.01 4.70 0.32
C HIS A 46 1.15 5.21 1.51
N VAL A 47 0.32 4.32 2.05
CA VAL A 47 -0.54 4.60 3.20
C VAL A 47 0.26 4.87 4.45
N TYR A 48 1.43 4.24 4.52
CA TYR A 48 2.39 4.44 5.61
C TYR A 48 2.62 5.93 5.90
N ASP A 49 2.85 6.70 4.85
CA ASP A 49 3.13 8.14 5.04
C ASP A 49 3.22 8.84 3.70
N ASN A 50 3.98 8.28 2.83
CA ASN A 50 4.29 8.86 1.55
C ASN A 50 4.36 7.80 0.51
N TRP A 51 4.07 8.16 -0.72
CA TRP A 51 4.11 7.22 -1.82
C TRP A 51 5.53 6.72 -2.06
N PRO A 52 5.70 5.40 -2.29
CA PRO A 52 6.99 4.81 -2.55
C PRO A 52 7.72 5.44 -3.74
N MET A 53 8.66 6.29 -3.40
CA MET A 53 9.55 6.97 -4.32
C MET A 53 10.93 6.41 -4.07
N ASP A 54 10.90 5.40 -3.24
CA ASP A 54 12.03 4.71 -2.70
C ASP A 54 12.66 3.82 -3.73
N TRP A 55 13.81 3.33 -3.43
CA TRP A 55 14.54 2.48 -4.35
C TRP A 55 14.34 1.02 -4.01
N GLU A 56 13.49 0.73 -3.00
CA GLU A 56 13.22 -0.67 -2.53
C GLU A 56 14.54 -1.26 -1.96
N GLU A 57 15.43 -0.35 -1.62
CA GLU A 57 16.73 -0.66 -1.14
C GLU A 57 16.96 -0.02 0.20
N GLU A 58 17.34 -0.81 1.15
CA GLU A 58 17.71 -0.38 2.46
C GLU A 58 18.80 -1.28 2.89
N GLN A 59 20.01 -0.71 3.03
CA GLN A 59 21.27 -1.43 3.30
C GLN A 59 21.75 -2.10 2.00
N VAL A 60 20.84 -2.83 1.40
CA VAL A 60 21.03 -3.50 0.14
C VAL A 60 19.64 -3.68 -0.50
N SER A 61 19.57 -3.87 -1.80
CA SER A 61 18.31 -4.07 -2.52
C SER A 61 17.54 -5.23 -1.89
N SER A 62 16.47 -4.92 -1.18
CA SER A 62 15.74 -5.93 -0.45
C SER A 62 14.23 -5.74 -0.62
N PRO A 63 13.62 -6.48 -1.53
CA PRO A 63 12.18 -6.36 -1.80
C PRO A 63 11.33 -7.12 -0.78
N ASN A 64 11.96 -8.00 -0.04
CA ASN A 64 11.26 -8.87 0.92
C ASN A 64 10.74 -8.10 2.13
N ILE A 65 11.08 -6.83 2.24
CA ILE A 65 10.60 -6.01 3.32
C ILE A 65 9.17 -5.51 3.06
N LEU A 66 8.72 -5.65 1.80
CA LEU A 66 7.35 -5.30 1.41
C LEU A 66 6.58 -6.55 1.07
N ARG A 67 5.74 -6.98 1.98
CA ARG A 67 4.92 -8.17 1.76
C ARG A 67 3.52 -7.88 2.25
N LEU A 68 2.53 -8.42 1.59
CA LEU A 68 1.18 -8.21 2.00
C LEU A 68 0.53 -9.45 2.58
N ILE A 69 -0.33 -9.22 3.52
CA ILE A 69 -1.09 -10.26 4.15
C ILE A 69 -2.56 -10.01 3.87
N TYR A 70 -3.24 -10.92 3.22
CA TYR A 70 -4.65 -10.74 3.00
C TYR A 70 -5.37 -11.56 4.00
N GLN A 71 -5.64 -10.89 5.11
CA GLN A 71 -6.26 -11.38 6.27
C GLN A 71 -5.33 -12.32 7.06
N GLY A 72 -5.07 -13.49 6.53
CA GLY A 72 -4.33 -14.46 7.28
C GLY A 72 -2.89 -14.66 6.82
N ARG A 73 -2.68 -14.82 5.53
CA ARG A 73 -1.34 -15.18 5.07
C ARG A 73 -0.79 -14.20 4.03
N PHE A 74 0.49 -14.35 3.73
CA PHE A 74 1.17 -13.50 2.74
C PHE A 74 0.90 -14.04 1.36
N LEU A 75 0.27 -13.26 0.52
CA LEU A 75 -0.05 -13.70 -0.83
C LEU A 75 1.10 -13.57 -1.78
N HIS A 76 1.76 -12.44 -1.74
CA HIS A 76 2.80 -12.17 -2.70
C HIS A 76 3.55 -10.93 -2.21
N GLY A 77 4.63 -10.58 -2.84
CA GLY A 77 5.35 -9.36 -2.49
C GLY A 77 4.79 -8.14 -3.19
N ASN A 78 3.78 -8.39 -4.01
CA ASN A 78 3.14 -7.39 -4.85
C ASN A 78 1.98 -8.06 -5.55
N VAL A 79 0.88 -8.20 -4.86
CA VAL A 79 -0.32 -8.72 -5.46
C VAL A 79 -1.28 -7.55 -5.70
N THR A 80 -2.14 -7.64 -6.68
CA THR A 80 -3.11 -6.60 -6.90
C THR A 80 -4.39 -6.92 -6.14
N LEU A 81 -5.18 -5.90 -5.87
CA LEU A 81 -6.42 -6.08 -5.15
C LEU A 81 -7.43 -6.84 -5.99
N GLY A 82 -7.35 -6.67 -7.31
CA GLY A 82 -8.21 -7.41 -8.22
C GLY A 82 -7.95 -8.90 -8.12
N ALA A 83 -6.69 -9.25 -7.91
CA ALA A 83 -6.25 -10.64 -7.78
C ALA A 83 -6.76 -11.26 -6.47
N LEU A 84 -7.19 -10.40 -5.55
CA LEU A 84 -7.71 -10.84 -4.25
C LEU A 84 -9.20 -11.18 -4.37
N LYS A 85 -9.73 -11.01 -5.58
CA LYS A 85 -11.14 -11.23 -5.90
C LYS A 85 -12.01 -10.25 -5.12
N LEU A 86 -11.95 -9.01 -5.51
CA LEU A 86 -12.65 -7.97 -4.80
C LEU A 86 -13.56 -7.20 -5.71
N PRO A 87 -14.86 -7.24 -5.43
CA PRO A 87 -15.83 -6.42 -6.13
C PRO A 87 -15.67 -4.93 -5.72
N PHE A 88 -16.02 -4.04 -6.60
CA PHE A 88 -15.85 -2.61 -6.37
C PHE A 88 -16.93 -2.16 -5.41
N GLY A 89 -16.63 -1.18 -4.61
CA GLY A 89 -17.60 -0.68 -3.68
C GLY A 89 -17.55 -1.36 -2.34
N LYS A 90 -16.80 -2.43 -2.24
CA LYS A 90 -16.73 -3.16 -1.02
C LYS A 90 -15.47 -2.85 -0.25
N THR A 91 -15.63 -2.73 1.04
CA THR A 91 -14.55 -2.43 1.93
C THR A 91 -13.75 -3.69 2.21
N THR A 92 -12.52 -3.66 1.84
CA THR A 92 -11.63 -4.76 2.07
C THR A 92 -10.51 -4.33 3.01
N VAL A 93 -10.29 -5.09 4.05
CA VAL A 93 -9.22 -4.79 4.98
C VAL A 93 -8.04 -5.75 4.76
N MET A 94 -6.83 -5.25 4.85
CA MET A 94 -5.63 -6.05 4.64
C MET A 94 -4.58 -5.71 5.65
N HIS A 95 -3.73 -6.64 5.93
CA HIS A 95 -2.63 -6.44 6.84
C HIS A 95 -1.36 -6.36 6.03
N LEU A 96 -0.58 -5.35 6.25
CA LEU A 96 0.60 -5.13 5.46
C LEU A 96 1.81 -5.10 6.33
N VAL A 97 2.88 -5.71 5.88
CA VAL A 97 4.08 -5.64 6.62
C VAL A 97 5.16 -4.93 5.81
N ALA A 98 5.81 -4.01 6.46
CA ALA A 98 6.90 -3.30 5.86
C ALA A 98 8.01 -3.26 6.86
N ARG A 99 9.20 -3.38 6.41
CA ARG A 99 10.34 -3.46 7.27
C ARG A 99 11.43 -2.61 6.76
N GLU A 100 12.25 -2.12 7.68
CA GLU A 100 13.42 -1.31 7.38
C GLU A 100 13.06 -0.23 6.39
N THR A 101 12.17 0.61 6.84
CA THR A 101 11.63 1.64 6.04
C THR A 101 12.64 2.76 5.85
N LEU A 102 12.75 3.24 4.64
CA LEU A 102 13.67 4.33 4.31
C LEU A 102 13.23 5.63 4.98
N PRO A 103 14.19 6.56 5.22
CA PRO A 103 13.91 7.87 5.83
C PRO A 103 12.77 8.61 5.13
N GLU A 104 11.89 9.16 5.92
CA GLU A 104 10.70 9.82 5.46
C GLU A 104 11.05 11.25 5.05
N PRO A 105 10.24 11.88 4.16
CA PRO A 105 10.45 13.30 3.78
C PRO A 105 10.40 14.21 5.02
N ASN A 106 9.29 14.13 5.75
CA ASN A 106 9.10 14.89 6.99
C ASN A 106 7.93 14.25 7.75
N SER A 107 7.60 13.05 7.30
CA SER A 107 6.42 12.33 7.74
C SER A 107 5.16 13.18 7.56
N GLN A 108 4.68 13.23 6.36
CA GLN A 108 3.52 14.04 6.07
C GLN A 108 2.25 13.24 6.32
N GLY A 109 2.22 12.01 5.80
CA GLY A 109 1.06 11.13 5.97
C GLY A 109 -0.18 11.66 5.29
N GLN A 110 0.00 12.62 4.44
CA GLN A 110 -1.06 13.23 3.73
C GLN A 110 -0.63 13.41 2.29
N ARG A 111 -1.54 13.36 1.37
CA ARG A 111 -1.21 13.69 0.02
C ARG A 111 -1.72 15.10 -0.22
N ASN A 112 -0.94 15.92 -0.82
CA ASN A 112 -1.38 17.25 -1.11
C ASN A 112 -1.05 17.57 -2.55
N ARG A 113 -1.94 18.28 -3.16
CA ARG A 113 -1.85 18.65 -4.56
C ARG A 113 -0.59 19.50 -4.81
N GLU A 114 -0.45 20.55 -3.99
CA GLU A 114 0.63 21.53 -4.13
C GLU A 114 0.45 22.63 -3.09
N LYS A 115 1.57 23.09 -2.53
CA LYS A 115 1.69 24.25 -1.56
C LYS A 115 0.77 24.16 -0.31
N THR A 116 0.11 23.01 -0.11
CA THR A 116 -0.82 22.83 1.01
C THR A 116 -2.05 23.78 0.81
N GLY A 117 -2.29 24.10 -0.43
CA GLY A 117 -3.40 24.91 -0.83
C GLY A 117 -3.83 24.49 -2.19
N GLU A 118 -4.40 23.30 -2.26
CA GLU A 118 -4.78 22.70 -3.54
C GLU A 118 -5.91 23.40 -4.28
N SER A 119 -6.28 22.81 -5.41
CA SER A 119 -7.32 23.31 -6.25
C SER A 119 -8.69 23.21 -5.55
N ASN A 120 -9.13 24.34 -5.00
CA ASN A 120 -10.42 24.48 -4.33
C ASN A 120 -10.60 25.93 -3.94
N CYS A 121 -11.77 26.45 -4.17
CA CYS A 121 -12.06 27.83 -3.84
C CYS A 121 -13.45 27.94 -3.27
N CYS A 122 -14.42 27.55 -4.05
CA CYS A 122 -15.80 27.59 -3.65
C CYS A 122 -16.56 26.54 -4.42
N VAL A 123 -17.17 25.61 -3.72
CA VAL A 123 -17.95 24.59 -4.37
C VAL A 123 -19.26 25.18 -4.93
N ILE A 124 -19.23 25.50 -6.20
CA ILE A 124 -20.35 26.07 -6.87
C ILE A 124 -21.03 25.01 -7.74
N LEU A 125 -22.21 24.64 -7.36
CA LEU A 125 -22.94 23.62 -8.05
C LEU A 125 -24.33 24.08 -8.50
#